data_5AN8
#
_entry.id   5AN8
#
_cell.length_a   1.000
_cell.length_b   1.000
_cell.length_c   1.000
_cell.angle_alpha   90.00
_cell.angle_beta   90.00
_cell.angle_gamma   90.00
#
_symmetry.space_group_name_H-M   'P 1'
#
_entity_poly.entity_id   1
_entity_poly.type   'polypeptide(L)'
_entity_poly.pdbx_seq_one_letter_code
;DRLFNVVARGNPEDLAGLLEYLRRTSKYLTDSEYTEGSTGKTCLMKAVLNLQDGVNACIQPLLEIDRDSGNPQPLVNAQC
TDEYYRGHSALHIAIEKRSLQCVKLLVENGANVHAKACGHFFQKNQDTCFYFGELPLSLAACTKQWDVVNYLLENPHPAA
SLQAQDSLGNTVLHALVMIADNSPENSALVVRMYDGLLQAGARLCPNVQLEGIPNLEGLTPLKLAAKEGKIEIFKHILQR
EFSAPCQSLSRKFTEWCYGPVRVSLYDLASVDSWEENSVLEIIAFHSRSPHRHRMVVLEPLNKLLQAKWDRLIPRFCFNF
LCYLVYMLIFTAVAYHQPALEKQGFPPLKATAGNSMLLLGHILILLGGVYLLLGQLWYFWRRRLFIWISFMDSYFEILFL
LQALLTVLSQVLCFLAIEWYLPLLVSSLVLGWLNLLYYTRGFQHTGIYSVMIQKVILRDLLRFLLVYLVFLFGFAVALVS
LSREAQEDEAPPYRSILDASLELFKFTIGMGELAFQEQLRFRGVVLLLLLAYVLLTYVLLLNMLIALMSETVNSVATDSW
SIWKLQKAISVLEMENGYWWCRRKKQRAGVMLTVGTRPDGSPDERWCFRVGEM
;
_entity_poly.pdbx_strand_id   A,B,C,D
#
# COMPACT_ATOMS: atom_id res chain seq x y z
N ASP A 1 16.43 52.81 -42.02
CA ASP A 1 17.68 53.42 -41.51
C ASP A 1 18.78 52.35 -41.33
N ARG A 2 20.02 52.79 -41.19
CA ARG A 2 21.16 51.91 -40.86
C ARG A 2 21.00 51.20 -39.53
N LEU A 3 20.65 51.96 -38.49
CA LEU A 3 20.35 51.44 -37.17
C LEU A 3 19.09 50.60 -37.20
N PHE A 4 18.14 50.99 -38.05
CA PHE A 4 16.92 50.23 -38.29
C PHE A 4 17.24 48.84 -38.82
N ASN A 5 18.19 48.77 -39.74
CA ASN A 5 18.73 47.50 -40.21
C ASN A 5 19.64 46.86 -39.16
N VAL A 6 20.12 47.65 -38.20
CA VAL A 6 20.90 47.15 -37.08
C VAL A 6 20.05 46.69 -35.91
N VAL A 7 18.72 46.78 -36.05
CA VAL A 7 17.78 46.17 -35.11
C VAL A 7 18.14 44.70 -34.90
N ALA A 8 18.39 44.01 -36.02
CA ALA A 8 19.11 42.73 -36.03
C ALA A 8 20.40 42.93 -36.84
N ARG A 9 21.54 43.01 -36.15
CA ARG A 9 22.84 43.17 -36.81
C ARG A 9 23.89 42.25 -36.20
N GLY A 10 24.27 42.51 -34.96
CA GLY A 10 25.45 41.92 -34.33
C GLY A 10 26.63 42.87 -34.43
N ASN A 11 26.60 43.82 -35.39
CA ASN A 11 27.55 44.91 -35.52
C ASN A 11 26.87 46.29 -35.32
N PRO A 12 26.80 46.78 -34.06
CA PRO A 12 26.23 48.11 -33.75
C PRO A 12 27.07 49.28 -34.28
N GLU A 13 28.34 49.04 -34.64
CA GLU A 13 29.19 50.05 -35.29
C GLU A 13 28.51 50.78 -36.45
N ASP A 14 27.65 50.05 -37.18
CA ASP A 14 26.77 50.62 -38.21
C ASP A 14 25.85 51.67 -37.63
N LEU A 15 25.18 51.29 -36.55
CA LEU A 15 24.31 52.20 -35.81
C LEU A 15 25.08 53.38 -35.20
N ALA A 16 26.39 53.23 -35.02
CA ALA A 16 27.28 54.35 -34.64
C ALA A 16 27.55 55.27 -35.81
N GLY A 17 27.74 54.67 -36.99
CA GLY A 17 27.84 55.43 -38.22
C GLY A 17 26.62 56.29 -38.47
N LEU A 18 25.43 55.76 -38.19
CA LEU A 18 24.18 56.54 -38.28
C LEU A 18 23.98 57.34 -37.00
N LEU A 19 24.71 57.02 -35.93
CA LEU A 19 24.76 57.86 -34.74
C LEU A 19 25.50 59.16 -35.01
N GLU A 20 26.32 59.17 -36.07
CA GLU A 20 26.82 60.42 -36.64
C GLU A 20 25.63 61.28 -37.09
N TYR A 21 24.67 60.66 -37.78
CA TYR A 21 23.37 61.31 -38.10
C TYR A 21 22.62 61.70 -36.83
N LEU A 22 22.75 60.90 -35.78
CA LEU A 22 22.22 61.27 -34.45
C LEU A 22 22.86 62.56 -33.95
N ARG A 23 24.15 62.72 -34.24
CA ARG A 23 24.89 63.97 -33.96
C ARG A 23 24.45 65.10 -34.90
N ARG A 24 23.99 64.73 -36.09
CA ARG A 24 23.56 65.69 -37.11
C ARG A 24 22.19 66.30 -36.80
N THR A 25 21.17 65.44 -36.81
CA THR A 25 19.80 65.83 -36.52
C THR A 25 19.69 66.34 -35.07
N SER A 26 18.69 67.20 -34.84
CA SER A 26 18.33 67.63 -33.51
C SER A 26 17.35 66.65 -32.86
N LYS A 27 16.94 65.61 -33.62
CA LYS A 27 16.08 64.53 -33.10
C LYS A 27 16.75 63.66 -32.04
N TYR A 28 16.16 63.66 -30.84
CA TYR A 28 16.64 62.89 -29.70
C TYR A 28 15.70 61.73 -29.42
N LEU A 29 16.27 60.63 -28.94
CA LEU A 29 15.56 59.38 -28.71
C LEU A 29 14.84 58.96 -30.00
N THR A 30 15.62 58.69 -31.04
CA THR A 30 15.11 58.27 -32.35
C THR A 30 14.89 56.75 -32.40
N ASP A 31 15.21 56.04 -31.30
CA ASP A 31 14.96 54.60 -31.16
C ASP A 31 13.49 54.23 -31.38
N SER A 32 12.60 55.13 -30.97
CA SER A 32 11.19 55.05 -31.32
C SER A 32 10.98 55.53 -32.76
N GLU A 33 11.65 56.65 -33.11
CA GLU A 33 11.57 57.25 -34.45
C GLU A 33 12.19 56.41 -35.56
N TYR A 34 12.91 55.35 -35.19
CA TYR A 34 13.32 54.33 -36.13
C TYR A 34 12.14 53.37 -36.39
N THR A 35 12.43 52.32 -37.15
CA THR A 35 11.47 51.24 -37.46
C THR A 35 10.93 50.51 -36.24
N GLU A 36 11.66 50.60 -35.13
CA GLU A 36 11.41 49.81 -33.95
C GLU A 36 10.00 49.99 -33.35
N GLY A 37 9.27 48.87 -33.24
CA GLY A 37 8.01 48.78 -32.51
C GLY A 37 8.22 48.03 -31.21
N SER A 38 7.16 47.42 -30.68
CA SER A 38 7.19 46.71 -29.37
C SER A 38 7.80 47.57 -28.28
N THR A 39 7.28 48.79 -28.13
CA THR A 39 7.79 49.82 -27.21
C THR A 39 9.14 50.43 -27.64
N GLY A 40 9.78 49.90 -28.69
CA GLY A 40 11.05 50.38 -29.17
C GLY A 40 12.30 49.85 -28.47
N LYS A 41 12.13 49.23 -27.30
CA LYS A 41 13.20 48.54 -26.54
C LYS A 41 13.87 47.42 -27.31
N THR A 42 13.23 47.05 -28.42
CA THR A 42 13.61 45.92 -29.22
C THR A 42 15.04 45.95 -29.72
N CYS A 43 15.66 47.13 -29.79
CA CYS A 43 17.08 47.21 -30.16
C CYS A 43 17.95 46.63 -29.04
N LEU A 44 17.76 47.18 -27.85
CA LEU A 44 18.46 46.71 -26.67
C LEU A 44 17.96 45.32 -26.29
N MET A 45 16.68 45.05 -26.54
CA MET A 45 16.10 43.72 -26.34
C MET A 45 16.72 42.72 -27.32
N LYS A 46 17.15 43.20 -28.49
CA LYS A 46 17.86 42.39 -29.47
C LYS A 46 19.27 42.13 -28.99
N ALA A 47 19.89 43.18 -28.47
CA ALA A 47 21.20 43.07 -27.84
C ALA A 47 21.17 41.94 -26.81
N VAL A 48 20.22 42.06 -25.89
CA VAL A 48 19.94 41.03 -24.87
C VAL A 48 19.75 39.66 -25.52
N LEU A 49 18.90 39.62 -26.53
CA LEU A 49 18.56 38.37 -27.23
C LEU A 49 19.77 37.70 -27.89
N ASN A 50 20.81 38.48 -28.18
CA ASN A 50 22.03 37.96 -28.82
C ASN A 50 22.90 37.12 -27.90
N LEU A 51 23.18 37.62 -26.69
CA LEU A 51 24.08 36.94 -25.73
C LEU A 51 25.45 36.64 -26.39
N GLN A 52 26.10 37.71 -26.88
CA GLN A 52 27.36 37.62 -27.65
C GLN A 52 28.56 37.34 -26.74
N ASP A 53 29.20 36.19 -26.93
CA ASP A 53 30.32 35.74 -26.10
C ASP A 53 29.90 35.54 -24.64
N GLY A 54 28.69 35.00 -24.43
CA GLY A 54 28.15 34.82 -23.09
C GLY A 54 27.82 36.12 -22.36
N VAL A 55 27.94 37.24 -23.08
CA VAL A 55 27.68 38.58 -22.57
C VAL A 55 27.07 39.36 -23.73
N ASN A 56 26.99 40.68 -23.62
CA ASN A 56 26.81 41.53 -24.80
C ASN A 56 27.96 42.51 -24.97
N ALA A 57 28.84 42.18 -25.92
CA ALA A 57 29.83 43.09 -26.44
C ALA A 57 29.17 43.91 -27.56
N CYS A 58 27.96 43.51 -27.98
CA CYS A 58 27.11 44.28 -28.88
C CYS A 58 26.47 45.48 -28.17
N ILE A 59 26.01 45.26 -26.93
CA ILE A 59 25.22 46.24 -26.20
C ILE A 59 26.07 47.44 -25.76
N GLN A 60 27.18 47.16 -25.08
CA GLN A 60 28.09 48.20 -24.55
C GLN A 60 28.32 49.39 -25.49
N PRO A 61 28.73 49.11 -26.75
CA PRO A 61 28.93 50.26 -27.65
C PRO A 61 27.65 50.98 -28.02
N LEU A 62 26.57 50.24 -28.27
CA LEU A 62 25.29 50.85 -28.62
C LEU A 62 24.68 51.56 -27.42
N LEU A 63 24.94 51.02 -26.24
CA LEU A 63 24.67 51.73 -25.00
C LEU A 63 25.37 53.09 -25.05
N GLU A 64 26.66 53.06 -25.38
CA GLU A 64 27.45 54.29 -25.51
C GLU A 64 26.87 55.23 -26.55
N ILE A 65 26.21 54.66 -27.56
CA ILE A 65 25.56 55.44 -28.60
C ILE A 65 24.35 56.20 -28.06
N ASP A 66 23.44 55.48 -27.42
CA ASP A 66 22.25 56.11 -26.81
C ASP A 66 22.68 57.13 -25.77
N ARG A 67 23.74 56.80 -25.03
CA ARG A 67 24.35 57.72 -24.07
C ARG A 67 24.77 59.01 -24.77
N ASP A 68 25.50 58.85 -25.87
CA ASP A 68 26.00 59.97 -26.68
C ASP A 68 24.87 60.81 -27.28
N SER A 69 23.72 60.17 -27.54
CA SER A 69 22.55 60.87 -28.05
C SER A 69 22.10 61.97 -27.10
N GLY A 70 22.32 61.78 -25.79
CA GLY A 70 21.88 62.73 -24.78
C GLY A 70 20.37 62.82 -24.76
N ASN A 71 19.69 61.72 -25.13
CA ASN A 71 18.23 61.71 -25.30
C ASN A 71 17.49 61.96 -23.97
N PRO A 72 16.28 62.60 -24.02
CA PRO A 72 15.42 62.82 -22.84
C PRO A 72 15.11 61.54 -22.06
N GLN A 73 14.67 60.51 -22.76
CA GLN A 73 14.49 59.18 -22.19
C GLN A 73 15.34 58.18 -22.96
N PRO A 74 16.34 57.56 -22.29
CA PRO A 74 17.06 56.46 -22.96
C PRO A 74 16.13 55.27 -23.19
N LEU A 75 16.63 54.24 -23.85
CA LEU A 75 15.79 53.12 -24.27
C LEU A 75 15.41 52.18 -23.09
N VAL A 76 16.05 52.34 -21.94
CA VAL A 76 15.69 51.60 -20.71
C VAL A 76 14.39 52.10 -20.10
N ASN A 77 14.08 53.39 -20.31
CA ASN A 77 12.81 53.96 -19.84
C ASN A 77 11.58 53.39 -20.57
N ALA A 78 11.82 52.63 -21.66
CA ALA A 78 10.75 51.91 -22.37
C ALA A 78 9.91 51.00 -21.46
N GLN A 79 8.61 50.98 -21.74
CA GLN A 79 7.60 50.25 -20.96
C GLN A 79 6.98 49.12 -21.81
N CYS A 80 7.19 47.85 -21.39
CA CYS A 80 6.58 46.69 -22.08
C CYS A 80 5.06 46.70 -21.92
N THR A 81 4.35 46.23 -22.94
CA THR A 81 2.90 46.41 -23.00
C THR A 81 2.14 45.51 -21.99
N ASP A 82 0.92 45.96 -21.66
CA ASP A 82 0.09 45.36 -20.62
C ASP A 82 -0.36 43.91 -20.84
N GLU A 83 -0.78 43.30 -19.73
CA GLU A 83 -1.39 41.96 -19.70
C GLU A 83 -0.42 40.77 -19.81
N TYR A 84 0.83 40.99 -20.26
CA TYR A 84 1.84 39.92 -20.32
C TYR A 84 3.08 40.26 -19.49
N TYR A 85 3.70 41.38 -19.82
CA TYR A 85 4.60 42.06 -18.91
C TYR A 85 4.37 43.54 -19.12
N ARG A 86 3.64 44.19 -18.20
CA ARG A 86 3.23 45.61 -18.34
C ARG A 86 4.32 46.56 -17.79
N GLY A 87 4.87 47.42 -18.66
CA GLY A 87 5.93 48.34 -18.31
C GLY A 87 7.25 47.66 -17.96
N HIS A 88 7.41 46.40 -18.39
CA HIS A 88 8.61 45.62 -18.08
C HIS A 88 9.81 46.21 -18.83
N SER A 89 10.84 46.58 -18.08
CA SER A 89 12.03 47.20 -18.65
C SER A 89 12.84 46.18 -19.45
N ALA A 90 13.61 46.68 -20.39
CA ALA A 90 14.65 45.89 -21.03
C ALA A 90 15.66 45.43 -19.99
N LEU A 91 15.80 46.22 -18.93
CA LEU A 91 16.57 45.85 -17.75
C LEU A 91 16.04 44.56 -17.14
N HIS A 92 14.74 44.56 -16.88
CA HIS A 92 14.03 43.37 -16.39
C HIS A 92 14.24 42.21 -17.33
N ILE A 93 14.15 42.49 -18.63
CA ILE A 93 14.45 41.49 -19.65
C ILE A 93 15.87 40.93 -19.49
N ALA A 94 16.81 41.81 -19.18
CA ALA A 94 18.20 41.43 -19.01
C ALA A 94 18.36 40.47 -17.88
N ILE A 95 17.76 40.82 -16.75
CA ILE A 95 17.75 39.95 -15.59
C ILE A 95 17.14 38.61 -15.93
N GLU A 96 16.05 38.68 -16.71
CA GLU A 96 15.36 37.48 -17.18
C GLU A 96 16.27 36.60 -18.01
N LYS A 97 17.18 37.25 -18.73
CA LYS A 97 18.16 36.59 -19.57
C LYS A 97 19.37 36.14 -18.78
N ARG A 98 19.45 36.59 -17.52
CA ARG A 98 20.50 36.21 -16.60
C ARG A 98 21.88 36.68 -17.12
N SER A 99 21.93 37.92 -17.63
CA SER A 99 23.20 38.56 -18.03
C SER A 99 23.67 39.55 -16.96
N LEU A 100 24.73 39.14 -16.25
CA LEU A 100 25.27 39.92 -15.14
C LEU A 100 25.94 41.20 -15.65
N GLN A 101 26.83 41.02 -16.62
CA GLN A 101 27.71 42.09 -17.08
C GLN A 101 26.93 43.27 -17.65
N CYS A 102 26.15 42.99 -18.68
CA CYS A 102 25.38 44.04 -19.38
C CYS A 102 24.35 44.69 -18.49
N VAL A 103 23.85 43.93 -17.51
CA VAL A 103 22.98 44.49 -16.48
C VAL A 103 23.76 45.50 -15.65
N LYS A 104 24.94 45.08 -15.21
CA LYS A 104 25.85 45.95 -14.47
C LYS A 104 26.16 47.20 -15.26
N LEU A 105 26.19 47.05 -16.58
CA LEU A 105 26.39 48.16 -17.48
C LEU A 105 25.18 49.06 -17.55
N LEU A 106 24.00 48.46 -17.64
CA LEU A 106 22.73 49.21 -17.70
C LEU A 106 22.61 50.09 -16.50
N VAL A 107 22.90 49.50 -15.36
CA VAL A 107 23.03 50.22 -14.12
C VAL A 107 24.07 51.31 -14.30
N GLU A 108 25.25 50.92 -14.79
CA GLU A 108 26.33 51.86 -15.08
C GLU A 108 25.89 52.89 -16.13
N ASN A 109 24.96 52.48 -16.99
CA ASN A 109 24.32 53.38 -17.93
C ASN A 109 23.35 54.31 -17.22
N GLY A 110 23.06 54.04 -15.95
CA GLY A 110 22.19 54.85 -15.15
C GLY A 110 20.76 54.38 -15.17
N ALA A 111 20.53 53.09 -15.49
CA ALA A 111 19.19 52.50 -15.42
C ALA A 111 18.67 52.50 -13.98
N ASN A 112 17.34 52.51 -13.80
CA ASN A 112 16.72 52.67 -12.47
C ASN A 112 15.99 51.42 -11.96
N VAL A 113 15.88 51.33 -10.63
CA VAL A 113 15.24 50.24 -9.94
C VAL A 113 13.71 50.32 -10.06
N HIS A 114 13.11 51.31 -9.39
CA HIS A 114 11.66 51.35 -9.17
C HIS A 114 10.86 51.23 -10.47
N ALA A 115 10.00 50.21 -10.55
CA ALA A 115 9.23 49.90 -11.78
C ALA A 115 8.01 49.00 -11.52
N LYS A 116 7.21 48.85 -12.57
CA LYS A 116 6.12 47.86 -12.61
C LYS A 116 6.34 46.96 -13.81
N ALA A 117 6.43 45.64 -13.57
CA ALA A 117 6.71 44.65 -14.61
C ALA A 117 5.45 43.99 -15.20
N CYS A 118 4.27 44.32 -14.66
CA CYS A 118 3.03 43.61 -14.98
C CYS A 118 1.81 44.36 -14.44
N CYS A 129 3.18 37.26 -16.95
CA CYS A 129 4.23 37.49 -15.96
C CYS A 129 4.24 36.43 -14.84
N PHE A 130 3.38 36.59 -13.84
CA PHE A 130 3.33 35.71 -12.68
C PHE A 130 4.62 35.64 -11.84
N TYR A 131 5.53 36.59 -12.06
CA TYR A 131 6.68 36.83 -11.21
C TYR A 131 6.74 38.35 -11.18
N PHE A 132 6.38 38.93 -10.04
CA PHE A 132 5.92 40.32 -10.05
C PHE A 132 7.06 41.31 -10.11
N GLY A 133 8.11 41.05 -9.33
CA GLY A 133 9.39 41.69 -9.50
C GLY A 133 9.37 43.20 -9.68
N GLU A 134 8.37 43.88 -9.11
CA GLU A 134 8.24 45.33 -9.28
C GLU A 134 9.51 46.05 -8.79
N LEU A 135 10.15 45.49 -7.76
CA LEU A 135 11.55 45.80 -7.48
C LEU A 135 12.43 44.80 -8.20
N PRO A 136 13.16 45.26 -9.22
CA PRO A 136 14.09 44.42 -9.97
C PRO A 136 14.98 43.54 -9.10
N LEU A 137 15.32 44.04 -7.90
CA LEU A 137 15.97 43.24 -6.87
C LEU A 137 15.22 41.94 -6.65
N SER A 138 13.92 42.08 -6.46
CA SER A 138 13.07 40.94 -6.24
C SER A 138 13.08 40.03 -7.45
N LEU A 139 13.13 40.63 -8.63
CA LEU A 139 13.24 39.84 -9.86
C LEU A 139 14.48 38.95 -9.82
N ALA A 140 15.59 39.56 -9.42
CA ALA A 140 16.86 38.88 -9.27
C ALA A 140 16.75 37.71 -8.31
N ALA A 141 16.07 37.98 -7.22
CA ALA A 141 15.80 36.97 -6.20
C ALA A 141 15.02 35.82 -6.78
N CYS A 142 14.00 36.16 -7.57
CA CYS A 142 13.22 35.17 -8.27
C CYS A 142 14.07 34.32 -9.21
N THR A 143 15.11 34.93 -9.77
CA THR A 143 16.05 34.23 -10.62
C THR A 143 17.12 33.48 -9.83
N LYS A 144 17.20 33.77 -8.53
CA LYS A 144 18.09 33.06 -7.61
C LYS A 144 19.57 33.28 -7.96
N GLN A 145 19.98 34.54 -8.12
CA GLN A 145 21.39 34.88 -8.35
C GLN A 145 21.89 35.86 -7.27
N TRP A 146 22.87 35.45 -6.48
CA TRP A 146 23.43 36.30 -5.41
C TRP A 146 24.20 37.47 -6.01
N ASP A 147 25.14 37.11 -6.88
CA ASP A 147 26.08 38.04 -7.50
C ASP A 147 25.42 39.35 -7.93
N VAL A 148 24.25 39.21 -8.53
CA VAL A 148 23.51 40.34 -9.03
C VAL A 148 22.88 41.16 -7.91
N VAL A 149 22.46 40.49 -6.85
CA VAL A 149 21.84 41.20 -5.75
C VAL A 149 22.88 41.98 -4.98
N ASN A 150 24.05 41.36 -4.85
CA ASN A 150 25.19 42.03 -4.26
C ASN A 150 25.62 43.15 -5.19
N TYR A 151 25.42 42.94 -6.49
CA TYR A 151 25.70 43.96 -7.51
C TYR A 151 24.81 45.16 -7.39
N LEU A 152 23.57 44.92 -6.98
CA LEU A 152 22.64 46.00 -6.68
C LEU A 152 23.12 46.69 -5.45
N LEU A 153 23.47 45.87 -4.45
CA LEU A 153 24.01 46.36 -3.20
C LEU A 153 25.14 47.37 -3.47
N GLU A 154 26.03 46.96 -4.35
CA GLU A 154 27.17 47.78 -4.76
C GLU A 154 26.80 48.68 -5.92
N ASN A 155 26.44 48.03 -7.01
CA ASN A 155 26.13 48.72 -8.25
C ASN A 155 24.85 49.60 -8.19
N PRO A 156 24.87 50.79 -8.84
CA PRO A 156 26.13 51.29 -9.44
C PRO A 156 27.07 51.55 -8.26
N HIS A 157 26.52 52.25 -7.31
CA HIS A 157 27.11 52.64 -6.07
C HIS A 157 25.95 52.39 -5.11
N PRO A 158 24.70 52.96 -5.39
CA PRO A 158 23.71 52.69 -4.36
C PRO A 158 23.11 51.29 -4.48
N ALA A 159 22.28 50.96 -3.51
CA ALA A 159 21.52 49.72 -3.54
C ALA A 159 20.08 50.11 -3.77
N ALA A 160 19.25 49.08 -3.90
CA ALA A 160 17.80 49.22 -3.85
C ALA A 160 17.36 48.95 -2.43
N SER A 161 16.94 50.00 -1.71
CA SER A 161 16.47 49.85 -0.32
C SER A 161 15.36 48.81 -0.27
N LEU A 162 15.55 47.80 0.56
CA LEU A 162 14.54 46.76 0.69
C LEU A 162 13.28 47.36 1.29
N GLN A 163 13.48 48.40 2.12
CA GLN A 163 12.41 49.19 2.71
C GLN A 163 11.39 49.69 1.68
N ALA A 164 11.81 49.82 0.42
CA ALA A 164 10.88 50.12 -0.66
C ALA A 164 9.92 48.97 -0.94
N GLN A 165 8.66 49.32 -1.19
CA GLN A 165 7.58 48.39 -1.50
C GLN A 165 6.96 48.73 -2.87
N ASP A 166 6.20 47.78 -3.42
CA ASP A 166 5.60 47.92 -4.76
C ASP A 166 4.16 48.46 -4.66
N SER A 167 3.46 48.51 -5.80
CA SER A 167 2.05 48.95 -5.84
C SER A 167 1.11 48.02 -5.06
N LEU A 168 1.43 46.73 -5.07
CA LEU A 168 0.70 45.76 -4.22
C LEU A 168 1.09 45.96 -2.77
N GLY A 169 2.09 46.81 -2.51
CA GLY A 169 2.60 47.05 -1.19
C GLY A 169 3.57 45.93 -0.82
N ASN A 170 3.59 44.84 -1.60
CA ASN A 170 4.32 43.64 -1.23
C ASN A 170 5.83 43.89 -1.34
N THR A 171 6.51 43.81 -0.20
CA THR A 171 7.94 44.00 -0.14
C THR A 171 8.57 42.74 -0.70
N VAL A 172 9.83 42.87 -1.13
CA VAL A 172 10.62 41.75 -1.66
C VAL A 172 10.39 40.44 -0.93
N LEU A 173 10.40 40.50 0.39
CA LEU A 173 10.18 39.32 1.19
C LEU A 173 8.81 38.76 0.86
N HIS A 174 7.81 39.61 0.98
CA HIS A 174 6.44 39.25 0.66
C HIS A 174 6.37 38.59 -0.69
N ALA A 175 7.13 39.15 -1.62
CA ALA A 175 7.20 38.59 -2.95
C ALA A 175 7.74 37.17 -2.96
N LEU A 176 8.88 36.99 -2.30
CA LEU A 176 9.48 35.67 -2.18
C LEU A 176 8.45 34.66 -1.72
N VAL A 177 7.75 35.04 -0.66
CA VAL A 177 6.77 34.18 -0.07
C VAL A 177 5.66 33.90 -1.07
N MET A 178 5.26 34.92 -1.82
CA MET A 178 4.23 34.75 -2.82
C MET A 178 4.62 33.61 -3.74
N ILE A 179 5.81 33.75 -4.32
CA ILE A 179 6.25 32.79 -5.28
C ILE A 179 6.69 31.51 -4.64
N ALA A 180 6.94 31.56 -3.33
CA ALA A 180 7.30 30.36 -2.62
C ALA A 180 6.32 29.22 -2.93
N ASP A 181 6.86 28.11 -3.41
CA ASP A 181 6.05 27.03 -3.95
C ASP A 181 6.18 25.82 -3.03
N ASN A 182 5.41 24.77 -3.31
CA ASN A 182 5.59 23.48 -2.66
C ASN A 182 6.94 22.82 -2.98
N SER A 183 7.36 22.91 -4.25
CA SER A 183 8.55 22.20 -4.75
C SER A 183 9.76 22.47 -3.87
N PRO A 184 10.15 21.47 -3.06
CA PRO A 184 11.17 21.63 -2.02
C PRO A 184 12.57 21.98 -2.55
N GLU A 185 12.85 21.66 -3.82
CA GLU A 185 14.05 22.17 -4.48
C GLU A 185 13.98 23.71 -4.51
N ASN A 186 13.03 24.21 -5.30
CA ASN A 186 12.78 25.64 -5.43
C ASN A 186 12.57 26.28 -4.06
N SER A 187 11.77 25.61 -3.24
CA SER A 187 11.53 26.08 -1.88
C SER A 187 12.82 26.25 -1.09
N ALA A 188 13.73 25.29 -1.24
CA ALA A 188 15.00 25.30 -0.52
C ALA A 188 15.85 26.48 -0.92
N LEU A 189 16.03 26.65 -2.22
CA LEU A 189 16.83 27.77 -2.72
C LEU A 189 16.24 29.09 -2.27
N VAL A 190 14.91 29.15 -2.29
CA VAL A 190 14.20 30.31 -1.82
C VAL A 190 14.53 30.55 -0.37
N VAL A 191 14.56 29.51 0.44
CA VAL A 191 14.90 29.65 1.85
C VAL A 191 16.28 30.29 1.98
N ARG A 192 17.23 29.68 1.27
CA ARG A 192 18.63 30.09 1.30
C ARG A 192 18.75 31.58 1.03
N MET A 193 18.14 32.00 -0.08
CA MET A 193 18.17 33.40 -0.50
C MET A 193 17.37 34.28 0.42
N TYR A 194 16.33 33.73 1.04
CA TYR A 194 15.51 34.48 1.95
C TYR A 194 16.31 34.91 3.17
N ASP A 195 16.86 33.93 3.84
CA ASP A 195 17.66 34.17 5.05
C ASP A 195 18.90 35.00 4.69
N GLY A 196 19.47 34.69 3.52
CA GLY A 196 20.61 35.40 3.00
C GLY A 196 20.34 36.87 2.83
N LEU A 197 19.19 37.20 2.24
CA LEU A 197 18.79 38.59 2.04
C LEU A 197 18.46 39.24 3.37
N LEU A 198 17.92 38.43 4.28
CA LEU A 198 17.60 38.88 5.62
C LEU A 198 18.86 39.42 6.28
N GLN A 199 19.87 38.56 6.36
CA GLN A 199 21.17 38.90 6.96
C GLN A 199 21.87 39.97 6.17
N ALA A 200 21.64 39.99 4.86
CA ALA A 200 22.21 41.00 3.99
C ALA A 200 21.76 42.38 4.41
N GLY A 201 20.46 42.64 4.27
CA GLY A 201 19.88 43.92 4.65
C GLY A 201 20.14 44.23 6.10
N ALA A 202 20.13 43.19 6.92
CA ALA A 202 20.46 43.33 8.34
C ALA A 202 21.92 43.71 8.58
N ARG A 203 22.79 43.41 7.62
CA ARG A 203 24.18 43.80 7.68
C ARG A 203 24.43 45.12 6.99
N LEU A 204 23.41 45.63 6.29
CA LEU A 204 23.57 46.79 5.45
C LEU A 204 22.70 47.97 5.90
N CYS A 205 21.40 47.77 6.08
CA CYS A 205 20.51 48.81 6.65
C CYS A 205 21.12 49.57 7.83
N PRO A 206 21.82 48.88 8.75
CA PRO A 206 21.63 47.46 9.14
C PRO A 206 20.41 47.35 10.04
N ASN A 207 20.13 48.45 10.77
CA ASN A 207 19.06 48.51 11.77
C ASN A 207 17.81 49.29 11.29
N VAL A 208 16.75 48.53 11.06
CA VAL A 208 15.40 49.01 10.71
C VAL A 208 14.55 47.72 10.67
N GLN A 209 13.22 47.79 10.68
CA GLN A 209 12.39 46.58 10.59
C GLN A 209 12.33 46.12 9.15
N LEU A 210 13.06 45.04 8.85
CA LEU A 210 13.06 44.43 7.53
C LEU A 210 11.79 43.61 7.33
N GLU A 211 11.27 43.04 8.42
CA GLU A 211 10.00 42.33 8.40
C GLU A 211 9.01 43.14 9.22
N GLY A 212 7.73 42.93 8.94
CA GLY A 212 6.66 43.63 9.64
C GLY A 212 6.04 44.75 8.83
N ILE A 213 6.39 44.85 7.56
CA ILE A 213 5.79 45.85 6.73
C ILE A 213 4.50 45.30 6.13
N PRO A 214 3.36 45.94 6.44
CA PRO A 214 2.05 45.54 5.94
C PRO A 214 1.96 45.42 4.41
N ASN A 215 1.47 44.30 3.89
CA ASN A 215 1.15 44.13 2.49
C ASN A 215 -0.10 44.89 2.10
N LEU A 216 -0.61 44.62 0.91
CA LEU A 216 -1.86 45.21 0.42
C LEU A 216 -2.94 45.16 1.51
N GLU A 217 -3.43 43.95 1.79
CA GLU A 217 -4.05 43.65 3.07
C GLU A 217 -2.87 43.59 4.01
N GLY A 218 -2.89 44.40 5.08
CA GLY A 218 -1.75 44.52 5.95
C GLY A 218 -1.31 43.16 6.45
N LEU A 219 -0.07 42.80 6.17
CA LEU A 219 0.48 41.50 6.49
C LEU A 219 1.99 41.55 6.70
N THR A 220 2.44 40.88 7.76
CA THR A 220 3.82 40.50 7.85
C THR A 220 4.01 39.49 6.74
N PRO A 221 5.22 39.39 6.22
CA PRO A 221 5.51 38.35 5.24
C PRO A 221 5.19 36.94 5.72
N LEU A 222 5.28 36.73 7.02
CA LEU A 222 4.86 35.50 7.64
C LEU A 222 3.33 35.36 7.59
N LYS A 223 2.65 36.41 8.01
CA LYS A 223 1.21 36.47 7.91
C LYS A 223 0.79 36.19 6.46
N LEU A 224 1.47 36.88 5.55
CA LEU A 224 1.29 36.65 4.12
C LEU A 224 1.49 35.19 3.76
N ALA A 225 2.41 34.52 4.44
CA ALA A 225 2.64 33.11 4.19
C ALA A 225 1.39 32.33 4.49
N ALA A 226 0.83 32.66 5.63
CA ALA A 226 -0.35 31.99 6.10
C ALA A 226 -1.46 32.12 5.08
N LYS A 227 -1.90 33.35 4.84
CA LYS A 227 -3.04 33.63 3.97
C LYS A 227 -2.86 33.02 2.61
N GLU A 228 -1.64 33.11 2.09
CA GLU A 228 -1.31 32.51 0.80
C GLU A 228 -1.22 30.99 0.87
N GLY A 229 -1.26 30.43 2.08
CA GLY A 229 -1.17 29.01 2.26
C GLY A 229 0.22 28.51 1.96
N LYS A 230 1.23 29.28 2.36
CA LYS A 230 2.64 28.87 2.21
C LYS A 230 2.98 27.85 3.29
N ILE A 231 3.97 26.99 3.04
CA ILE A 231 4.15 25.80 3.90
C ILE A 231 5.57 25.56 4.41
N GLU A 232 6.49 25.31 3.50
CA GLU A 232 7.82 24.81 3.86
C GLU A 232 8.58 25.96 4.45
N ILE A 233 8.49 27.09 3.76
CA ILE A 233 9.14 28.29 4.21
C ILE A 233 8.49 28.83 5.46
N PHE A 234 7.24 28.47 5.70
CA PHE A 234 6.59 28.79 6.96
C PHE A 234 7.30 28.02 8.06
N LYS A 235 7.55 26.75 7.81
CA LYS A 235 8.34 25.94 8.76
C LYS A 235 9.66 26.64 9.06
N HIS A 236 10.37 26.98 7.96
CA HIS A 236 11.68 27.64 8.05
C HIS A 236 11.60 28.93 8.84
N ILE A 237 10.83 29.89 8.34
CA ILE A 237 10.70 31.21 8.99
C ILE A 237 10.32 31.12 10.43
N LEU A 238 9.59 30.05 10.76
CA LEU A 238 9.21 29.84 12.10
C LEU A 238 10.38 29.38 12.98
N GLN A 239 10.93 28.22 12.65
CA GLN A 239 12.09 27.67 13.34
C GLN A 239 13.35 28.10 12.60
N ARG A 240 14.11 29.09 13.12
CA ARG A 240 15.32 29.58 12.43
C ARG A 240 16.55 29.53 13.32
N GLU A 241 17.71 29.55 12.68
CA GLU A 241 19.00 29.72 13.35
C GLU A 241 19.81 30.78 12.58
N PHE A 242 20.13 31.86 13.28
CA PHE A 242 20.95 32.92 12.73
C PHE A 242 22.12 33.15 13.68
N SER A 243 21.86 33.70 14.87
CA SER A 243 22.92 33.92 15.85
C SER A 243 24.00 34.92 15.34
N ALA A 244 25.26 34.48 15.22
CA ALA A 244 26.37 35.35 14.80
C ALA A 244 26.23 35.92 13.34
N PRO A 245 26.86 37.06 13.00
CA PRO A 245 27.51 37.99 13.96
C PRO A 245 26.50 38.75 14.84
N CYS A 246 25.65 39.54 14.19
CA CYS A 246 24.55 40.26 14.82
C CYS A 246 23.25 39.55 14.51
N GLN A 247 23.31 38.44 13.74
CA GLN A 247 22.12 37.78 13.21
C GLN A 247 21.18 37.33 14.34
N SER A 248 21.72 37.23 15.56
CA SER A 248 20.95 37.03 16.75
C SER A 248 20.14 38.29 17.13
N LEU A 249 20.38 39.45 16.54
CA LEU A 249 19.50 40.59 16.71
C LEU A 249 18.20 40.35 15.95
N SER A 250 18.30 39.64 14.82
CA SER A 250 17.13 39.14 14.10
C SER A 250 16.51 38.02 14.92
N ARG A 251 17.38 37.30 15.64
CA ARG A 251 16.99 36.36 16.70
C ARG A 251 16.60 35.04 16.14
N LYS A 252 16.36 34.94 14.83
CA LYS A 252 15.92 33.71 14.20
C LYS A 252 14.74 32.97 14.89
N PHE A 253 13.99 33.69 15.73
CA PHE A 253 12.92 33.12 16.54
C PHE A 253 13.31 32.00 17.49
N THR A 254 14.58 31.94 17.88
CA THR A 254 15.05 30.84 18.71
C THR A 254 16.07 31.26 19.75
N GLU A 255 16.16 30.40 20.75
CA GLU A 255 17.19 30.46 21.74
C GLU A 255 17.35 29.04 22.30
N TRP A 256 18.28 28.89 23.22
CA TRP A 256 18.52 27.61 23.90
C TRP A 256 19.21 27.86 25.23
N CYS A 257 18.95 27.01 26.23
CA CYS A 257 19.68 27.05 27.50
C CYS A 257 19.33 25.86 28.39
N TYR A 258 20.15 25.65 29.42
CA TYR A 258 19.92 24.69 30.51
C TYR A 258 19.39 23.32 30.09
N GLY A 259 20.08 22.72 29.12
CA GLY A 259 19.77 21.38 28.69
C GLY A 259 20.98 20.64 28.13
N PRO A 260 21.08 19.34 28.40
CA PRO A 260 22.03 18.47 27.71
C PRO A 260 21.69 18.38 26.22
N VAL A 261 20.40 18.29 25.91
CA VAL A 261 19.90 18.40 24.52
C VAL A 261 18.85 19.54 24.41
N ARG A 262 19.30 20.74 24.02
CA ARG A 262 18.49 21.82 23.49
C ARG A 262 17.14 22.06 24.21
N VAL A 263 17.16 22.59 25.44
CA VAL A 263 15.91 23.07 26.09
C VAL A 263 15.72 24.54 25.70
N SER A 264 14.78 24.80 24.78
CA SER A 264 14.77 26.00 23.95
C SER A 264 13.62 26.96 24.26
N LEU A 265 13.87 28.25 24.01
CA LEU A 265 12.85 29.30 24.16
C LEU A 265 12.41 29.79 22.76
N TYR A 266 11.10 30.00 22.59
CA TYR A 266 10.52 30.54 21.35
C TYR A 266 9.93 31.92 21.51
N ASP A 267 10.07 32.71 20.46
CA ASP A 267 9.55 34.07 20.42
C ASP A 267 8.20 34.03 19.76
N LEU A 268 7.16 34.18 20.58
CA LEU A 268 5.80 34.28 20.09
C LEU A 268 5.54 35.77 19.92
N ALA A 269 5.60 36.28 18.69
CA ALA A 269 5.47 37.71 18.43
C ALA A 269 4.18 38.01 17.69
N SER A 270 4.16 37.69 16.41
CA SER A 270 2.95 37.78 15.62
C SER A 270 2.08 36.54 15.84
N VAL A 271 2.61 35.51 16.53
CA VAL A 271 1.88 34.31 16.86
C VAL A 271 1.13 34.42 18.20
N ASP A 272 1.19 35.59 18.85
CA ASP A 272 0.84 35.70 20.29
C ASP A 272 -0.60 35.38 20.66
N SER A 273 -1.44 35.14 19.66
CA SER A 273 -2.77 34.61 19.84
C SER A 273 -3.79 35.58 20.49
N TRP A 274 -3.35 36.77 20.92
CA TRP A 274 -4.27 37.81 21.40
C TRP A 274 -4.10 39.10 20.60
N GLU A 275 -2.88 39.63 20.58
CA GLU A 275 -2.61 40.93 20.01
C GLU A 275 -3.08 40.95 18.55
N GLU A 276 -4.00 41.88 18.23
CA GLU A 276 -4.53 42.06 16.88
C GLU A 276 -5.01 40.74 16.30
N ASN A 277 -4.60 40.42 15.07
CA ASN A 277 -4.88 39.12 14.46
C ASN A 277 -3.59 38.29 14.32
N SER A 278 -3.46 37.29 15.19
CA SER A 278 -2.27 36.45 15.26
C SER A 278 -2.15 35.56 14.04
N VAL A 279 -0.96 35.04 13.82
CA VAL A 279 -0.73 33.99 12.82
C VAL A 279 -1.79 32.90 12.97
N LEU A 280 -2.04 32.49 14.22
CA LEU A 280 -3.10 31.55 14.51
C LEU A 280 -4.42 32.12 14.03
N GLU A 281 -4.74 33.32 14.47
CA GLU A 281 -6.00 33.95 14.09
C GLU A 281 -6.19 34.07 12.60
N ILE A 282 -5.07 34.16 11.86
CA ILE A 282 -5.11 34.22 10.41
C ILE A 282 -5.46 32.87 9.89
N ILE A 283 -4.59 31.90 10.15
CA ILE A 283 -4.74 30.57 9.59
C ILE A 283 -6.08 29.95 9.88
N ALA A 284 -6.60 30.29 11.06
CA ALA A 284 -7.87 29.79 11.52
C ALA A 284 -9.01 30.11 10.60
N PHE A 285 -9.18 31.37 10.27
CA PHE A 285 -10.37 31.80 9.54
C PHE A 285 -9.99 32.41 8.23
N HIS A 286 -9.38 33.60 8.27
CA HIS A 286 -9.08 34.41 7.10
C HIS A 286 -8.42 33.60 5.97
N SER A 287 -7.57 32.64 6.37
CA SER A 287 -6.79 31.87 5.41
C SER A 287 -7.64 31.07 4.47
N ARG A 288 -7.49 31.31 3.16
CA ARG A 288 -7.93 30.34 2.16
C ARG A 288 -6.89 29.25 2.17
N SER A 289 -7.25 28.06 1.72
CA SER A 289 -6.32 26.97 1.83
C SER A 289 -6.68 25.75 1.01
N PRO A 290 -5.71 25.22 0.25
CA PRO A 290 -5.86 23.86 -0.28
C PRO A 290 -5.90 22.90 0.88
N HIS A 291 -4.90 23.01 1.74
CA HIS A 291 -4.80 22.20 2.94
C HIS A 291 -4.13 22.97 4.05
N ARG A 292 -4.93 23.39 5.01
CA ARG A 292 -4.47 24.07 6.22
C ARG A 292 -4.16 23.05 7.31
N HIS A 293 -4.69 21.84 7.12
CA HIS A 293 -4.59 20.77 8.11
C HIS A 293 -3.17 20.47 8.50
N ARG A 294 -2.24 20.81 7.62
CA ARG A 294 -0.83 20.60 7.87
C ARG A 294 -0.26 21.61 8.84
N MET A 295 -0.62 22.86 8.66
CA MET A 295 0.14 23.94 9.27
C MET A 295 0.07 23.97 10.77
N VAL A 296 -1.09 23.70 11.34
CA VAL A 296 -1.17 23.66 12.81
C VAL A 296 -0.34 22.54 13.45
N VAL A 297 0.07 21.55 12.65
CA VAL A 297 0.95 20.48 13.11
C VAL A 297 2.36 20.95 13.45
N LEU A 298 2.73 22.17 13.04
CA LEU A 298 4.03 22.73 13.36
C LEU A 298 4.23 22.84 14.86
N GLU A 299 5.43 22.47 15.29
CA GLU A 299 5.75 22.31 16.70
C GLU A 299 5.50 23.57 17.57
N PRO A 300 6.12 24.71 17.18
CA PRO A 300 5.97 25.91 18.03
C PRO A 300 4.54 26.34 18.17
N LEU A 301 3.66 25.82 17.31
CA LEU A 301 2.23 26.00 17.44
C LEU A 301 1.64 25.00 18.43
N ASN A 302 1.63 23.73 18.05
CA ASN A 302 0.86 22.74 18.79
C ASN A 302 1.27 22.61 20.24
N LYS A 303 2.52 22.93 20.55
CA LYS A 303 2.90 23.05 21.95
C LYS A 303 2.03 24.10 22.60
N LEU A 304 2.02 25.30 22.01
CA LEU A 304 1.19 26.39 22.51
C LEU A 304 -0.26 25.99 22.58
N LEU A 305 -0.75 25.40 21.50
CA LEU A 305 -2.14 25.00 21.41
C LEU A 305 -2.51 24.09 22.55
N GLN A 306 -1.85 22.94 22.60
CA GLN A 306 -2.13 21.97 23.64
C GLN A 306 -2.10 22.60 25.02
N ALA A 307 -1.12 23.47 25.22
CA ALA A 307 -1.05 24.21 26.46
C ALA A 307 -2.33 24.97 26.71
N LYS A 308 -2.72 25.78 25.73
CA LYS A 308 -3.94 26.58 25.81
C LYS A 308 -5.17 25.73 26.08
N TRP A 309 -5.13 24.52 25.56
CA TRP A 309 -6.22 23.59 25.74
C TRP A 309 -6.32 23.16 27.19
N ASP A 310 -5.22 22.58 27.68
CA ASP A 310 -5.07 22.16 29.08
C ASP A 310 -5.59 23.27 29.97
N ARG A 311 -5.10 24.47 29.66
CA ARG A 311 -5.56 25.68 30.25
C ARG A 311 -7.09 25.86 30.17
N LEU A 312 -7.68 25.54 29.02
CA LEU A 312 -9.08 25.92 28.72
C LEU A 312 -10.18 24.92 29.05
N ILE A 313 -9.86 23.67 29.41
CA ILE A 313 -10.92 22.64 29.45
C ILE A 313 -12.12 22.92 30.34
N PRO A 314 -11.91 23.21 31.63
CA PRO A 314 -13.06 23.19 32.54
C PRO A 314 -14.23 24.05 32.07
N ARG A 315 -13.91 25.19 31.48
CA ARG A 315 -14.95 26.04 30.91
C ARG A 315 -15.67 25.30 29.78
N PHE A 316 -14.91 24.59 28.96
CA PHE A 316 -15.45 23.81 27.85
C PHE A 316 -16.43 22.79 28.33
N CYS A 317 -15.95 21.90 29.19
CA CYS A 317 -16.82 20.83 29.66
C CYS A 317 -18.03 21.38 30.42
N PHE A 318 -17.83 22.50 31.13
CA PHE A 318 -18.97 23.19 31.71
C PHE A 318 -20.00 23.55 30.65
N ASN A 319 -19.54 24.24 29.61
CA ASN A 319 -20.47 24.73 28.60
C ASN A 319 -21.26 23.57 28.05
N PHE A 320 -20.51 22.51 27.75
CA PHE A 320 -21.10 21.26 27.35
C PHE A 320 -22.24 20.83 28.25
N LEU A 321 -21.93 20.79 29.53
CA LEU A 321 -22.87 20.30 30.52
C LEU A 321 -24.14 21.14 30.50
N CYS A 322 -23.95 22.45 30.42
CA CYS A 322 -25.08 23.35 30.32
C CYS A 322 -25.97 22.94 29.18
N TYR A 323 -25.34 22.77 28.03
CA TYR A 323 -26.07 22.44 26.82
C TYR A 323 -26.92 21.20 27.03
N LEU A 324 -26.26 20.23 27.64
CA LEU A 324 -26.87 18.93 27.89
C LEU A 324 -28.12 19.11 28.73
N VAL A 325 -27.96 19.83 29.82
CA VAL A 325 -29.08 20.16 30.69
C VAL A 325 -30.23 20.72 29.88
N TYR A 326 -29.88 21.68 29.04
CA TYR A 326 -30.87 22.34 28.25
C TYR A 326 -31.65 21.34 27.46
N MET A 327 -30.96 20.42 26.82
CA MET A 327 -31.61 19.36 26.06
C MET A 327 -32.58 18.58 26.88
N LEU A 328 -32.11 18.13 28.04
CA LEU A 328 -32.98 17.39 28.96
C LEU A 328 -34.31 18.09 29.14
N ILE A 329 -34.19 19.37 29.43
CA ILE A 329 -35.34 20.21 29.65
C ILE A 329 -36.24 20.22 28.43
N PHE A 330 -35.61 20.43 27.29
CA PHE A 330 -36.33 20.56 26.03
C PHE A 330 -37.18 19.31 25.85
N THR A 331 -36.52 18.18 26.03
CA THR A 331 -37.09 16.86 25.88
C THR A 331 -38.32 16.69 26.75
N ALA A 332 -38.14 16.90 28.04
CA ALA A 332 -39.23 16.77 29.00
C ALA A 332 -40.39 17.65 28.59
N VAL A 333 -40.07 18.92 28.34
CA VAL A 333 -41.06 19.91 27.88
C VAL A 333 -41.89 19.39 26.74
N ALA A 334 -41.25 18.64 25.86
CA ALA A 334 -41.93 18.03 24.74
C ALA A 334 -42.78 16.83 25.14
N TYR A 335 -42.13 15.84 25.73
CA TYR A 335 -42.76 14.56 26.09
C TYR A 335 -43.95 14.75 27.03
N HIS A 336 -43.73 15.34 28.20
CA HIS A 336 -44.83 15.60 29.14
C HIS A 336 -45.82 16.64 28.65
N GLN A 337 -45.52 17.35 27.57
CA GLN A 337 -46.50 18.23 26.97
C GLN A 337 -47.71 17.44 26.50
N PRO A 338 -48.90 17.78 27.03
CA PRO A 338 -50.12 17.11 26.62
C PRO A 338 -50.63 17.55 25.23
N ALA A 339 -51.83 17.09 24.88
CA ALA A 339 -52.55 17.51 23.67
C ALA A 339 -53.02 18.98 23.67
N LEU A 340 -52.84 19.69 24.79
CA LEU A 340 -53.06 21.14 24.84
C LEU A 340 -52.02 21.88 23.96
N ALA A 352 -44.68 21.20 39.77
CA ALA A 352 -45.01 20.76 38.41
C ALA A 352 -46.23 21.54 37.84
N GLY A 353 -47.19 20.84 37.23
CA GLY A 353 -48.44 21.44 36.83
C GLY A 353 -48.30 22.46 35.72
N ASN A 354 -49.40 23.19 35.49
CA ASN A 354 -49.45 24.25 34.48
C ASN A 354 -48.37 25.33 34.73
N SER A 355 -48.05 25.53 36.01
CA SER A 355 -46.99 26.44 36.41
C SER A 355 -45.66 26.03 35.79
N MET A 356 -45.21 24.83 36.13
CA MET A 356 -43.93 24.34 35.62
C MET A 356 -43.99 24.10 34.12
N LEU A 357 -45.21 23.98 33.57
CA LEU A 357 -45.43 23.91 32.13
C LEU A 357 -45.01 25.20 31.47
N LEU A 358 -45.63 26.30 31.94
CA LEU A 358 -45.27 27.63 31.47
C LEU A 358 -43.79 27.87 31.69
N LEU A 359 -43.27 27.39 32.83
CA LEU A 359 -41.83 27.42 33.11
C LEU A 359 -41.04 26.75 32.03
N GLY A 360 -41.52 25.58 31.61
CA GLY A 360 -40.86 24.83 30.57
C GLY A 360 -40.73 25.68 29.33
N HIS A 361 -41.87 26.10 28.82
CA HIS A 361 -41.90 26.87 27.59
C HIS A 361 -41.02 28.10 27.66
N ILE A 362 -41.10 28.81 28.78
CA ILE A 362 -40.34 30.02 28.94
C ILE A 362 -38.85 29.72 28.92
N LEU A 363 -38.46 28.72 29.71
CA LEU A 363 -37.07 28.30 29.76
C LEU A 363 -36.53 27.99 28.37
N ILE A 364 -37.32 27.26 27.61
CA ILE A 364 -37.01 27.00 26.21
C ILE A 364 -36.74 28.30 25.50
N LEU A 365 -37.68 29.23 25.62
CA LEU A 365 -37.57 30.50 24.95
C LEU A 365 -36.29 31.24 25.29
N LEU A 366 -35.91 31.16 26.57
CA LEU A 366 -34.68 31.76 27.06
C LEU A 366 -33.43 31.14 26.43
N GLY A 367 -33.36 29.80 26.47
CA GLY A 367 -32.27 29.10 25.82
C GLY A 367 -32.19 29.51 24.36
N GLY A 368 -33.36 29.46 23.71
CA GLY A 368 -33.46 29.76 22.30
C GLY A 368 -32.92 31.12 21.93
N VAL A 369 -33.39 32.14 22.63
CA VAL A 369 -32.91 33.50 22.38
C VAL A 369 -31.43 33.60 22.63
N TYR A 370 -30.97 32.95 23.68
CA TYR A 370 -29.57 32.99 24.04
C TYR A 370 -28.73 32.52 22.87
N LEU A 371 -28.98 31.30 22.44
CA LEU A 371 -28.19 30.69 21.39
C LEU A 371 -28.28 31.52 20.14
N LEU A 372 -29.50 31.87 19.74
CA LEU A 372 -29.65 32.52 18.45
C LEU A 372 -28.89 33.82 18.43
N LEU A 373 -28.85 34.47 19.60
CA LEU A 373 -28.01 35.65 19.76
C LEU A 373 -26.55 35.30 19.55
N GLY A 374 -26.09 34.32 20.32
CA GLY A 374 -24.71 33.86 20.32
C GLY A 374 -24.17 33.60 18.94
N GLN A 375 -24.80 32.63 18.30
CA GLN A 375 -24.42 32.23 16.95
C GLN A 375 -24.57 33.40 16.01
N LEU A 376 -25.59 34.22 16.24
CA LEU A 376 -25.79 35.37 15.38
C LEU A 376 -24.52 36.26 15.35
N TRP A 377 -24.18 36.81 16.51
CA TRP A 377 -23.05 37.74 16.52
C TRP A 377 -21.77 36.99 16.20
N TYR A 378 -21.78 35.66 16.34
CA TYR A 378 -20.70 34.85 15.81
C TYR A 378 -20.51 35.11 14.31
N PHE A 379 -21.60 34.99 13.57
CA PHE A 379 -21.52 35.33 12.14
C PHE A 379 -21.09 36.76 11.93
N TRP A 380 -21.63 37.67 12.73
CA TRP A 380 -21.28 39.10 12.69
C TRP A 380 -19.81 39.29 12.79
N ARG A 381 -19.23 38.56 13.74
CA ARG A 381 -17.81 38.57 14.01
C ARG A 381 -17.07 38.04 12.81
N ARG A 382 -17.73 37.16 12.06
CA ARG A 382 -17.21 36.74 10.79
C ARG A 382 -17.53 37.72 9.71
N ARG A 383 -18.16 38.85 10.04
CA ARG A 383 -18.40 39.92 9.08
C ARG A 383 -19.24 39.38 7.94
N LEU A 384 -19.96 38.29 8.20
CA LEU A 384 -20.50 37.46 7.12
C LEU A 384 -19.40 37.04 6.12
N PHE A 385 -18.27 36.58 6.68
CA PHE A 385 -17.18 36.04 5.89
C PHE A 385 -17.72 34.85 5.08
N ILE A 386 -17.39 34.82 3.79
CA ILE A 386 -17.81 33.70 2.93
C ILE A 386 -17.29 32.40 3.53
N TRP A 387 -18.18 31.52 4.00
CA TRP A 387 -17.74 30.31 4.68
C TRP A 387 -17.53 29.20 3.65
N ILE A 388 -16.27 29.00 3.30
CA ILE A 388 -15.78 27.78 2.68
C ILE A 388 -15.39 26.84 3.82
N SER A 389 -15.55 27.33 5.05
CA SER A 389 -15.27 26.58 6.25
C SER A 389 -16.38 25.60 6.58
N PHE A 390 -17.42 25.54 5.73
CA PHE A 390 -18.54 24.65 5.93
C PHE A 390 -18.13 23.29 6.43
N MET A 391 -17.09 22.76 5.84
CA MET A 391 -16.54 21.48 6.25
C MET A 391 -16.21 21.46 7.74
N ASP A 392 -15.58 22.53 8.22
CA ASP A 392 -15.32 22.67 9.65
C ASP A 392 -16.51 23.23 10.43
N SER A 393 -17.28 24.11 9.79
CA SER A 393 -18.22 24.99 10.50
C SER A 393 -19.66 24.51 10.59
N TYR A 394 -19.99 23.34 10.04
CA TYR A 394 -21.38 22.95 9.93
C TYR A 394 -22.14 23.00 11.22
N PHE A 395 -21.47 22.62 12.30
CA PHE A 395 -22.07 22.74 13.63
C PHE A 395 -22.61 24.10 13.95
N GLU A 396 -21.81 25.15 13.70
CA GLU A 396 -22.27 26.54 13.87
C GLU A 396 -23.65 26.75 13.27
N ILE A 397 -23.76 26.38 12.00
CA ILE A 397 -25.01 26.49 11.29
C ILE A 397 -26.12 25.74 12.00
N LEU A 398 -25.86 24.48 12.27
CA LEU A 398 -26.83 23.66 12.92
C LEU A 398 -27.34 24.28 14.20
N PHE A 399 -26.44 24.87 14.99
CA PHE A 399 -26.89 25.55 16.16
C PHE A 399 -27.88 26.61 15.77
N LEU A 400 -27.46 27.46 14.85
CA LEU A 400 -28.25 28.62 14.49
C LEU A 400 -29.65 28.21 14.13
N LEU A 401 -29.71 27.26 13.21
CA LEU A 401 -30.94 26.78 12.64
C LEU A 401 -31.82 26.19 13.72
N GLN A 402 -31.23 25.35 14.55
CA GLN A 402 -31.94 24.84 15.72
C GLN A 402 -32.59 25.95 16.52
N ALA A 403 -31.76 26.91 16.91
CA ALA A 403 -32.16 27.97 17.80
C ALA A 403 -33.39 28.66 17.25
N LEU A 404 -33.25 29.12 16.01
CA LEU A 404 -34.31 29.89 15.40
C LEU A 404 -35.59 29.07 15.34
N LEU A 405 -35.46 27.77 15.13
CA LEU A 405 -36.62 26.91 15.12
C LEU A 405 -37.26 26.81 16.48
N THR A 406 -36.43 26.82 17.50
CA THR A 406 -36.94 26.70 18.84
C THR A 406 -37.84 27.89 19.17
N VAL A 407 -37.26 29.07 19.06
CA VAL A 407 -37.96 30.30 19.39
C VAL A 407 -39.15 30.50 18.51
N LEU A 408 -39.02 30.11 17.24
CA LEU A 408 -40.15 30.16 16.35
C LEU A 408 -41.27 29.27 16.86
N SER A 409 -40.91 28.09 17.32
CA SER A 409 -41.88 27.17 17.90
C SER A 409 -42.69 27.79 19.00
N GLN A 410 -42.00 28.42 19.93
CA GLN A 410 -42.69 29.06 21.04
C GLN A 410 -43.50 30.27 20.62
N VAL A 411 -43.04 30.94 19.58
CA VAL A 411 -43.79 32.03 19.00
C VAL A 411 -45.15 31.53 18.61
N LEU A 412 -45.16 30.49 17.78
CA LEU A 412 -46.41 29.93 17.34
C LEU A 412 -47.14 29.17 18.48
N CYS A 413 -46.47 28.94 19.62
CA CYS A 413 -47.15 28.43 20.83
C CYS A 413 -48.03 29.49 21.46
N PHE A 414 -47.45 30.67 21.66
CA PHE A 414 -48.18 31.79 22.27
C PHE A 414 -49.25 32.26 21.31
N LEU A 415 -48.85 32.47 20.06
CA LEU A 415 -49.78 32.81 18.98
C LEU A 415 -50.79 31.69 18.74
N ALA A 416 -50.46 30.49 19.22
CA ALA A 416 -51.33 29.33 19.16
C ALA A 416 -51.60 28.94 17.69
N ILE A 417 -50.55 28.96 16.88
CA ILE A 417 -50.64 28.53 15.48
C ILE A 417 -50.84 27.01 15.41
N GLU A 418 -51.42 26.57 14.29
CA GLU A 418 -51.76 25.16 14.05
C GLU A 418 -50.55 24.24 14.23
N TRP A 419 -49.58 24.43 13.35
CA TRP A 419 -48.38 23.62 13.33
C TRP A 419 -47.37 24.26 14.24
N TYR A 420 -47.17 23.72 15.43
CA TYR A 420 -46.05 24.19 16.23
C TYR A 420 -45.18 23.03 16.64
N LEU A 421 -45.80 22.01 17.26
CA LEU A 421 -45.09 20.86 17.77
C LEU A 421 -44.28 20.16 16.70
N PRO A 422 -44.77 20.15 15.43
CA PRO A 422 -43.84 19.59 14.42
C PRO A 422 -42.53 20.35 14.36
N LEU A 423 -42.60 21.69 14.32
CA LEU A 423 -41.40 22.51 14.25
C LEU A 423 -40.60 22.30 15.51
N LEU A 424 -41.32 22.23 16.64
CA LEU A 424 -40.70 22.02 17.91
C LEU A 424 -39.84 20.79 17.90
N VAL A 425 -40.49 19.66 17.67
CA VAL A 425 -39.79 18.39 17.75
C VAL A 425 -38.72 18.28 16.71
N SER A 426 -38.90 18.97 15.58
CA SER A 426 -37.82 19.03 14.63
C SER A 426 -36.61 19.66 15.30
N SER A 427 -36.84 20.78 15.94
CA SER A 427 -35.80 21.41 16.71
C SER A 427 -35.23 20.51 17.78
N LEU A 428 -36.07 19.67 18.36
CA LEU A 428 -35.59 18.70 19.31
C LEU A 428 -34.59 17.73 18.69
N VAL A 429 -35.09 16.94 17.73
CA VAL A 429 -34.36 15.85 17.10
C VAL A 429 -33.01 16.41 16.63
N LEU A 430 -33.10 17.49 15.85
CA LEU A 430 -31.95 18.27 15.43
C LEU A 430 -31.07 18.64 16.61
N GLY A 431 -31.68 19.12 17.66
CA GLY A 431 -30.97 19.51 18.82
C GLY A 431 -30.03 18.48 19.36
N TRP A 432 -30.55 17.28 19.54
CA TRP A 432 -29.71 16.20 19.99
C TRP A 432 -28.64 15.92 18.97
N LEU A 433 -29.08 15.79 17.72
CA LEU A 433 -28.16 15.48 16.63
C LEU A 433 -27.03 16.50 16.62
N ASN A 434 -27.33 17.74 17.00
CA ASN A 434 -26.36 18.81 17.15
C ASN A 434 -25.35 18.51 18.25
N LEU A 435 -25.81 17.92 19.34
CA LEU A 435 -24.95 17.65 20.50
C LEU A 435 -23.58 17.09 20.22
N LEU A 436 -23.53 16.11 19.35
CA LEU A 436 -22.30 15.33 19.22
C LEU A 436 -21.09 16.20 18.77
N TYR A 437 -21.35 17.45 18.41
CA TYR A 437 -20.30 18.47 18.41
C TYR A 437 -19.29 18.39 19.53
N TYR A 438 -19.78 18.25 20.75
CA TYR A 438 -18.88 18.24 21.89
C TYR A 438 -18.06 16.96 21.97
N THR A 439 -18.21 16.03 21.04
CA THR A 439 -17.21 14.99 20.92
C THR A 439 -15.86 15.54 20.51
N ARG A 440 -15.86 16.73 19.89
CA ARG A 440 -14.67 17.33 19.30
C ARG A 440 -13.48 17.23 20.24
N GLY A 441 -13.78 17.42 21.53
CA GLY A 441 -12.77 17.47 22.54
C GLY A 441 -12.42 16.16 23.18
N PHE A 442 -13.40 15.31 23.40
CA PHE A 442 -13.17 14.22 24.35
C PHE A 442 -12.31 13.12 23.80
N GLN A 443 -12.61 12.64 22.60
CA GLN A 443 -11.98 11.40 22.14
C GLN A 443 -11.25 11.53 20.82
N HIS A 444 -10.32 10.63 20.63
CA HIS A 444 -9.29 10.78 19.63
C HIS A 444 -9.69 10.06 18.33
N THR A 445 -10.68 9.18 18.42
CA THR A 445 -11.24 8.52 17.23
C THR A 445 -12.26 9.47 16.56
N GLY A 446 -12.64 10.53 17.28
CA GLY A 446 -13.32 11.68 16.71
C GLY A 446 -12.69 12.13 15.40
N ILE A 447 -11.35 12.03 15.34
CA ILE A 447 -10.55 12.26 14.14
C ILE A 447 -11.11 11.55 12.91
N TYR A 448 -11.11 10.22 12.98
CA TYR A 448 -11.60 9.41 11.86
C TYR A 448 -13.07 9.64 11.62
N SER A 449 -13.84 9.82 12.70
CA SER A 449 -15.25 10.18 12.56
C SER A 449 -15.47 11.43 11.69
N VAL A 450 -14.60 12.41 11.88
CA VAL A 450 -14.66 13.64 11.10
C VAL A 450 -14.13 13.48 9.68
N MET A 451 -12.90 13.01 9.51
CA MET A 451 -12.34 12.82 8.14
C MET A 451 -13.36 12.09 7.27
N ILE A 452 -13.87 11.00 7.85
CA ILE A 452 -14.99 10.29 7.30
C ILE A 452 -16.07 11.30 7.02
N GLN A 453 -16.58 11.94 8.06
CA GLN A 453 -17.72 12.90 7.92
C GLN A 453 -17.58 13.77 6.65
N LYS A 454 -16.38 14.31 6.44
CA LYS A 454 -16.02 15.11 5.26
C LYS A 454 -16.21 14.43 3.91
N VAL A 455 -15.46 13.38 3.70
CA VAL A 455 -15.42 12.77 2.37
C VAL A 455 -16.72 12.04 2.12
N ILE A 456 -17.16 11.35 3.15
CA ILE A 456 -18.35 10.55 3.13
C ILE A 456 -19.56 11.39 2.83
N LEU A 457 -19.66 12.56 3.42
CA LEU A 457 -20.82 13.37 3.10
C LEU A 457 -20.81 13.88 1.69
N ARG A 458 -19.64 14.25 1.22
CA ARG A 458 -19.51 14.71 -0.16
C ARG A 458 -20.01 13.64 -1.14
N ASP A 459 -19.36 12.49 -1.06
CA ASP A 459 -19.69 11.35 -1.91
C ASP A 459 -21.15 10.92 -1.76
N LEU A 460 -21.65 10.93 -0.53
CA LEU A 460 -23.01 10.51 -0.34
C LEU A 460 -24.00 11.47 -0.99
N LEU A 461 -23.70 12.76 -0.98
CA LEU A 461 -24.61 13.68 -1.65
C LEU A 461 -24.66 13.35 -3.14
N ARG A 462 -23.48 13.39 -3.76
CA ARG A 462 -23.36 13.09 -5.18
C ARG A 462 -24.19 11.86 -5.51
N PHE A 463 -24.06 10.84 -4.68
CA PHE A 463 -24.80 9.62 -4.84
C PHE A 463 -26.31 9.87 -4.75
N LEU A 464 -26.72 10.57 -3.71
CA LEU A 464 -28.12 10.58 -3.36
C LEU A 464 -28.95 11.21 -4.44
N LEU A 465 -28.35 12.18 -5.12
CA LEU A 465 -29.05 12.80 -6.21
C LEU A 465 -29.44 11.79 -7.26
N VAL A 466 -28.47 11.02 -7.71
CA VAL A 466 -28.72 10.11 -8.82
C VAL A 466 -29.71 9.06 -8.41
N TYR A 467 -29.51 8.54 -7.22
CA TYR A 467 -30.43 7.54 -6.72
C TYR A 467 -31.83 8.04 -6.84
N LEU A 468 -32.02 9.22 -6.26
CA LEU A 468 -33.29 9.86 -6.24
C LEU A 468 -33.84 9.91 -7.66
N VAL A 469 -33.06 10.45 -8.58
CA VAL A 469 -33.60 10.74 -9.90
C VAL A 469 -34.12 9.52 -10.61
N PHE A 470 -33.33 8.47 -10.65
CA PHE A 470 -33.82 7.39 -11.44
C PHE A 470 -34.92 6.61 -10.71
N LEU A 471 -34.91 6.66 -9.39
CA LEU A 471 -35.99 6.02 -8.68
C LEU A 471 -37.25 6.73 -9.08
N PHE A 472 -37.16 8.05 -9.18
CA PHE A 472 -38.28 8.84 -9.63
C PHE A 472 -38.77 8.35 -10.99
N GLY A 473 -37.83 8.15 -11.90
CA GLY A 473 -38.17 7.57 -13.20
C GLY A 473 -39.02 6.31 -13.10
N PHE A 474 -38.52 5.37 -12.32
CA PHE A 474 -39.23 4.12 -12.08
C PHE A 474 -40.55 4.33 -11.43
N ALA A 475 -40.65 5.40 -10.63
CA ALA A 475 -41.90 5.71 -9.97
C ALA A 475 -42.98 5.98 -10.99
N VAL A 476 -42.71 6.91 -11.88
CA VAL A 476 -43.69 7.23 -12.88
C VAL A 476 -43.97 6.05 -13.77
N ALA A 477 -42.99 5.21 -13.97
CA ALA A 477 -43.21 4.01 -14.75
C ALA A 477 -44.28 3.15 -14.13
N LEU A 478 -44.06 2.81 -12.88
CA LEU A 478 -44.97 1.90 -12.19
C LEU A 478 -46.36 2.50 -12.05
N VAL A 479 -46.39 3.78 -11.73
CA VAL A 479 -47.67 4.41 -11.56
C VAL A 479 -48.45 4.38 -12.85
N SER A 480 -47.75 4.62 -13.94
CA SER A 480 -48.38 4.68 -15.22
C SER A 480 -48.95 3.33 -15.56
N LEU A 481 -48.20 2.28 -15.34
CA LEU A 481 -48.71 0.95 -15.69
C LEU A 481 -49.81 0.50 -14.78
N SER A 482 -49.79 1.02 -13.56
CA SER A 482 -50.83 0.75 -12.60
C SER A 482 -52.09 1.58 -12.87
N ARG A 483 -51.98 2.62 -13.71
CA ARG A 483 -53.05 3.57 -13.90
C ARG A 483 -54.28 2.96 -14.56
N GLU A 484 -54.20 1.71 -15.01
CA GLU A 484 -55.42 0.97 -15.30
C GLU A 484 -55.32 -0.48 -14.82
N PRO A 491 -55.20 -4.08 -4.54
CA PRO A 491 -55.99 -2.90 -4.89
C PRO A 491 -55.18 -1.73 -5.44
N PRO A 492 -55.47 -0.51 -4.96
CA PRO A 492 -54.81 0.70 -5.45
C PRO A 492 -53.32 0.70 -5.11
N TYR A 493 -52.47 0.72 -6.13
CA TYR A 493 -51.01 0.87 -5.97
C TYR A 493 -50.62 2.28 -6.50
N ARG A 494 -51.62 3.17 -6.48
CA ARG A 494 -51.73 4.30 -7.42
C ARG A 494 -50.89 5.52 -7.05
N SER A 495 -51.01 6.01 -5.83
CA SER A 495 -50.47 7.34 -5.52
C SER A 495 -48.97 7.40 -5.82
N ILE A 496 -48.54 8.39 -6.60
CA ILE A 496 -47.13 8.49 -6.97
C ILE A 496 -46.19 8.39 -5.75
N LEU A 497 -46.44 9.21 -4.75
CA LEU A 497 -45.64 9.18 -3.54
C LEU A 497 -45.63 7.75 -3.01
N ASP A 498 -46.82 7.21 -2.84
CA ASP A 498 -46.99 5.84 -2.36
C ASP A 498 -46.18 4.86 -3.17
N ALA A 499 -46.30 4.96 -4.49
CA ALA A 499 -45.57 4.09 -5.39
C ALA A 499 -44.09 4.20 -5.12
N SER A 500 -43.62 5.44 -5.00
CA SER A 500 -42.24 5.65 -4.68
C SER A 500 -41.82 5.06 -3.36
N LEU A 501 -42.73 5.00 -2.40
CA LEU A 501 -42.39 4.33 -1.16
C LEU A 501 -42.25 2.86 -1.34
N GLU A 502 -43.27 2.24 -1.90
CA GLU A 502 -43.25 0.81 -2.16
C GLU A 502 -41.97 0.44 -2.89
N LEU A 503 -41.46 1.38 -3.67
CA LEU A 503 -40.21 1.19 -4.33
C LEU A 503 -39.02 1.53 -3.47
N PHE A 504 -39.12 2.49 -2.58
CA PHE A 504 -38.00 2.82 -1.69
C PHE A 504 -37.68 1.75 -0.65
N LYS A 505 -38.71 1.10 -0.13
CA LYS A 505 -38.53 0.08 0.89
C LYS A 505 -37.65 -1.10 0.45
N PHE A 506 -37.28 -1.13 -0.83
CA PHE A 506 -36.35 -2.10 -1.36
C PHE A 506 -34.93 -1.78 -1.05
N THR A 507 -34.64 -0.57 -0.64
CA THR A 507 -33.30 -0.25 -0.32
C THR A 507 -32.98 -0.44 1.16
N ILE A 508 -33.98 -0.35 2.03
CA ILE A 508 -33.81 -0.82 3.42
C ILE A 508 -34.32 -2.21 3.60
N GLY A 509 -34.75 -2.82 2.51
CA GLY A 509 -34.97 -4.23 2.48
C GLY A 509 -36.21 -4.66 3.19
N MET A 510 -37.20 -3.79 3.29
CA MET A 510 -38.49 -4.24 3.66
C MET A 510 -39.36 -4.44 2.44
N GLY A 511 -38.76 -4.33 1.24
CA GLY A 511 -39.55 -4.25 0.04
C GLY A 511 -40.23 -5.54 -0.40
N GLU A 512 -41.09 -5.37 -1.41
CA GLU A 512 -42.03 -6.37 -1.85
C GLU A 512 -41.69 -7.38 -2.92
N LEU A 513 -41.70 -6.94 -4.18
CA LEU A 513 -41.34 -7.78 -5.33
C LEU A 513 -42.38 -8.84 -5.67
N ALA A 514 -43.49 -8.85 -4.93
CA ALA A 514 -44.59 -9.77 -5.20
C ALA A 514 -45.09 -9.64 -6.64
N PHE A 515 -45.42 -10.79 -7.22
CA PHE A 515 -45.94 -10.90 -8.59
C PHE A 515 -47.42 -11.25 -8.49
N GLN A 516 -48.25 -10.58 -9.27
CA GLN A 516 -49.68 -10.89 -9.33
C GLN A 516 -50.15 -10.68 -10.74
N GLU A 517 -50.96 -11.59 -11.28
CA GLU A 517 -51.45 -11.44 -12.66
C GLU A 517 -52.59 -10.43 -12.73
N GLN A 518 -53.01 -9.93 -11.55
CA GLN A 518 -53.95 -8.81 -11.45
C GLN A 518 -53.76 -7.68 -12.50
N LEU A 519 -52.53 -7.19 -12.60
CA LEU A 519 -52.24 -5.99 -13.39
C LEU A 519 -52.37 -6.19 -14.90
N ARG A 520 -52.16 -7.43 -15.35
CA ARG A 520 -52.37 -7.85 -16.72
C ARG A 520 -51.24 -7.43 -17.63
N PHE A 521 -50.38 -6.51 -17.19
CA PHE A 521 -49.05 -6.38 -17.74
C PHE A 521 -48.06 -6.81 -16.69
N ARG A 522 -48.55 -7.59 -15.72
CA ARG A 522 -47.78 -8.06 -14.60
C ARG A 522 -46.34 -8.37 -14.97
N GLY A 523 -46.21 -9.09 -16.09
CA GLY A 523 -44.93 -9.50 -16.61
C GLY A 523 -43.91 -8.40 -16.60
N VAL A 524 -44.27 -7.30 -17.23
CA VAL A 524 -43.35 -6.20 -17.40
C VAL A 524 -43.21 -5.42 -16.13
N VAL A 525 -44.29 -5.29 -15.37
CA VAL A 525 -44.21 -4.50 -14.17
C VAL A 525 -43.15 -5.07 -13.24
N LEU A 526 -43.31 -6.34 -12.93
CA LEU A 526 -42.39 -6.97 -12.02
C LEU A 526 -41.00 -6.97 -12.63
N LEU A 527 -40.94 -7.25 -13.94
CA LEU A 527 -39.67 -7.22 -14.63
C LEU A 527 -38.96 -5.90 -14.42
N LEU A 528 -39.75 -4.85 -14.44
CA LEU A 528 -39.22 -3.56 -14.31
C LEU A 528 -38.65 -3.33 -12.94
N LEU A 529 -39.46 -3.56 -11.90
CA LEU A 529 -38.94 -3.24 -10.57
C LEU A 529 -37.78 -4.12 -10.23
N LEU A 530 -37.72 -5.29 -10.84
CA LEU A 530 -36.54 -6.13 -10.71
C LEU A 530 -35.31 -5.42 -11.25
N ALA A 531 -35.44 -4.85 -12.40
CA ALA A 531 -34.40 -3.99 -12.95
C ALA A 531 -34.02 -2.95 -11.99
N TYR A 532 -35.01 -2.34 -11.38
CA TYR A 532 -34.74 -1.41 -10.31
C TYR A 532 -33.78 -1.92 -9.24
N VAL A 533 -34.16 -3.05 -8.67
CA VAL A 533 -33.38 -3.68 -7.63
C VAL A 533 -31.94 -3.84 -8.04
N LEU A 534 -31.74 -4.50 -9.15
CA LEU A 534 -30.42 -4.74 -9.68
C LEU A 534 -29.64 -3.43 -9.77
N LEU A 535 -30.32 -2.43 -10.27
CA LEU A 535 -29.70 -1.19 -10.56
C LEU A 535 -29.29 -0.44 -9.32
N THR A 536 -30.22 -0.25 -8.41
CA THR A 536 -29.84 0.42 -7.15
C THR A 536 -28.74 -0.34 -6.40
N TYR A 537 -28.73 -1.66 -6.55
CA TYR A 537 -27.68 -2.42 -5.95
C TYR A 537 -26.35 -2.01 -6.53
N VAL A 538 -26.19 -2.18 -7.83
CA VAL A 538 -24.92 -1.83 -8.45
C VAL A 538 -24.51 -0.40 -8.13
N LEU A 539 -25.50 0.45 -7.94
CA LEU A 539 -25.20 1.78 -7.51
C LEU A 539 -24.54 1.83 -6.15
N LEU A 540 -25.18 1.24 -5.15
CA LEU A 540 -24.64 1.31 -3.79
C LEU A 540 -23.27 0.70 -3.77
N LEU A 541 -23.11 -0.39 -4.50
CA LEU A 541 -21.82 -1.01 -4.60
C LEU A 541 -20.79 -0.02 -5.09
N ASN A 542 -21.07 0.57 -6.23
CA ASN A 542 -20.22 1.62 -6.81
C ASN A 542 -19.79 2.61 -5.73
N MET A 543 -20.75 3.15 -4.99
CA MET A 543 -20.46 4.18 -3.99
C MET A 543 -19.55 3.64 -2.94
N LEU A 544 -19.93 2.49 -2.42
CA LEU A 544 -19.22 1.88 -1.31
C LEU A 544 -17.74 1.76 -1.62
N ILE A 545 -17.45 1.11 -2.72
CA ILE A 545 -16.08 0.98 -3.19
C ILE A 545 -15.47 2.36 -3.37
N ALA A 546 -16.21 3.29 -3.96
CA ALA A 546 -15.63 4.56 -4.33
C ALA A 546 -14.99 5.23 -3.13
N LEU A 547 -15.81 5.51 -2.13
CA LEU A 547 -15.29 6.13 -0.91
C LEU A 547 -14.30 5.25 -0.16
N MET A 548 -14.48 3.93 -0.29
CA MET A 548 -13.51 3.01 0.25
C MET A 548 -12.12 3.31 -0.32
N SER A 549 -12.03 3.39 -1.64
CA SER A 549 -10.80 3.76 -2.36
C SER A 549 -10.23 5.08 -1.87
N GLU A 550 -11.11 6.06 -1.77
CA GLU A 550 -10.77 7.38 -1.26
C GLU A 550 -9.97 7.31 0.03
N THR A 551 -10.40 6.50 0.99
CA THR A 551 -9.62 6.35 2.21
C THR A 551 -8.52 5.29 2.14
N VAL A 552 -8.59 4.42 1.14
CA VAL A 552 -7.49 3.48 0.88
C VAL A 552 -6.22 4.28 0.64
N ASN A 553 -6.28 5.22 -0.30
CA ASN A 553 -5.24 6.24 -0.39
C ASN A 553 -5.45 7.12 0.83
N SER A 554 -4.48 7.15 1.72
CA SER A 554 -4.67 7.78 3.03
C SER A 554 -3.43 8.54 3.44
N VAL A 555 -3.59 9.80 3.83
CA VAL A 555 -2.49 10.59 4.38
C VAL A 555 -2.37 10.36 5.89
N ALA A 556 -3.20 9.47 6.45
CA ALA A 556 -3.04 9.00 7.82
C ALA A 556 -3.03 10.18 8.80
N THR A 557 -1.93 10.41 9.52
CA THR A 557 -1.84 11.49 10.52
C THR A 557 -2.27 12.88 10.01
N ASP A 558 -2.42 13.06 8.71
CA ASP A 558 -3.12 14.21 8.15
C ASP A 558 -4.49 14.36 8.76
N SER A 559 -5.17 13.21 8.95
CA SER A 559 -6.41 13.16 9.70
C SER A 559 -6.21 13.62 11.13
N TRP A 560 -5.17 13.09 11.75
CA TRP A 560 -4.81 13.49 13.11
C TRP A 560 -4.73 14.99 13.24
N SER A 561 -4.09 15.61 12.27
CA SER A 561 -3.95 17.03 12.22
C SER A 561 -5.28 17.72 11.96
N ILE A 562 -6.07 17.12 11.09
CA ILE A 562 -7.41 17.63 10.81
C ILE A 562 -8.16 17.78 12.12
N TRP A 563 -8.07 16.75 12.95
CA TRP A 563 -8.63 16.84 14.28
C TRP A 563 -8.00 17.95 15.10
N LYS A 564 -6.67 18.03 15.03
CA LYS A 564 -5.93 19.01 15.80
C LYS A 564 -6.48 20.40 15.56
N LEU A 565 -6.60 20.79 14.31
CA LEU A 565 -7.07 22.15 14.06
C LEU A 565 -8.51 22.27 14.35
N GLN A 566 -9.25 21.20 14.08
CA GLN A 566 -10.66 21.18 14.40
C GLN A 566 -10.81 21.64 15.83
N LYS A 567 -9.85 21.25 16.66
CA LYS A 567 -9.82 21.63 18.06
C LYS A 567 -9.36 23.06 18.24
N ALA A 568 -8.39 23.42 17.43
CA ALA A 568 -7.83 24.77 17.45
C ALA A 568 -8.84 25.90 17.23
N ILE A 569 -9.72 25.70 16.27
CA ILE A 569 -10.72 26.71 16.01
C ILE A 569 -11.53 26.95 17.26
N SER A 570 -11.92 25.86 17.90
CA SER A 570 -12.65 25.92 19.13
C SER A 570 -11.92 26.72 20.18
N VAL A 571 -10.65 26.42 20.36
CA VAL A 571 -9.93 27.13 21.38
C VAL A 571 -9.87 28.63 21.13
N LEU A 572 -9.65 29.00 19.88
CA LEU A 572 -9.61 30.41 19.53
C LEU A 572 -10.94 31.11 19.68
N GLU A 573 -12.00 30.34 19.61
CA GLU A 573 -13.29 30.89 19.84
C GLU A 573 -13.61 31.05 21.29
N MET A 574 -13.27 30.06 22.10
CA MET A 574 -13.50 30.16 23.54
C MET A 574 -12.46 31.09 24.17
N GLU A 575 -11.47 31.51 23.37
CA GLU A 575 -10.55 32.56 23.73
C GLU A 575 -11.27 33.77 24.27
N ASN A 576 -12.30 34.21 23.59
CA ASN A 576 -13.05 35.37 24.07
C ASN A 576 -14.53 35.17 24.41
N GLY A 577 -14.77 34.95 25.71
CA GLY A 577 -16.04 35.22 26.40
C GLY A 577 -17.33 34.77 25.73
N TYR A 578 -18.37 35.55 25.91
CA TYR A 578 -19.65 35.40 25.22
C TYR A 578 -20.13 36.80 24.87
N TRP A 579 -20.13 37.27 23.64
CA TRP A 579 -20.85 38.51 23.31
C TRP A 579 -22.36 38.24 23.21
N TRP A 580 -22.79 37.02 23.50
CA TRP A 580 -24.13 36.79 24.03
C TRP A 580 -24.20 37.37 25.47
N CYS A 581 -23.04 37.76 25.99
CA CYS A 581 -22.88 38.68 27.10
C CYS A 581 -23.24 38.03 28.41
N ARG A 582 -23.19 36.70 28.48
CA ARG A 582 -23.18 36.04 29.76
C ARG A 582 -21.95 36.58 30.49
N ARG A 583 -20.82 36.52 29.80
CA ARG A 583 -19.66 37.36 30.09
C ARG A 583 -19.25 37.96 28.75
N LYS A 584 -19.50 39.25 28.58
CA LYS A 584 -19.28 39.94 27.29
C LYS A 584 -17.80 40.12 27.00
N LYS A 585 -17.07 40.63 27.99
CA LYS A 585 -15.64 40.92 27.86
C LYS A 585 -14.86 39.78 28.47
N GLN A 586 -14.08 39.10 27.64
CA GLN A 586 -13.05 38.21 28.15
C GLN A 586 -11.77 39.01 28.14
N ARG A 587 -10.94 38.79 29.14
CA ARG A 587 -9.67 39.52 29.26
C ARG A 587 -8.73 39.16 28.11
N ALA A 588 -7.73 40.02 27.88
CA ALA A 588 -6.63 39.70 26.98
C ALA A 588 -5.54 38.96 27.78
N GLY A 589 -5.92 38.38 28.93
CA GLY A 589 -4.99 37.93 29.97
C GLY A 589 -3.95 36.93 29.53
N VAL A 590 -4.18 36.28 28.40
CA VAL A 590 -3.11 35.53 27.74
C VAL A 590 -1.93 36.44 27.38
N MET A 591 -0.75 35.85 27.47
CA MET A 591 0.49 36.59 27.34
C MET A 591 1.67 35.62 27.30
N LEU A 592 2.87 36.17 27.13
CA LEU A 592 4.11 35.46 27.04
C LEU A 592 5.14 35.96 28.07
N THR A 593 6.08 35.08 28.42
CA THR A 593 7.17 35.41 29.35
C THR A 593 7.95 36.60 28.80
N VAL A 594 8.48 37.44 29.67
CA VAL A 594 9.37 38.50 29.24
C VAL A 594 10.70 37.94 28.72
N GLY A 595 11.22 38.57 27.68
CA GLY A 595 12.43 38.09 27.02
C GLY A 595 13.69 38.45 27.81
N THR A 596 14.68 37.58 27.72
CA THR A 596 15.94 37.69 28.43
C THR A 596 17.05 38.30 27.57
N ARG A 597 16.73 38.79 26.37
CA ARG A 597 17.71 39.01 25.31
C ARG A 597 17.93 40.51 25.02
N PRO A 598 18.99 41.13 25.61
CA PRO A 598 19.52 42.43 25.19
C PRO A 598 20.72 42.36 24.25
N ASP A 599 20.57 41.72 23.08
CA ASP A 599 21.72 41.55 22.18
C ASP A 599 22.00 42.83 21.40
N GLY A 600 23.21 43.39 21.60
CA GLY A 600 23.63 44.60 20.92
C GLY A 600 22.76 45.81 21.25
N SER A 601 22.55 46.66 20.26
CA SER A 601 21.68 47.83 20.40
C SER A 601 20.20 47.47 20.70
N PRO A 602 19.63 46.41 20.05
CA PRO A 602 18.30 46.03 20.58
C PRO A 602 18.42 45.40 21.98
N ASP A 603 17.68 45.94 22.96
CA ASP A 603 17.86 45.58 24.38
C ASP A 603 16.88 44.56 25.02
N GLU A 604 15.87 44.03 24.32
CA GLU A 604 14.88 43.11 24.97
C GLU A 604 13.84 42.50 24.01
N ARG A 605 13.20 41.39 24.42
CA ARG A 605 11.97 40.86 23.80
C ARG A 605 10.96 40.36 24.86
N TRP A 606 9.91 39.68 24.40
CA TRP A 606 8.85 39.12 25.26
C TRP A 606 8.33 37.86 24.58
N CYS A 607 8.49 36.70 25.22
CA CYS A 607 8.42 35.42 24.50
C CYS A 607 7.98 34.18 25.28
N PHE A 608 8.13 33.00 24.66
CA PHE A 608 7.56 31.72 25.12
C PHE A 608 8.63 30.63 25.25
N ARG A 609 8.28 29.56 25.96
CA ARG A 609 9.19 28.44 26.24
C ARG A 609 8.76 27.07 25.68
N VAL A 610 9.69 26.36 25.04
CA VAL A 610 9.51 24.98 24.56
C VAL A 610 10.50 24.09 25.31
N GLY A 611 10.62 22.81 24.92
CA GLY A 611 11.56 21.91 25.61
C GLY A 611 12.19 20.76 24.84
N GLU A 612 13.34 20.31 25.37
CA GLU A 612 13.99 19.03 25.04
C GLU A 612 14.25 18.75 23.56
N MET A 613 13.86 17.55 23.10
CA MET A 613 14.18 17.08 21.76
C MET A 613 15.67 17.19 21.39
N ASP B 1 31.35 44.83 42.81
CA ASP B 1 32.76 44.39 42.95
C ASP B 1 33.43 44.24 41.57
N ARG B 2 34.75 44.17 41.56
CA ARG B 2 35.54 43.85 40.35
C ARG B 2 35.21 42.48 39.76
N LEU B 3 35.20 41.47 40.62
CA LEU B 3 34.82 40.11 40.26
C LEU B 3 33.34 40.05 39.92
N PHE B 4 32.54 40.87 40.60
CA PHE B 4 31.12 41.03 40.31
C PHE B 4 30.91 41.51 38.89
N ASN B 5 31.73 42.47 38.47
CA ASN B 5 31.76 42.91 37.07
C ASN B 5 32.46 41.88 36.18
N VAL B 6 33.24 40.98 36.78
CA VAL B 6 33.85 39.87 36.06
C VAL B 6 32.97 38.65 35.95
N VAL B 7 31.74 38.73 36.49
CA VAL B 7 30.70 37.73 36.27
C VAL B 7 30.54 37.47 34.77
N ALA B 8 30.47 38.57 34.01
CA ALA B 8 30.70 38.56 32.57
C ALA B 8 31.93 39.43 32.29
N ARG B 9 33.07 38.79 31.98
CA ARG B 9 34.30 39.52 31.66
C ARG B 9 35.00 38.93 30.44
N GLY B 10 35.52 37.71 30.59
CA GLY B 10 36.45 37.12 29.63
C GLY B 10 37.88 37.31 30.11
N ASN B 11 38.12 38.30 30.99
CA ASN B 11 39.38 38.52 31.67
C ASN B 11 39.24 38.34 33.22
N PRO B 12 39.43 37.09 33.72
CA PRO B 12 39.36 36.82 35.17
C PRO B 12 40.53 37.43 35.98
N GLU B 13 41.61 37.85 35.29
CA GLU B 13 42.72 38.57 35.93
C GLU B 13 42.27 39.73 36.82
N ASP B 14 41.17 40.39 36.43
CA ASP B 14 40.49 41.40 37.23
C ASP B 14 40.03 40.83 38.56
N LEU B 15 39.33 39.70 38.45
CA LEU B 15 38.87 38.96 39.63
C LEU B 15 40.03 38.43 40.48
N ALA B 16 41.22 38.29 39.89
CA ALA B 16 42.46 38.01 40.63
C ALA B 16 42.96 39.23 41.38
N GLY B 17 42.87 40.38 40.72
CA GLY B 17 43.16 41.65 41.39
C GLY B 17 42.30 41.88 42.61
N LEU B 18 41.02 41.52 42.52
CA LEU B 18 40.11 41.60 43.68
C LEU B 18 40.28 40.34 44.54
N LEU B 19 40.91 39.30 44.00
CA LEU B 19 41.32 38.14 44.81
C LEU B 19 42.44 38.50 45.76
N GLU B 20 43.15 39.60 45.46
CA GLU B 20 44.02 40.23 46.44
C GLU B 20 43.19 40.67 47.65
N TYR B 21 42.03 41.28 47.39
CA TYR B 21 41.02 41.57 48.44
C TYR B 21 40.52 40.30 49.10
N LEU B 22 40.42 39.21 48.33
CA LEU B 22 40.13 37.88 48.89
C LEU B 22 41.21 37.47 49.88
N ARG B 23 42.46 37.82 49.58
CA ARG B 23 43.60 37.62 50.49
C ARG B 23 43.53 38.58 51.68
N ARG B 24 42.90 39.74 51.48
CA ARG B 24 42.78 40.77 52.51
C ARG B 24 41.72 40.43 53.56
N THR B 25 40.47 40.36 53.11
CA THR B 25 39.34 40.02 53.96
C THR B 25 39.48 38.59 54.51
N SER B 26 38.87 38.35 55.66
CA SER B 26 38.76 37.01 56.23
C SER B 26 37.53 36.30 55.67
N LYS B 27 36.74 36.98 54.81
CA LYS B 27 35.59 36.39 54.11
C LYS B 27 35.98 35.31 53.10
N TYR B 28 35.49 34.10 53.32
CA TYR B 28 35.74 32.95 52.45
C TYR B 28 34.46 32.58 51.71
N LEU B 29 34.66 32.08 50.49
CA LEU B 29 33.55 31.77 49.57
C LEU B 29 32.67 33.01 49.40
N THR B 30 33.25 34.07 48.85
CA THR B 30 32.56 35.33 48.60
C THR B 30 31.82 35.32 47.25
N ASP B 31 31.94 34.21 46.51
CA ASP B 31 31.20 34.01 45.25
C ASP B 31 29.69 34.13 45.40
N SER B 32 29.19 33.73 46.57
CA SER B 32 27.81 34.01 46.98
C SER B 32 27.71 35.46 47.48
N GLU B 33 28.71 35.88 48.27
CA GLU B 33 28.77 37.24 48.84
C GLU B 33 28.99 38.34 47.81
N TYR B 34 29.32 37.95 46.57
CA TYR B 34 29.30 38.88 45.45
C TYR B 34 27.85 39.04 44.95
N THR B 35 27.71 39.77 43.85
CA THR B 35 26.42 40.00 43.18
C THR B 35 25.72 38.72 42.70
N GLU B 36 26.51 37.65 42.56
CA GLU B 36 26.06 36.43 41.94
C GLU B 36 24.84 35.78 42.61
N GLY B 37 23.77 35.59 41.82
CA GLY B 37 22.61 34.80 42.19
C GLY B 37 22.61 33.48 41.43
N SER B 38 21.44 32.88 41.25
CA SER B 38 21.29 31.55 40.59
C SER B 38 22.23 30.51 41.22
N THR B 39 22.17 30.40 42.55
CA THR B 39 23.06 29.54 43.36
C THR B 39 24.51 30.06 43.45
N GLY B 40 24.86 31.10 42.70
CA GLY B 40 26.20 31.67 42.70
C GLY B 40 27.22 31.01 41.79
N LYS B 41 26.90 29.80 41.28
CA LYS B 41 27.72 29.06 40.29
C LYS B 41 27.91 29.81 38.99
N THR B 42 27.12 30.88 38.83
CA THR B 42 27.04 31.65 37.63
C THR B 42 28.36 32.22 37.14
N CYS B 43 29.34 32.37 38.03
CA CYS B 43 30.69 32.80 37.60
C CYS B 43 31.36 31.69 36.79
N LEU B 44 31.44 30.52 37.39
CA LEU B 44 31.99 29.35 36.74
C LEU B 44 31.07 28.89 35.61
N MET B 45 29.76 29.08 35.80
CA MET B 45 28.77 28.79 34.76
C MET B 45 28.94 29.76 33.58
N LYS B 46 29.45 30.96 33.87
CA LYS B 46 29.78 31.93 32.83
C LYS B 46 31.03 31.52 32.11
N ALA B 47 32.01 31.07 32.89
CA ALA B 47 33.24 30.49 32.34
C ALA B 47 32.87 29.42 31.32
N VAL B 48 32.08 28.46 31.77
CA VAL B 48 31.51 27.39 30.93
C VAL B 48 30.82 27.97 29.71
N LEU B 49 29.95 28.94 29.93
CA LEU B 49 29.17 29.57 28.87
C LEU B 49 30.02 30.28 27.81
N ASN B 50 31.26 30.63 28.17
CA ASN B 50 32.18 31.30 27.25
C ASN B 50 32.76 30.38 26.17
N LEU B 51 33.27 29.21 26.58
CA LEU B 51 33.92 28.27 25.64
C LEU B 51 35.07 28.98 24.87
N GLN B 52 36.02 29.54 25.63
CA GLN B 52 37.12 30.36 25.10
C GLN B 52 38.20 29.48 24.43
N ASP B 53 38.39 29.67 23.12
CA ASP B 53 39.33 28.88 22.33
C ASP B 53 38.95 27.39 22.33
N GLY B 54 37.64 27.10 22.24
CA GLY B 54 37.14 25.73 22.30
C GLY B 54 37.33 25.04 23.65
N VAL B 55 37.79 25.80 24.64
CA VAL B 55 38.04 25.34 26.00
C VAL B 55 37.67 26.51 26.92
N ASN B 56 38.06 26.45 28.19
CA ASN B 56 38.12 27.65 29.01
C ASN B 56 39.53 27.91 29.52
N ALA B 57 40.19 28.88 28.88
CA ALA B 57 41.40 29.48 29.39
C ALA B 57 41.00 30.61 30.35
N CYS B 58 39.71 30.96 30.39
CA CYS B 58 39.13 31.83 31.39
C CYS B 58 38.98 31.16 32.75
N ILE B 59 38.55 29.90 32.73
CA ILE B 59 38.19 29.16 33.94
C ILE B 59 39.43 28.81 34.78
N GLN B 60 40.40 28.17 34.15
CA GLN B 60 41.63 27.73 34.82
C GLN B 60 42.22 28.73 35.82
N PRO B 61 42.44 29.99 35.40
CA PRO B 61 42.98 30.94 36.39
C PRO B 61 42.00 31.28 37.50
N LEU B 62 40.73 31.46 37.17
CA LEU B 62 39.72 31.77 38.19
C LEU B 62 39.46 30.57 39.09
N LEU B 63 39.58 29.38 38.52
CA LEU B 63 39.65 28.17 39.31
C LEU B 63 40.78 28.29 40.33
N GLU B 64 41.95 28.69 39.86
CA GLU B 64 43.11 28.90 40.73
C GLU B 64 42.84 29.95 41.79
N ILE B 65 41.97 30.91 41.46
CA ILE B 65 41.56 31.95 42.40
C ILE B 65 40.72 31.39 43.53
N ASP B 66 39.65 30.68 43.19
CA ASP B 66 38.80 30.04 44.22
C ASP B 66 39.62 29.06 45.05
N ARG B 67 40.54 28.37 44.39
CA ARG B 67 41.48 27.47 45.06
C ARG B 67 42.28 28.23 46.10
N ASP B 68 42.84 29.36 45.67
CA ASP B 68 43.64 30.24 46.53
C ASP B 68 42.85 30.83 47.69
N SER B 69 41.55 31.00 47.49
CA SER B 69 40.67 31.50 48.54
C SER B 69 40.68 30.56 49.75
N GLY B 70 40.89 29.26 49.53
CA GLY B 70 40.85 28.27 50.59
C GLY B 70 39.47 28.19 51.21
N ASN B 71 38.45 28.48 50.41
CA ASN B 71 37.06 28.59 50.91
C ASN B 71 36.52 27.24 51.42
N PRO B 72 35.62 27.26 52.44
CA PRO B 72 34.95 26.05 52.97
C PRO B 72 34.27 25.20 51.89
N GLN B 73 33.46 25.85 51.07
CA GLN B 73 32.85 25.20 49.91
C GLN B 73 33.26 25.97 48.65
N PRO B 74 34.03 25.32 47.73
CA PRO B 74 34.28 25.98 46.44
C PRO B 74 32.99 26.13 45.65
N LEU B 75 33.05 26.76 44.49
CA LEU B 75 31.86 27.10 43.72
C LEU B 75 31.23 25.87 43.00
N VAL B 76 31.96 24.75 42.94
CA VAL B 76 31.43 23.48 42.41
C VAL B 76 30.42 22.83 43.35
N ASN B 77 30.56 23.08 44.65
CA ASN B 77 29.60 22.58 45.65
C ASN B 77 28.22 23.24 45.52
N ALA B 78 28.12 24.29 44.71
CA ALA B 78 26.83 24.92 44.39
C ALA B 78 25.77 23.95 43.85
N GLN B 79 24.52 24.16 44.28
CA GLN B 79 23.38 23.32 43.96
C GLN B 79 22.36 24.08 43.10
N CYS B 80 22.14 23.63 41.86
CA CYS B 80 21.12 24.24 40.96
C CYS B 80 19.71 24.01 41.50
N THR B 81 18.83 24.98 41.29
CA THR B 81 17.52 24.98 41.96
C THR B 81 16.56 23.90 41.42
N ASP B 82 15.59 23.54 42.27
CA ASP B 82 14.66 22.44 42.02
C ASP B 82 13.73 22.58 40.80
N GLU B 83 13.19 21.43 40.39
CA GLU B 83 12.15 21.31 39.35
C GLU B 83 12.65 21.42 37.90
N TYR B 84 13.87 21.94 37.66
CA TYR B 84 14.44 22.00 36.30
C TYR B 84 15.76 21.25 36.22
N TYR B 85 16.72 21.64 37.04
CA TYR B 85 17.84 20.80 37.38
C TYR B 85 18.13 21.06 38.86
N ARG B 86 17.72 20.14 39.72
CA ARG B 86 17.83 20.31 41.19
C ARG B 86 19.21 19.86 41.73
N GLY B 87 19.96 20.78 42.32
CA GLY B 87 21.30 20.51 42.81
C GLY B 87 22.32 20.19 41.72
N HIS B 88 22.01 20.58 40.49
CA HIS B 88 22.88 20.30 39.34
C HIS B 88 24.17 21.12 39.47
N SER B 89 25.31 20.43 39.47
CA SER B 89 26.60 21.08 39.62
C SER B 89 26.96 21.86 38.35
N ALA B 90 27.80 22.87 38.54
CA ALA B 90 28.46 23.52 37.41
C ALA B 90 29.31 22.51 36.66
N LEU B 91 29.77 21.49 37.38
CA LEU B 91 30.42 20.33 36.78
C LEU B 91 29.52 19.64 35.78
N HIS B 92 28.31 19.33 36.23
CA HIS B 92 27.27 18.76 35.38
C HIS B 92 27.01 19.66 34.19
N ILE B 93 26.94 20.96 34.46
CA ILE B 93 26.83 21.95 33.40
C ILE B 93 27.97 21.83 32.38
N ALA B 94 29.17 21.60 32.89
CA ALA B 94 30.36 21.48 32.06
C ALA B 94 30.23 20.32 31.11
N ILE B 95 29.86 19.18 31.68
CA ILE B 95 29.60 17.98 30.90
C ILE B 95 28.56 18.24 29.85
N GLU B 96 27.51 18.97 30.27
CA GLU B 96 26.42 19.37 29.38
C GLU B 96 26.92 20.19 28.22
N LYS B 97 27.96 20.99 28.50
CA LYS B 97 28.60 21.84 27.51
C LYS B 97 29.62 21.08 26.68
N ARG B 98 29.92 19.85 27.11
CA ARG B 98 30.83 18.96 26.41
C ARG B 98 32.25 19.56 26.36
N SER B 99 32.71 20.12 27.49
CA SER B 99 34.09 20.61 27.64
C SER B 99 34.93 19.61 28.42
N LEU B 100 35.82 18.93 27.70
CA LEU B 100 36.66 17.87 28.25
C LEU B 100 37.69 18.46 29.21
N GLN B 101 38.42 19.46 28.71
CA GLN B 101 39.58 20.00 29.40
C GLN B 101 39.24 20.59 30.75
N CYS B 102 38.35 21.58 30.74
CA CYS B 102 37.96 22.28 31.98
C CYS B 102 37.27 21.36 32.98
N VAL B 103 36.59 20.33 32.47
CA VAL B 103 36.03 19.30 33.30
C VAL B 103 37.16 18.54 34.00
N LYS B 104 38.14 18.13 33.21
CA LYS B 104 39.34 17.47 33.71
C LYS B 104 40.02 18.32 34.76
N LEU B 105 39.92 19.64 34.58
CA LEU B 105 40.44 20.59 35.54
C LEU B 105 39.61 20.65 36.81
N LEU B 106 38.29 20.65 36.66
CA LEU B 106 37.36 20.69 37.79
C LEU B 106 37.63 19.52 38.69
N VAL B 107 37.75 18.37 38.05
CA VAL B 107 38.20 17.17 38.71
C VAL B 107 39.54 17.44 39.37
N GLU B 108 40.47 17.96 38.58
CA GLU B 108 41.80 18.35 39.08
C GLU B 108 41.69 19.42 40.17
N ASN B 109 40.63 20.22 40.09
CA ASN B 109 40.29 21.16 41.14
C ASN B 109 39.75 20.46 42.36
N GLY B 110 39.45 19.16 42.24
CA GLY B 110 38.96 18.34 43.33
C GLY B 110 37.46 18.28 43.38
N ALA B 111 36.78 18.54 42.25
CA ALA B 111 35.32 18.39 42.16
C ALA B 111 34.91 16.92 42.37
N ASN B 112 33.67 16.68 42.84
CA ASN B 112 33.23 15.34 43.24
C ASN B 112 32.14 14.76 42.34
N VAL B 113 32.09 13.42 42.33
CA VAL B 113 31.13 12.65 41.55
C VAL B 113 29.74 12.71 42.15
N HIS B 114 29.56 12.05 43.29
CA HIS B 114 28.22 11.77 43.85
C HIS B 114 27.36 13.03 43.98
N ALA B 115 26.20 13.03 43.32
CA ALA B 115 25.30 14.20 43.27
C ALA B 115 23.86 13.86 42.87
N LYS B 116 23.00 14.86 42.97
CA LYS B 116 21.63 14.81 42.43
C LYS B 116 21.45 15.98 41.48
N ALA B 117 21.10 15.70 40.22
CA ALA B 117 20.96 16.71 39.18
C ALA B 117 19.52 17.21 38.98
N CYS B 118 18.56 16.63 39.71
CA CYS B 118 17.13 16.86 39.47
C CYS B 118 16.28 16.30 40.61
N CYS B 129 14.95 18.58 33.43
CA CYS B 129 16.07 17.65 33.31
C CYS B 129 15.78 16.50 32.32
N PHE B 130 15.09 15.46 32.80
CA PHE B 130 14.80 14.26 32.02
C PHE B 130 16.03 13.48 31.52
N TYR B 131 17.20 13.79 32.09
CA TYR B 131 18.41 13.00 31.93
C TYR B 131 18.99 13.03 33.34
N PHE B 132 18.92 11.90 34.03
CA PHE B 132 18.96 11.94 35.49
C PHE B 132 20.38 12.10 36.02
N GLY B 133 21.31 11.35 35.43
CA GLY B 133 22.73 11.61 35.58
C GLY B 133 23.22 11.85 37.00
N GLU B 134 22.55 11.26 38.01
CA GLU B 134 22.92 11.48 39.40
C GLU B 134 24.39 11.07 39.64
N LEU B 135 24.85 10.06 38.91
CA LEU B 135 26.29 9.85 38.72
C LEU B 135 26.71 10.57 37.47
N PRO B 136 27.52 11.64 37.62
CA PRO B 136 28.05 12.40 36.49
C PRO B 136 28.62 11.52 35.38
N LEU B 137 29.19 10.37 35.75
CA LEU B 137 29.57 9.34 34.80
C LEU B 137 28.43 9.03 33.85
N SER B 138 27.27 8.78 34.43
CA SER B 138 26.09 8.49 33.66
C SER B 138 25.71 9.66 32.79
N LEU B 139 25.91 10.87 33.30
CA LEU B 139 25.67 12.06 32.49
C LEU B 139 26.53 12.04 31.23
N ALA B 140 27.79 11.72 31.43
CA ALA B 140 28.76 11.60 30.35
C ALA B 140 28.30 10.59 29.32
N ALA B 141 27.82 9.47 29.83
CA ALA B 141 27.28 8.40 29.00
C ALA B 141 26.11 8.91 28.18
N CYS B 142 25.24 9.66 28.84
CA CYS B 142 24.12 10.28 28.16
C CYS B 142 24.57 11.22 27.05
N THR B 143 25.72 11.86 27.25
CA THR B 143 26.31 12.72 26.24
C THR B 143 27.09 11.94 25.19
N LYS B 144 27.34 10.66 25.46
CA LYS B 144 27.98 9.76 24.52
C LYS B 144 29.42 10.18 24.18
N GLN B 145 30.24 10.41 25.22
CA GLN B 145 31.67 10.72 25.04
C GLN B 145 32.53 9.70 25.82
N TRP B 146 33.35 8.93 25.10
CA TRP B 146 34.23 7.93 25.73
C TRP B 146 35.32 8.61 26.54
N ASP B 147 36.03 9.50 25.85
CA ASP B 147 37.20 10.21 26.39
C ASP B 147 37.01 10.66 27.83
N VAL B 148 35.84 11.20 28.09
CA VAL B 148 35.50 11.71 29.40
C VAL B 148 35.26 10.60 30.41
N VAL B 149 34.70 9.49 29.96
CA VAL B 149 34.43 8.40 30.87
C VAL B 149 35.71 7.71 31.25
N ASN B 150 36.60 7.60 30.27
CA ASN B 150 37.92 7.09 30.51
C ASN B 150 38.67 8.08 31.39
N TYR B 151 38.34 9.37 31.23
CA TYR B 151 38.90 10.43 32.06
C TYR B 151 38.48 10.34 33.50
N LEU B 152 37.27 9.85 33.72
CA LEU B 152 36.79 9.56 35.06
C LEU B 152 37.55 8.38 35.58
N LEU B 153 37.64 7.37 34.71
CA LEU B 153 38.39 6.16 35.00
C LEU B 153 39.78 6.51 35.55
N GLU B 154 40.43 7.42 34.84
CA GLU B 154 41.75 7.92 35.18
C GLU B 154 41.66 9.09 36.13
N ASN B 155 41.03 10.14 35.64
CA ASN B 155 40.91 11.39 36.36
C ASN B 155 40.02 11.31 37.64
N PRO B 156 40.42 12.00 38.72
CA PRO B 156 41.74 12.67 38.74
C PRO B 156 42.77 11.55 38.69
N HIS B 157 42.55 10.62 39.56
CA HIS B 157 43.30 9.41 39.73
C HIS B 157 42.19 8.39 39.93
N PRO B 158 41.19 8.65 40.89
CA PRO B 158 40.23 7.55 41.01
C PRO B 158 39.18 7.60 39.91
N ALA B 159 38.34 6.57 39.90
CA ALA B 159 37.21 6.52 39.02
C ALA B 159 35.97 6.70 39.86
N ALA B 160 34.83 6.76 39.19
CA ALA B 160 33.54 6.65 39.84
C ALA B 160 33.11 5.20 39.77
N SER B 161 33.11 4.50 40.91
CA SER B 161 32.69 3.09 40.97
C SER B 161 31.30 2.95 40.39
N LEU B 162 31.16 2.09 39.39
CA LEU B 162 29.86 1.86 38.76
C LEU B 162 28.94 1.24 39.78
N GLN B 163 29.54 0.46 40.70
CA GLN B 163 28.83 -0.14 41.84
C GLN B 163 27.99 0.86 42.62
N ALA B 164 28.36 2.14 42.58
CA ALA B 164 27.54 3.19 43.16
C ALA B 164 26.23 3.38 42.41
N GLN B 165 25.16 3.60 43.18
CA GLN B 165 23.80 3.82 42.67
C GLN B 165 23.27 5.16 43.16
N ASP B 166 22.19 5.63 42.54
CA ASP B 166 21.60 6.95 42.86
C ASP B 166 20.45 6.82 43.86
N SER B 167 19.75 7.92 44.13
CA SER B 167 18.58 7.92 45.02
C SER B 167 17.42 7.07 44.50
N LEU B 168 17.27 7.03 43.17
CA LEU B 168 16.30 6.12 42.54
C LEU B 168 16.81 4.69 42.63
N GLY B 169 18.06 4.51 43.08
CA GLY B 169 18.70 3.23 43.15
C GLY B 169 19.23 2.86 41.78
N ASN B 170 18.83 3.59 40.73
CA ASN B 170 19.11 3.20 39.36
C ASN B 170 20.60 3.39 39.07
N THR B 171 21.28 2.28 38.79
CA THR B 171 22.70 2.29 38.46
C THR B 171 22.82 2.83 37.05
N VAL B 172 24.01 3.32 36.72
CA VAL B 172 24.34 3.83 35.38
C VAL B 172 23.71 3.05 34.25
N LEU B 173 23.82 1.73 34.34
CA LEU B 173 23.24 0.88 33.32
C LEU B 173 21.75 1.13 33.26
N HIS B 174 21.11 0.98 34.42
CA HIS B 174 19.69 1.23 34.55
C HIS B 174 19.32 2.54 33.93
N ALA B 175 20.17 3.54 34.17
CA ALA B 175 19.97 4.85 33.59
C ALA B 175 19.98 4.82 32.07
N LEU B 176 21.02 4.20 31.52
CA LEU B 176 21.13 4.06 30.07
C LEU B 176 19.84 3.51 29.49
N VAL B 177 19.38 2.43 30.12
CA VAL B 177 18.20 1.78 29.66
C VAL B 177 17.01 2.71 29.76
N MET B 178 16.94 3.48 30.84
CA MET B 178 15.86 4.43 31.02
C MET B 178 15.78 5.31 29.80
N ILE B 179 16.91 5.95 29.51
CA ILE B 179 16.94 6.89 28.43
C ILE B 179 16.95 6.22 27.09
N ALA B 180 17.26 4.93 27.08
CA ALA B 180 17.22 4.18 25.85
C ALA B 180 15.90 4.41 25.12
N ASP B 181 15.99 4.86 23.88
CA ASP B 181 14.82 5.32 23.13
C ASP B 181 14.57 4.36 21.96
N ASN B 182 13.48 4.56 21.25
CA ASN B 182 13.23 3.87 19.99
C ASN B 182 14.25 4.21 18.91
N SER B 183 14.61 5.50 18.81
CA SER B 183 15.44 6.04 17.72
C SER B 183 16.71 5.22 17.57
N PRO B 184 16.78 4.38 16.51
CA PRO B 184 17.85 3.40 16.33
C PRO B 184 19.25 4.01 16.15
N GLU B 185 19.33 5.27 15.72
CA GLU B 185 20.60 6.00 15.78
C GLU B 185 21.07 6.11 17.25
N ASN B 186 20.31 6.86 18.02
CA ASN B 186 20.55 7.04 19.45
C ASN B 186 20.66 5.69 20.16
N SER B 187 19.74 4.80 19.83
CA SER B 187 19.74 3.46 20.37
C SER B 187 21.05 2.74 20.11
N ALA B 188 21.56 2.88 18.89
CA ALA B 188 22.79 2.22 18.46
C ALA B 188 23.98 2.70 19.27
N LEU B 189 24.13 4.03 19.32
CA LEU B 189 25.25 4.60 20.09
C LEU B 189 25.17 4.18 21.55
N VAL B 190 23.95 4.14 22.06
CA VAL B 190 23.71 3.69 23.41
C VAL B 190 24.19 2.27 23.56
N VAL B 191 23.89 1.41 22.58
CA VAL B 191 24.35 0.03 22.64
C VAL B 191 25.86 -0.01 22.75
N ARG B 192 26.51 0.71 21.84
CA ARG B 192 27.96 0.76 21.73
C ARG B 192 28.58 1.10 23.08
N MET B 193 28.08 2.20 23.66
CA MET B 193 28.57 2.68 24.95
C MET B 193 28.18 1.76 26.08
N TYR B 194 27.05 1.07 25.93
CA TYR B 194 26.60 0.15 26.95
C TYR B 194 27.56 -1.01 27.10
N ASP B 195 27.78 -1.70 25.99
CA ASP B 195 28.68 -2.85 25.97
C ASP B 195 30.10 -2.41 26.31
N GLY B 196 30.46 -1.23 25.80
CA GLY B 196 31.75 -0.63 26.05
C GLY B 196 31.99 -0.40 27.53
N LEU B 197 31.00 0.14 28.22
CA LEU B 197 31.10 0.38 29.66
C LEU B 197 31.09 -0.93 30.42
N LEU B 198 30.35 -1.90 29.86
CA LEU B 198 30.29 -3.23 30.42
C LEU B 198 31.69 -3.82 30.51
N GLN B 199 32.35 -3.88 29.36
CA GLN B 199 33.71 -4.42 29.23
C GLN B 199 34.70 -3.55 29.98
N ALA B 200 34.41 -2.25 30.04
CA ALA B 200 35.24 -1.33 30.76
C ALA B 200 35.33 -1.71 32.23
N GLY B 201 34.19 -1.60 32.93
CA GLY B 201 34.12 -1.96 34.34
C GLY B 201 34.54 -3.38 34.57
N ALA B 202 34.22 -4.25 33.61
CA ALA B 202 34.65 -5.64 33.66
C ALA B 202 36.17 -5.80 33.52
N ARG B 203 36.82 -4.82 32.91
CA ARG B 203 38.27 -4.80 32.79
C ARG B 203 38.91 -4.04 33.93
N LEU B 204 38.10 -3.37 34.73
CA LEU B 204 38.61 -2.48 35.76
C LEU B 204 38.22 -2.91 37.17
N CYS B 205 36.94 -3.16 37.45
CA CYS B 205 36.50 -3.73 38.74
C CYS B 205 37.41 -4.86 39.26
N PRO B 206 37.88 -5.77 38.39
CA PRO B 206 37.23 -6.22 37.14
C PRO B 206 36.09 -7.18 37.49
N ASN B 207 36.26 -7.87 38.62
CA ASN B 207 35.33 -8.92 39.09
C ASN B 207 34.41 -8.46 40.24
N VAL B 208 33.13 -8.31 39.90
CA VAL B 208 32.02 -8.00 40.81
C VAL B 208 30.78 -8.06 39.88
N GLN B 209 29.56 -8.11 40.42
CA GLN B 209 28.36 -8.12 39.58
C GLN B 209 28.05 -6.69 39.13
N LEU B 210 28.35 -6.41 37.86
CA LEU B 210 28.07 -5.12 37.25
C LEU B 210 26.57 -5.01 36.93
N GLU B 211 25.96 -6.14 36.58
CA GLU B 211 24.52 -6.21 36.38
C GLU B 211 23.92 -7.03 37.49
N GLY B 212 22.63 -6.82 37.74
CA GLY B 212 21.92 -7.53 38.78
C GLY B 212 21.68 -6.72 40.02
N ILE B 213 21.98 -5.42 39.98
CA ILE B 213 21.71 -4.58 41.11
C ILE B 213 20.27 -4.07 41.01
N PRO B 214 19.45 -4.40 42.02
CA PRO B 214 18.04 -3.98 42.09
C PRO B 214 17.84 -2.45 41.99
N ASN B 215 16.97 -2.00 41.08
CA ASN B 215 16.53 -0.63 41.00
C ASN B 215 15.59 -0.27 42.14
N LEU B 216 14.96 0.90 42.04
CA LEU B 216 13.96 1.34 43.03
C LEU B 216 13.00 0.21 43.38
N GLU B 217 12.14 -0.14 42.42
CA GLU B 217 11.53 -1.46 42.39
C GLU B 217 12.67 -2.36 41.94
N GLY B 218 12.98 -3.38 42.73
CA GLY B 218 14.14 -4.20 42.46
C GLY B 218 14.11 -4.73 41.04
N LEU B 219 15.14 -4.41 40.28
CA LEU B 219 15.21 -4.75 38.86
C LEU B 219 16.66 -4.91 38.40
N THR B 220 16.90 -5.97 37.63
CA THR B 220 18.07 -6.01 36.81
C THR B 220 17.83 -4.94 35.76
N PRO B 221 18.90 -4.36 35.23
CA PRO B 221 18.76 -3.41 34.13
C PRO B 221 18.00 -3.96 32.94
N LEU B 222 18.09 -5.27 32.74
CA LEU B 222 17.30 -5.96 31.75
C LEU B 222 15.82 -5.98 32.15
N LYS B 223 15.57 -6.39 33.38
CA LYS B 223 14.22 -6.35 33.94
C LYS B 223 13.66 -4.93 33.78
N LEU B 224 14.48 -3.97 34.17
CA LEU B 224 14.16 -2.56 33.99
C LEU B 224 13.82 -2.25 32.55
N ALA B 225 14.49 -2.91 31.62
CA ALA B 225 14.19 -2.71 30.20
C ALA B 225 12.77 -3.10 29.90
N ALA B 226 12.43 -4.25 30.45
CA ALA B 226 11.11 -4.79 30.23
C ALA B 226 10.06 -3.83 30.72
N LYS B 227 10.07 -3.55 32.03
CA LYS B 227 9.04 -2.73 32.66
C LYS B 227 8.93 -1.39 32.00
N GLU B 228 10.08 -0.81 31.65
CA GLU B 228 10.10 0.47 30.94
C GLU B 228 9.66 0.34 29.49
N GLY B 229 9.49 -0.89 29.00
CA GLY B 229 9.08 -1.13 27.64
C GLY B 229 10.20 -0.78 26.68
N LYS B 230 11.44 -1.10 27.05
CA LYS B 230 12.61 -0.91 26.19
C LYS B 230 12.64 -2.01 25.13
N ILE B 231 13.25 -1.75 23.98
CA ILE B 231 13.06 -2.64 22.82
C ILE B 231 14.33 -3.11 22.11
N GLU B 232 15.07 -2.17 21.53
CA GLU B 232 16.14 -2.48 20.61
C GLU B 232 17.29 -3.00 21.45
N ILE B 233 17.56 -2.27 22.52
CA ILE B 233 18.61 -2.64 23.43
C ILE B 233 18.26 -3.90 24.18
N PHE B 234 16.98 -4.20 24.29
CA PHE B 234 16.55 -5.48 24.84
C PHE B 234 17.01 -6.58 23.90
N LYS B 235 16.79 -6.37 22.61
CA LYS B 235 17.30 -7.31 21.60
C LYS B 235 18.80 -7.52 21.79
N HIS B 236 19.52 -6.38 21.85
CA HIS B 236 20.98 -6.39 22.00
C HIS B 236 21.39 -7.12 23.27
N ILE B 237 20.98 -6.62 24.43
CA ILE B 237 21.35 -7.23 25.71
C ILE B 237 21.04 -8.68 25.79
N LEU B 238 20.01 -9.08 25.06
CA LEU B 238 19.65 -10.45 25.03
C LEU B 238 20.64 -11.28 24.21
N GLN B 239 20.73 -10.98 22.93
CA GLN B 239 21.67 -11.64 22.02
C GLN B 239 22.96 -10.83 21.96
N ARG B 240 24.04 -11.28 22.64
CA ARG B 240 25.31 -10.51 22.66
C ARG B 240 26.49 -11.35 22.21
N GLU B 241 27.55 -10.66 21.80
CA GLU B 241 28.85 -11.26 21.52
C GLU B 241 29.93 -10.42 22.21
N PHE B 242 30.64 -11.05 23.15
CA PHE B 242 31.73 -10.43 23.87
C PHE B 242 32.96 -11.30 23.68
N SER B 243 32.98 -12.49 24.31
CA SER B 243 34.11 -13.41 24.16
C SER B 243 35.44 -12.77 24.69
N ALA B 244 36.47 -12.66 23.85
CA ALA B 244 37.79 -12.15 24.27
C ALA B 244 37.76 -10.69 24.82
N PRO B 245 38.73 -10.27 25.67
CA PRO B 245 39.72 -11.16 26.33
C PRO B 245 39.09 -12.05 27.42
N CYS B 246 38.53 -11.40 28.44
CA CYS B 246 37.79 -12.05 29.51
C CYS B 246 36.30 -11.83 29.28
N GLN B 247 35.93 -11.11 28.20
CA GLN B 247 34.55 -10.66 28.00
C GLN B 247 33.59 -11.84 27.92
N SER B 248 34.13 -13.03 27.67
CA SER B 248 33.39 -14.27 27.78
C SER B 248 33.09 -14.64 29.25
N LEU B 249 33.70 -13.98 30.23
CA LEU B 249 33.28 -14.15 31.63
C LEU B 249 31.93 -13.45 31.82
N SER B 250 31.72 -12.35 31.09
CA SER B 250 30.41 -11.70 31.02
C SER B 250 29.48 -12.60 30.21
N ARG B 251 30.09 -13.30 29.24
CA ARG B 251 29.46 -14.42 28.54
C ARG B 251 28.60 -13.93 27.41
N LYS B 252 28.28 -12.63 27.37
CA LYS B 252 27.41 -12.06 26.36
C LYS B 252 26.07 -12.84 26.10
N PHE B 253 25.67 -13.70 27.05
CA PHE B 253 24.52 -14.58 26.91
C PHE B 253 24.55 -15.56 25.75
N THR B 254 25.74 -15.89 25.25
CA THR B 254 25.84 -16.74 24.08
C THR B 254 27.01 -17.72 24.15
N GLU B 255 26.84 -18.75 23.33
CA GLU B 255 27.88 -19.69 23.05
C GLU B 255 27.56 -20.31 21.68
N TRP B 256 28.44 -21.18 21.23
CA TRP B 256 28.26 -21.90 19.96
C TRP B 256 29.07 -23.18 19.98
N CYS B 257 28.58 -24.23 19.30
CA CYS B 257 29.36 -25.47 19.11
C CYS B 257 28.66 -26.42 18.14
N TYR B 258 29.42 -27.42 17.68
CA TYR B 258 28.93 -28.56 16.90
C TYR B 258 27.93 -28.22 15.77
N GLY B 259 28.31 -27.24 14.95
CA GLY B 259 27.54 -26.87 13.80
C GLY B 259 28.38 -26.29 12.67
N PRO B 260 28.03 -26.62 11.42
CA PRO B 260 28.58 -25.91 10.26
C PRO B 260 28.15 -24.45 10.26
N VAL B 261 26.90 -24.19 10.62
CA VAL B 261 26.39 -22.84 10.86
C VAL B 261 25.79 -22.72 12.29
N ARG B 262 26.61 -22.26 13.25
CA ARG B 262 26.19 -21.73 14.53
C ARG B 262 25.06 -22.50 15.25
N VAL B 263 25.33 -23.70 15.76
CA VAL B 263 24.37 -24.39 16.66
C VAL B 263 24.67 -23.95 18.11
N SER B 264 23.83 -23.06 18.65
CA SER B 264 24.19 -22.18 19.76
C SER B 264 23.47 -22.50 21.06
N LEU B 265 24.13 -22.21 22.19
CA LEU B 265 23.55 -22.34 23.52
C LEU B 265 23.23 -20.95 24.12
N TYR B 266 22.06 -20.82 24.76
CA TYR B 266 21.64 -19.59 25.44
C TYR B 266 21.58 -19.72 26.94
N ASP B 267 21.93 -18.63 27.60
CA ASP B 267 21.91 -18.56 29.06
C ASP B 267 20.58 -17.98 29.48
N LEU B 268 19.72 -18.83 29.99
CA LEU B 268 18.44 -18.39 30.57
C LEU B 268 18.72 -18.18 32.05
N ALA B 269 18.88 -16.92 32.47
CA ALA B 269 19.24 -16.63 33.85
C ALA B 269 18.09 -15.92 34.55
N SER B 270 17.89 -14.64 34.23
CA SER B 270 16.75 -13.91 34.72
C SER B 270 15.51 -14.22 33.87
N VAL B 271 15.69 -14.92 32.74
CA VAL B 271 14.60 -15.34 31.88
C VAL B 271 14.02 -16.71 32.28
N ASP B 272 14.52 -17.31 33.36
CA ASP B 272 14.32 -18.75 33.63
C ASP B 272 12.87 -19.20 33.84
N SER B 273 11.94 -18.25 33.87
CA SER B 273 10.52 -18.51 33.85
C SER B 273 9.94 -19.16 35.13
N TRP B 274 10.78 -19.54 36.09
CA TRP B 274 10.32 -20.00 37.41
C TRP B 274 10.88 -19.16 38.53
N GLU B 275 12.21 -19.04 38.60
CA GLU B 275 12.88 -18.41 39.71
C GLU B 275 12.36 -16.98 39.87
N GLU B 276 11.80 -16.67 41.05
CA GLU B 276 11.31 -15.33 41.37
C GLU B 276 10.36 -14.83 40.29
N ASN B 277 10.56 -13.60 39.83
CA ASN B 277 9.82 -13.06 38.69
C ASN B 277 10.73 -12.89 37.46
N SER B 278 10.55 -13.80 36.49
CA SER B 278 11.38 -13.84 35.30
C SER B 278 11.11 -12.65 34.39
N VAL B 279 12.03 -12.41 33.47
CA VAL B 279 11.82 -11.44 32.40
C VAL B 279 10.46 -11.69 31.75
N LEU B 280 10.16 -12.95 31.48
CA LEU B 280 8.86 -13.33 30.97
C LEU B 280 7.79 -12.88 31.96
N GLU B 281 7.94 -13.29 33.21
CA GLU B 281 6.95 -12.96 34.23
C GLU B 281 6.74 -11.45 34.38
N ILE B 282 7.77 -10.67 34.05
CA ILE B 282 7.68 -9.22 34.08
C ILE B 282 6.85 -8.77 32.92
N ILE B 283 7.34 -9.03 31.73
CA ILE B 283 6.71 -8.53 30.51
C ILE B 283 5.25 -8.91 30.42
N ALA B 284 4.95 -10.09 30.93
CA ALA B 284 3.61 -10.63 30.91
C ALA B 284 2.60 -9.75 31.59
N PHE B 285 2.87 -9.38 32.83
CA PHE B 285 1.86 -8.68 33.62
C PHE B 285 2.36 -7.33 34.04
N HIS B 286 3.34 -7.30 34.94
CA HIS B 286 3.84 -6.08 35.57
C HIS B 286 4.11 -4.96 34.55
N SER B 287 4.60 -5.36 33.37
CA SER B 287 5.01 -4.40 32.36
C SER B 287 3.88 -3.53 31.88
N ARG B 288 4.03 -2.21 32.02
CA ARG B 288 3.22 -1.27 31.25
C ARG B 288 3.82 -1.27 29.86
N SER B 289 3.04 -0.88 28.87
CA SER B 289 3.54 -1.01 27.52
C SER B 289 2.74 -0.26 26.49
N PRO B 290 3.42 0.53 25.63
CA PRO B 290 2.78 0.99 24.40
C PRO B 290 2.47 -0.20 23.53
N HIS B 291 3.49 -1.01 23.30
CA HIS B 291 3.37 -2.24 22.55
C HIS B 291 4.33 -3.28 23.06
N ARG B 292 3.78 -4.27 23.76
CA ARG B 292 4.51 -5.42 24.26
C ARG B 292 4.51 -6.53 23.21
N HIS B 293 3.58 -6.42 22.26
CA HIS B 293 3.36 -7.45 21.25
C HIS B 293 4.61 -7.78 20.49
N ARG B 294 5.55 -6.85 20.45
CA ARG B 294 6.81 -7.04 19.78
C ARG B 294 7.75 -7.95 20.54
N MET B 295 7.84 -7.72 21.83
CA MET B 295 8.96 -8.26 22.60
C MET B 295 8.99 -9.76 22.68
N VAL B 296 7.84 -10.40 22.84
CA VAL B 296 7.84 -11.87 22.87
C VAL B 296 8.26 -12.52 21.54
N VAL B 297 8.25 -11.74 20.45
CA VAL B 297 8.73 -12.21 19.16
C VAL B 297 10.24 -12.46 19.11
N LEU B 298 10.97 -11.98 20.12
CA LEU B 298 12.41 -12.22 20.19
C LEU B 298 12.72 -13.71 20.26
N GLU B 299 13.74 -14.10 19.51
CA GLU B 299 14.06 -15.50 19.28
C GLU B 299 14.31 -16.33 20.56
N PRO B 300 15.27 -15.87 21.42
CA PRO B 300 15.59 -16.67 22.60
C PRO B 300 14.41 -16.86 23.52
N LEU B 301 13.36 -16.06 23.32
CA LEU B 301 12.09 -16.25 23.98
C LEU B 301 11.25 -17.30 23.28
N ASN B 302 10.77 -16.97 22.08
CA ASN B 302 9.75 -17.79 21.43
C ASN B 302 10.17 -19.22 21.20
N LYS B 303 11.47 -19.46 21.08
CA LYS B 303 11.94 -20.83 21.09
C LYS B 303 11.53 -21.48 22.39
N LEU B 304 11.90 -20.84 23.51
CA LEU B 304 11.54 -21.33 24.83
C LEU B 304 10.04 -21.50 24.95
N LEU B 305 9.32 -20.45 24.55
CA LEU B 305 7.87 -20.44 24.66
C LEU B 305 7.28 -21.63 23.96
N GLN B 306 7.49 -21.70 22.65
CA GLN B 306 6.96 -22.79 21.86
C GLN B 306 7.28 -24.15 22.48
N ALA B 307 8.51 -24.27 22.96
CA ALA B 307 8.90 -25.47 23.65
C ALA B 307 7.98 -25.74 24.82
N LYS B 308 7.84 -24.75 25.69
CA LYS B 308 6.98 -24.86 26.87
C LYS B 308 5.55 -25.21 26.51
N TRP B 309 5.14 -24.74 25.35
CA TRP B 309 3.80 -25.01 24.85
C TRP B 309 3.65 -26.47 24.53
N ASP B 310 4.50 -26.93 23.61
CA ASP B 310 4.57 -28.34 23.20
C ASP B 310 4.52 -29.22 24.43
N ARG B 311 5.38 -28.83 25.38
CA ARG B 311 5.40 -29.40 26.69
C ARG B 311 4.03 -29.37 27.38
N LEU B 312 3.30 -28.26 27.27
CA LEU B 312 2.11 -28.01 28.09
C LEU B 312 0.75 -28.43 27.56
N ILE B 313 0.62 -28.83 26.29
CA ILE B 313 -0.72 -28.96 25.68
C ILE B 313 -1.69 -29.88 26.40
N PRO B 314 -1.32 -31.15 26.62
CA PRO B 314 -2.36 -32.11 27.02
C PRO B 314 -3.18 -31.66 28.23
N ARG B 315 -2.51 -31.01 29.17
CA ARG B 315 -3.23 -30.46 30.31
C ARG B 315 -4.22 -29.40 29.85
N PHE B 316 -3.80 -28.58 28.89
CA PHE B 316 -4.65 -27.52 28.33
C PHE B 316 -5.89 -28.07 27.72
N CYS B 317 -5.71 -28.95 26.75
CA CYS B 317 -6.86 -29.50 26.05
C CYS B 317 -7.76 -30.29 27.02
N PHE B 318 -7.14 -30.94 28.01
CA PHE B 318 -7.94 -31.55 29.06
C PHE B 318 -8.83 -30.53 29.73
N ASN B 319 -8.22 -29.44 30.20
CA ASN B 319 -8.98 -28.45 30.96
C ASN B 319 -10.15 -27.98 30.13
N PHE B 320 -9.85 -27.70 28.88
CA PHE B 320 -10.85 -27.36 27.89
C PHE B 320 -12.01 -28.34 27.92
N LEU B 321 -11.66 -29.60 27.80
CA LEU B 321 -12.66 -30.65 27.69
C LEU B 321 -13.55 -30.65 28.92
N CYS B 322 -12.93 -30.52 30.08
CA CYS B 322 -13.69 -30.43 31.32
C CYS B 322 -14.72 -29.34 31.21
N TYR B 323 -14.25 -28.18 30.81
CA TYR B 323 -15.12 -27.02 30.72
C TYR B 323 -16.33 -27.31 29.87
N LEU B 324 -16.03 -27.93 28.73
CA LEU B 324 -17.03 -28.26 27.74
C LEU B 324 -18.09 -29.14 28.36
N VAL B 325 -17.63 -30.20 29.00
CA VAL B 325 -18.51 -31.10 29.71
C VAL B 325 -19.43 -30.32 30.64
N TYR B 326 -18.83 -29.43 31.39
CA TYR B 326 -19.56 -28.66 32.34
C TYR B 326 -20.70 -27.95 31.66
N MET B 327 -20.40 -27.31 30.53
CA MET B 327 -21.42 -26.63 29.76
C MET B 327 -22.55 -27.53 29.36
N LEU B 328 -22.21 -28.68 28.83
CA LEU B 328 -23.22 -29.66 28.44
C LEU B 328 -24.21 -29.87 29.57
N ILE B 329 -23.64 -30.11 30.74
CA ILE B 329 -24.41 -30.34 31.93
C ILE B 329 -25.31 -29.17 32.22
N PHE B 330 -24.73 -27.99 32.18
CA PHE B 330 -25.43 -26.77 32.52
C PHE B 330 -26.66 -26.67 31.65
N THR B 331 -26.42 -26.86 30.35
CA THR B 331 -27.42 -26.80 29.31
C THR B 331 -28.58 -27.72 29.60
N ALA B 332 -28.27 -28.99 29.77
CA ALA B 332 -29.28 -30.01 30.04
C ALA B 332 -30.08 -29.62 31.27
N VAL B 333 -29.37 -29.30 32.35
CA VAL B 333 -29.97 -28.85 33.60
C VAL B 333 -30.99 -27.75 33.39
N ALA B 334 -30.70 -26.88 32.42
CA ALA B 334 -31.61 -25.82 32.07
C ALA B 334 -32.80 -26.31 31.26
N TYR B 335 -32.51 -26.91 30.11
CA TYR B 335 -33.52 -27.35 29.15
C TYR B 335 -34.52 -28.33 29.75
N HIS B 336 -34.04 -29.46 30.26
CA HIS B 336 -34.93 -30.45 30.91
C HIS B 336 -35.52 -29.95 32.21
N GLN B 337 -35.05 -28.84 32.75
CA GLN B 337 -35.69 -28.24 33.91
C GLN B 337 -37.13 -27.86 33.58
N PRO B 338 -38.09 -28.44 34.32
CA PRO B 338 -39.50 -28.11 34.10
C PRO B 338 -39.89 -26.72 34.66
N ALA B 339 -41.19 -26.45 34.64
CA ALA B 339 -41.79 -25.26 35.26
C ALA B 339 -41.72 -25.22 36.79
N LEU B 340 -41.24 -26.31 37.43
CA LEU B 340 -40.95 -26.29 38.87
C LEU B 340 -39.76 -25.34 39.19
N ALA B 352 -32.25 -40.82 36.34
CA ALA B 352 -32.78 -39.51 36.01
C ALA B 352 -33.69 -38.95 37.16
N GLY B 353 -34.86 -38.42 36.82
CA GLY B 353 -35.85 -38.05 37.81
C GLY B 353 -35.43 -36.89 38.69
N ASN B 354 -36.21 -36.69 39.75
CA ASN B 354 -35.95 -35.62 40.74
C ASN B 354 -34.55 -35.79 41.37
N SER B 355 -34.11 -37.04 41.48
CA SER B 355 -32.78 -37.37 41.98
C SER B 355 -31.70 -36.69 41.13
N MET B 356 -31.68 -37.06 39.84
CA MET B 356 -30.69 -36.51 38.93
C MET B 356 -30.92 -35.03 38.69
N LEU B 357 -32.12 -34.55 38.99
CA LEU B 357 -32.44 -33.13 38.96
C LEU B 357 -31.64 -32.39 40.02
N LEU B 358 -31.80 -32.84 41.26
CA LEU B 358 -31.03 -32.30 42.39
C LEU B 358 -29.55 -32.45 42.09
N LEU B 359 -29.16 -33.58 41.50
CA LEU B 359 -27.79 -33.79 41.04
C LEU B 359 -27.34 -32.70 40.10
N GLY B 360 -28.22 -32.35 39.17
CA GLY B 360 -27.92 -31.33 38.20
C GLY B 360 -27.57 -30.05 38.93
N HIS B 361 -28.53 -29.57 39.71
CA HIS B 361 -28.37 -28.31 40.41
C HIS B 361 -27.11 -28.29 41.26
N ILE B 362 -26.87 -29.37 41.97
CA ILE B 362 -25.72 -29.46 42.85
C ILE B 362 -24.45 -29.40 42.04
N LEU B 363 -24.37 -30.20 40.99
CA LEU B 363 -23.21 -30.20 40.12
C LEU B 363 -22.90 -28.81 39.61
N ILE B 364 -23.93 -28.10 39.18
CA ILE B 364 -23.81 -26.71 38.80
C ILE B 364 -23.15 -25.94 39.91
N LEU B 365 -23.71 -26.07 41.11
CA LEU B 365 -23.19 -25.33 42.25
C LEU B 365 -21.72 -25.59 42.50
N LEU B 366 -21.32 -26.84 42.32
CA LEU B 366 -19.93 -27.25 42.47
C LEU B 366 -19.01 -26.60 41.42
N GLY B 367 -19.41 -26.68 40.16
CA GLY B 367 -18.67 -26.01 39.10
C GLY B 367 -18.54 -24.54 39.43
N GLY B 368 -19.68 -23.95 39.78
CA GLY B 368 -19.76 -22.53 40.06
C GLY B 368 -18.80 -22.09 41.13
N VAL B 369 -18.84 -22.77 42.27
CA VAL B 369 -17.94 -22.44 43.36
C VAL B 369 -16.49 -22.61 42.96
N TYR B 370 -16.23 -23.68 42.20
CA TYR B 370 -14.89 -23.97 41.76
C TYR B 370 -14.33 -22.77 41.01
N LEU B 371 -15.01 -22.41 39.94
CA LEU B 371 -14.55 -21.35 39.07
C LEU B 371 -14.41 -20.08 39.86
N LEU B 372 -15.45 -19.72 40.59
CA LEU B 372 -15.44 -18.42 41.22
C LEU B 372 -14.29 -18.31 42.18
N LEU B 373 -13.96 -19.44 42.80
CA LEU B 373 -12.76 -19.52 43.62
C LEU B 373 -11.52 -19.26 42.78
N GLY B 374 -11.37 -20.04 41.72
CA GLY B 374 -10.25 -20.01 40.80
C GLY B 374 -9.91 -18.61 40.34
N GLN B 375 -10.87 -18.04 39.63
CA GLN B 375 -10.74 -16.70 39.10
C GLN B 375 -10.52 -15.72 40.23
N LEU B 376 -11.17 -15.95 41.36
CA LEU B 376 -11.00 -15.07 42.49
C LEU B 376 -9.51 -14.93 42.87
N TRP B 377 -8.93 -16.05 43.30
CA TRP B 377 -7.55 -15.98 43.77
C TRP B 377 -6.64 -15.63 42.61
N TYR B 378 -7.10 -15.83 41.38
CA TYR B 378 -6.40 -15.27 40.23
C TYR B 378 -6.22 -13.77 40.37
N PHE B 379 -7.32 -13.07 40.62
CA PHE B 379 -7.22 -11.63 40.88
C PHE B 379 -6.32 -11.34 42.08
N TRP B 380 -6.47 -12.14 43.12
CA TRP B 380 -5.65 -12.01 44.34
C TRP B 380 -4.19 -12.06 44.01
N ARG B 381 -3.86 -13.00 43.15
CA ARG B 381 -2.50 -13.21 42.67
C ARG B 381 -2.06 -12.00 41.88
N ARG B 382 -3.03 -11.31 41.27
CA ARG B 382 -2.76 -10.03 40.67
C ARG B 382 -2.78 -8.93 41.68
N ARG B 383 -2.96 -9.24 42.96
CA ARG B 383 -2.86 -8.25 44.03
C ARG B 383 -3.90 -7.17 43.78
N LEU B 384 -4.94 -7.51 43.02
CA LEU B 384 -5.79 -6.50 42.40
C LEU B 384 -4.96 -5.47 41.60
N PHE B 385 -4.04 -5.99 40.80
CA PHE B 385 -3.25 -5.17 39.89
C PHE B 385 -4.21 -4.44 38.96
N ILE B 386 -3.99 -3.14 38.77
CA ILE B 386 -4.82 -2.34 37.86
C ILE B 386 -4.75 -2.96 36.47
N TRP B 387 -5.86 -3.53 35.96
CA TRP B 387 -5.84 -4.22 34.69
C TRP B 387 -6.08 -3.23 33.55
N ILE B 388 -4.98 -2.84 32.92
CA ILE B 388 -4.98 -2.25 31.60
C ILE B 388 -4.88 -3.40 30.61
N SER B 389 -4.79 -4.62 31.15
CA SER B 389 -4.72 -5.83 30.38
C SER B 389 -6.08 -6.25 29.85
N PHE B 390 -7.12 -5.45 30.13
CA PHE B 390 -8.47 -5.73 29.70
C PHE B 390 -8.53 -6.27 28.30
N MET B 391 -7.77 -5.65 27.41
CA MET B 391 -7.68 -6.09 26.03
C MET B 391 -7.29 -7.57 25.93
N ASP B 392 -6.32 -7.98 26.73
CA ASP B 392 -5.94 -9.39 26.80
C ASP B 392 -6.81 -10.20 27.77
N SER B 393 -7.26 -9.56 28.84
CA SER B 393 -7.80 -10.27 30.00
C SER B 393 -9.31 -10.45 30.06
N TYR B 394 -10.05 -9.96 29.07
CA TYR B 394 -11.50 -9.93 29.18
C TYR B 394 -12.12 -11.25 29.52
N PHE B 395 -11.56 -12.32 28.97
CA PHE B 395 -12.00 -13.65 29.31
C PHE B 395 -12.02 -13.95 30.78
N GLU B 396 -10.93 -13.62 31.48
CA GLU B 396 -10.86 -13.75 32.95
C GLU B 396 -12.12 -13.20 33.62
N ILE B 397 -12.42 -11.96 33.28
CA ILE B 397 -13.59 -11.30 33.80
C ILE B 397 -14.86 -12.09 33.50
N LEU B 398 -15.02 -12.40 32.24
CA LEU B 398 -16.19 -13.12 31.81
C LEU B 398 -16.37 -14.40 32.61
N PHE B 399 -15.29 -15.12 32.87
CA PHE B 399 -15.40 -16.29 33.68
C PHE B 399 -15.99 -15.89 35.01
N LEU B 400 -15.35 -14.92 35.64
CA LEU B 400 -15.70 -14.56 36.99
C LEU B 400 -17.18 -14.27 37.10
N LEU B 401 -17.61 -13.40 36.20
CA LEU B 401 -18.96 -12.90 36.17
C LEU B 401 -19.94 -14.05 35.94
N GLN B 402 -19.63 -14.89 34.97
CA GLN B 402 -20.39 -16.10 34.77
C GLN B 402 -20.58 -16.88 36.06
N ALA B 403 -19.45 -17.19 36.67
CA ALA B 403 -19.41 -18.06 37.82
C ALA B 403 -20.35 -17.53 38.89
N LEU B 404 -20.13 -16.27 39.24
CA LEU B 404 -20.89 -15.68 40.31
C LEU B 404 -22.38 -15.71 40.00
N LEU B 405 -22.71 -15.55 38.73
CA LEU B 405 -24.10 -15.62 38.33
C LEU B 405 -24.66 -17.01 38.49
N THR B 406 -23.82 -18.01 38.23
CA THR B 406 -24.26 -19.36 38.33
C THR B 406 -24.67 -19.68 39.76
N VAL B 407 -23.72 -19.51 40.66
CA VAL B 407 -23.94 -19.80 42.07
C VAL B 407 -25.03 -18.97 42.65
N LEU B 408 -25.11 -17.73 42.20
CA LEU B 408 -26.21 -16.88 42.62
C LEU B 408 -27.55 -17.47 42.20
N SER B 409 -27.58 -17.96 40.97
CA SER B 409 -28.77 -18.62 40.46
C SER B 409 -29.27 -19.75 41.35
N GLN B 410 -28.34 -20.60 41.73
CA GLN B 410 -28.72 -21.71 42.59
C GLN B 410 -29.06 -21.28 43.99
N VAL B 411 -28.46 -20.19 44.44
CA VAL B 411 -28.82 -19.60 45.72
C VAL B 411 -30.29 -19.30 45.70
N LEU B 412 -30.69 -18.52 44.72
CA LEU B 412 -32.09 -18.15 44.62
C LEU B 412 -32.97 -19.36 44.18
N CYS B 413 -32.37 -20.48 43.76
CA CYS B 413 -33.11 -21.73 43.55
C CYS B 413 -33.53 -22.36 44.87
N PHE B 414 -32.57 -22.49 45.78
CA PHE B 414 -32.82 -23.08 47.09
C PHE B 414 -33.72 -22.15 47.89
N LEU B 415 -33.34 -20.87 47.90
CA LEU B 415 -34.16 -19.83 48.52
C LEU B 415 -35.50 -19.67 47.82
N ALA B 416 -35.58 -20.18 46.60
CA ALA B 416 -36.81 -20.21 45.81
C ALA B 416 -37.28 -18.78 45.51
N ILE B 417 -36.33 -17.92 45.14
CA ILE B 417 -36.64 -16.55 44.74
C ILE B 417 -37.36 -16.54 43.38
N GLU B 418 -38.12 -15.47 43.15
CA GLU B 418 -38.94 -15.31 41.94
C GLU B 418 -38.13 -15.47 40.67
N TRP B 419 -37.19 -14.53 40.48
CA TRP B 419 -36.35 -14.49 39.29
C TRP B 419 -35.13 -15.34 39.57
N TYR B 420 -35.06 -16.53 39.02
CA TYR B 420 -33.82 -17.27 39.09
C TYR B 420 -33.37 -17.68 37.71
N LEU B 421 -34.27 -18.37 36.99
CA LEU B 421 -33.98 -18.90 35.67
C LEU B 421 -33.52 -17.82 34.71
N PRO B 422 -34.05 -16.56 34.84
CA PRO B 422 -33.44 -15.55 33.97
C PRO B 422 -31.94 -15.39 34.23
N LEU B 423 -31.56 -15.31 35.50
CA LEU B 423 -30.15 -15.15 35.85
C LEU B 423 -29.40 -16.38 35.41
N LEU B 424 -30.04 -17.54 35.60
CA LEU B 424 -29.45 -18.79 35.23
C LEU B 424 -29.08 -18.79 33.78
N VAL B 425 -30.09 -18.64 32.94
CA VAL B 425 -29.87 -18.74 31.50
C VAL B 425 -28.97 -17.66 31.01
N SER B 426 -28.96 -16.51 31.69
CA SER B 426 -27.99 -15.51 31.35
C SER B 426 -26.60 -16.10 31.53
N SER B 427 -26.38 -16.71 32.68
CA SER B 427 -25.15 -17.40 32.92
C SER B 427 -24.87 -18.48 31.91
N LEU B 428 -25.92 -19.13 31.42
CA LEU B 428 -25.75 -20.09 30.37
C LEU B 428 -25.19 -19.47 29.09
N VAL B 429 -25.98 -18.57 28.51
CA VAL B 429 -25.70 -17.95 27.22
C VAL B 429 -24.28 -17.40 27.26
N LEU B 430 -24.04 -16.58 28.29
CA LEU B 430 -22.71 -16.07 28.59
C LEU B 430 -21.69 -17.20 28.68
N GLY B 431 -22.05 -18.26 29.36
CA GLY B 431 -21.16 -19.37 29.51
C GLY B 431 -20.62 -19.91 28.23
N TRP B 432 -21.52 -20.16 27.29
CA TRP B 432 -21.07 -20.61 26.00
C TRP B 432 -20.23 -19.55 25.34
N LEU B 433 -20.75 -18.33 25.34
CA LEU B 433 -20.06 -17.23 24.70
C LEU B 433 -18.65 -17.11 25.26
N ASN B 434 -18.48 -17.46 26.54
CA ASN B 434 -17.19 -17.53 27.20
C ASN B 434 -16.28 -18.59 26.60
N LEU B 435 -16.86 -19.72 26.23
CA LEU B 435 -16.08 -20.85 25.70
C LEU B 435 -15.02 -20.52 24.70
N LEU B 436 -15.35 -19.70 23.72
CA LEU B 436 -14.48 -19.55 22.58
C LEU B 436 -13.07 -19.01 22.96
N TYR B 437 -12.90 -18.61 24.21
CA TYR B 437 -11.56 -18.53 24.81
C TYR B 437 -10.59 -19.60 24.40
N TYR B 438 -11.02 -20.85 24.47
CA TYR B 438 -10.12 -21.94 24.17
C TYR B 438 -9.79 -22.04 22.69
N THR B 439 -10.31 -21.15 21.84
CA THR B 439 -9.74 -21.03 20.52
C THR B 439 -8.30 -20.54 20.56
N ARG B 440 -7.93 -19.87 21.66
CA ARG B 440 -6.64 -19.20 21.80
C ARG B 440 -5.52 -20.10 21.31
N GLY B 441 -5.64 -21.39 21.62
CA GLY B 441 -4.64 -22.35 21.33
C GLY B 441 -4.72 -23.03 19.99
N PHE B 442 -5.92 -23.33 19.55
CA PHE B 442 -6.03 -24.31 18.48
C PHE B 442 -5.64 -23.76 17.12
N GLN B 443 -6.15 -22.60 16.75
CA GLN B 443 -6.02 -22.16 15.36
C GLN B 443 -5.36 -20.81 15.20
N HIS B 444 -4.81 -20.61 14.03
CA HIS B 444 -3.86 -19.57 13.79
C HIS B 444 -4.55 -18.31 13.22
N THR B 445 -5.78 -18.48 12.75
CA THR B 445 -6.59 -17.35 12.29
C THR B 445 -7.26 -16.68 13.52
N GLY B 446 -7.21 -17.38 14.67
CA GLY B 446 -7.48 -16.78 15.97
C GLY B 446 -6.80 -15.44 16.14
N ILE B 447 -5.59 -15.32 15.58
CA ILE B 447 -4.84 -14.07 15.49
C ILE B 447 -5.67 -12.90 14.98
N TYR B 448 -6.13 -13.02 13.75
CA TYR B 448 -6.92 -11.97 13.13
C TYR B 448 -8.24 -11.78 13.86
N SER B 449 -8.83 -12.88 14.32
CA SER B 449 -10.05 -12.79 15.14
C SER B 449 -9.86 -11.89 16.36
N VAL B 450 -8.68 -12.00 16.99
CA VAL B 450 -8.36 -11.17 18.14
C VAL B 450 -8.00 -9.74 17.78
N MET B 451 -7.02 -9.53 16.90
CA MET B 451 -6.65 -8.15 16.50
C MET B 451 -7.91 -7.35 16.15
N ILE B 452 -8.73 -8.00 15.32
CA ILE B 452 -10.06 -7.54 15.03
C ILE B 452 -10.73 -7.25 16.35
N GLN B 453 -10.93 -8.28 17.15
CA GLN B 453 -11.67 -8.16 18.44
C GLN B 453 -11.31 -6.86 19.19
N LYS B 454 -10.01 -6.57 19.26
CA LYS B 454 -9.46 -5.33 19.86
C LYS B 454 -9.94 -4.03 19.27
N VAL B 455 -9.62 -3.83 18.01
CA VAL B 455 -9.88 -2.53 17.40
C VAL B 455 -11.35 -2.36 17.16
N ILE B 456 -11.96 -3.45 16.69
CA ILE B 456 -13.34 -3.50 16.36
C ILE B 456 -14.20 -3.23 17.55
N LEU B 457 -13.86 -3.76 18.71
CA LEU B 457 -14.68 -3.48 19.86
C LEU B 457 -14.57 -2.04 20.30
N ARG B 458 -13.37 -1.50 20.23
CA ARG B 458 -13.17 -0.10 20.58
C ARG B 458 -14.07 0.81 19.73
N ASP B 459 -13.85 0.71 18.43
CA ASP B 459 -14.61 1.50 17.46
C ASP B 459 -16.11 1.26 17.57
N LEU B 460 -16.51 0.01 17.77
CA LEU B 460 -17.92 -0.26 17.86
C LEU B 460 -18.53 0.39 19.09
N LEU B 461 -17.81 0.44 20.20
CA LEU B 461 -18.39 1.12 21.36
C LEU B 461 -18.62 2.58 21.04
N ARG B 462 -17.54 3.25 20.65
CA ARG B 462 -17.62 4.67 20.29
C ARG B 462 -18.84 4.91 19.42
N PHE B 463 -19.02 4.04 18.45
CA PHE B 463 -20.15 4.13 17.56
C PHE B 463 -21.47 3.98 18.31
N LEU B 464 -21.55 2.95 19.13
CA LEU B 464 -22.84 2.54 19.64
C LEU B 464 -23.46 3.60 20.50
N LEU B 465 -22.60 4.34 21.18
CA LEU B 465 -23.10 5.42 21.99
C LEU B 465 -23.87 6.41 21.15
N VAL B 466 -23.26 6.89 20.07
CA VAL B 466 -23.87 7.94 19.28
C VAL B 466 -25.14 7.45 18.65
N TYR B 467 -25.07 6.24 18.12
CA TYR B 467 -26.25 5.66 17.51
C TYR B 467 -27.39 5.73 18.48
N LEU B 468 -27.13 5.21 19.66
CA LEU B 468 -28.08 5.15 20.70
C LEU B 468 -28.67 6.54 20.91
N VAL B 469 -27.80 7.52 21.12
CA VAL B 469 -28.28 8.82 21.55
C VAL B 469 -29.22 9.46 20.57
N PHE B 470 -28.85 9.49 19.31
CA PHE B 470 -29.74 10.22 18.45
C PHE B 470 -31.00 9.41 18.13
N LEU B 471 -30.89 8.08 18.20
CA LEU B 471 -32.10 7.31 17.99
C LEU B 471 -33.05 7.69 19.09
N PHE B 472 -32.51 7.84 20.29
CA PHE B 472 -33.31 8.27 21.42
C PHE B 472 -34.01 9.59 21.10
N GLY B 473 -33.26 10.53 20.55
CA GLY B 473 -33.85 11.78 20.11
C GLY B 473 -35.08 11.60 19.22
N PHE B 474 -34.89 10.80 18.19
CA PHE B 474 -35.97 10.49 17.27
C PHE B 474 -37.10 9.78 17.94
N ALA B 475 -36.78 9.02 18.99
CA ALA B 475 -37.80 8.32 19.73
C ALA B 475 -38.78 9.30 20.34
N VAL B 476 -38.24 10.24 21.10
CA VAL B 476 -39.10 11.22 21.72
C VAL B 476 -39.84 12.04 20.69
N ALA B 477 -39.21 12.26 19.55
CA ALA B 477 -39.89 12.97 18.49
C ALA B 477 -41.14 12.26 18.07
N LEU B 478 -41.00 11.00 17.70
CA LEU B 478 -42.13 10.25 17.19
C LEU B 478 -43.20 10.06 18.23
N VAL B 479 -42.78 9.79 19.45
CA VAL B 479 -43.75 9.60 20.49
C VAL B 479 -44.56 10.85 20.70
N SER B 480 -43.87 11.98 20.66
CA SER B 480 -44.52 13.24 20.91
C SER B 480 -45.55 13.49 19.85
N LEU B 481 -45.20 13.26 18.59
CA LEU B 481 -46.15 13.53 17.51
C LEU B 481 -47.29 12.55 17.50
N SER B 482 -47.01 11.36 18.00
CA SER B 482 -48.04 10.35 18.14
C SER B 482 -48.93 10.59 19.35
N ARG B 483 -48.52 11.47 20.26
CA ARG B 483 -49.21 11.66 21.54
C ARG B 483 -50.60 12.24 21.37
N GLU B 484 -50.99 12.63 20.15
CA GLU B 484 -52.40 12.84 19.88
C GLU B 484 -52.78 12.31 18.50
N PRO B 491 -53.34 1.91 15.32
CA PRO B 491 -53.70 2.28 16.69
C PRO B 491 -52.57 2.91 17.50
N PRO B 492 -52.39 2.45 18.75
CA PRO B 492 -51.38 3.03 19.63
C PRO B 492 -49.95 2.76 19.14
N TYR B 493 -49.22 3.82 18.83
CA TYR B 493 -47.79 3.72 18.47
C TYR B 493 -46.97 4.32 19.64
N ARG B 494 -47.59 4.29 20.81
CA ARG B 494 -47.34 5.29 21.90
C ARG B 494 -46.12 5.00 22.75
N SER B 495 -46.00 3.80 23.29
CA SER B 495 -45.01 3.56 24.34
C SER B 495 -43.60 3.94 23.88
N ILE B 496 -42.90 4.78 24.64
CA ILE B 496 -41.56 5.20 24.23
C ILE B 496 -40.65 4.04 23.84
N LEU B 497 -40.54 3.05 24.71
CA LEU B 497 -39.74 1.88 24.43
C LEU B 497 -40.19 1.29 23.10
N ASP B 498 -41.49 1.04 23.01
CA ASP B 498 -42.10 0.50 21.80
C ASP B 498 -41.73 1.32 20.58
N ALA B 499 -41.88 2.62 20.69
CA ALA B 499 -41.55 3.52 19.60
C ALA B 499 -40.11 3.31 19.20
N SER B 500 -39.23 3.27 20.19
CA SER B 500 -37.84 3.03 19.92
C SER B 500 -37.58 1.70 19.26
N LEU B 501 -38.39 0.70 19.52
CA LEU B 501 -38.25 -0.55 18.81
C LEU B 501 -38.63 -0.43 17.38
N GLU B 502 -39.84 0.07 17.15
CA GLU B 502 -40.33 0.26 15.79
C GLU B 502 -39.30 1.03 14.98
N LEU B 503 -38.53 1.87 15.67
CA LEU B 503 -37.47 2.59 15.04
C LEU B 503 -36.18 1.78 14.96
N PHE B 504 -35.91 0.94 15.91
CA PHE B 504 -34.69 0.10 15.85
C PHE B 504 -34.70 -0.95 14.76
N LYS B 505 -35.86 -1.55 14.52
CA LYS B 505 -35.99 -2.59 13.53
C LYS B 505 -35.60 -2.16 12.11
N PHE B 506 -35.34 -0.86 11.92
CA PHE B 506 -34.83 -0.35 10.67
C PHE B 506 -33.38 -0.57 10.49
N THR B 507 -32.66 -0.92 11.53
CA THR B 507 -31.28 -1.16 11.37
C THR B 507 -30.97 -2.64 11.11
N ILE B 508 -31.82 -3.55 11.56
CA ILE B 508 -31.75 -4.96 11.09
C ILE B 508 -32.70 -5.22 9.97
N GLY B 509 -33.36 -4.17 9.53
CA GLY B 509 -34.07 -4.19 8.27
C GLY B 509 -35.33 -4.99 8.32
N MET B 510 -35.95 -5.08 9.50
CA MET B 510 -37.31 -5.54 9.53
C MET B 510 -38.25 -4.36 9.61
N GLY B 511 -37.72 -3.14 9.49
CA GLY B 511 -38.51 -1.97 9.81
C GLY B 511 -39.61 -1.61 8.83
N GLU B 512 -40.41 -0.64 9.26
CA GLU B 512 -41.66 -0.29 8.64
C GLU B 512 -41.75 0.77 7.56
N LEU B 513 -41.68 2.03 7.94
CA LEU B 513 -41.69 3.17 7.00
C LEU B 513 -43.05 3.42 6.36
N ALA B 514 -44.07 2.63 6.76
CA ALA B 514 -45.42 2.81 6.27
C ALA B 514 -45.93 4.22 6.54
N PHE B 515 -46.67 4.75 5.56
CA PHE B 515 -47.28 6.08 5.61
C PHE B 515 -48.78 5.90 5.80
N GLN B 516 -49.36 6.68 6.70
CA GLN B 516 -50.81 6.66 6.89
C GLN B 516 -51.26 8.05 7.24
N GLU B 517 -52.36 8.52 6.65
CA GLU B 517 -52.85 9.89 6.93
C GLU B 517 -53.56 9.94 8.27
N GLN B 518 -53.73 8.77 8.92
CA GLN B 518 -54.21 8.68 10.30
C GLN B 518 -53.69 9.77 11.26
N LEU B 519 -52.37 9.95 11.29
CA LEU B 519 -51.73 10.80 12.30
C LEU B 519 -52.00 12.29 12.12
N ARG B 520 -52.27 12.70 10.88
CA ARG B 520 -52.69 14.03 10.52
C ARG B 520 -51.54 15.02 10.51
N PHE B 521 -50.39 14.65 11.07
CA PHE B 521 -49.13 15.27 10.72
C PHE B 521 -48.28 14.24 10.00
N ARG B 522 -48.96 13.23 9.47
CA ARG B 522 -48.34 12.11 8.77
C ARG B 522 -47.12 12.54 7.97
N GLY B 523 -47.32 13.63 7.23
CA GLY B 523 -46.29 14.20 6.39
C GLY B 523 -44.95 14.28 7.06
N VAL B 524 -44.95 14.94 8.21
CA VAL B 524 -43.71 15.18 8.92
C VAL B 524 -43.24 13.96 9.62
N VAL B 525 -44.16 13.16 10.13
CA VAL B 525 -43.74 12.00 10.87
C VAL B 525 -42.90 11.10 9.99
N LEU B 526 -43.48 10.71 8.86
CA LEU B 526 -42.78 9.83 7.99
C LEU B 526 -41.51 10.50 7.48
N LEU B 527 -41.62 11.80 7.17
CA LEU B 527 -40.45 12.55 6.73
C LEU B 527 -39.33 12.42 7.74
N LEU B 528 -39.70 12.44 8.98
CA LEU B 528 -38.75 12.39 10.03
C LEU B 528 -38.07 11.05 10.06
N LEU B 529 -38.83 9.98 10.15
CA LEU B 529 -38.18 8.68 10.30
C LEU B 529 -37.36 8.37 9.08
N LEU B 530 -37.76 8.93 7.95
CA LEU B 530 -36.94 8.81 6.76
C LEU B 530 -35.56 9.44 6.97
N ALA B 531 -35.56 10.60 7.54
CA ALA B 531 -34.32 11.23 7.96
C ALA B 531 -33.53 10.34 8.83
N TYR B 532 -34.23 9.71 9.75
CA TYR B 532 -33.59 8.68 10.56
C TYR B 532 -32.81 7.65 9.78
N VAL B 533 -33.52 7.02 8.86
CA VAL B 533 -32.96 5.99 8.02
C VAL B 533 -31.68 6.45 7.35
N LEU B 534 -31.79 7.54 6.64
CA LEU B 534 -30.67 8.12 5.94
C LEU B 534 -29.49 8.29 6.89
N LEU B 535 -29.81 8.81 8.07
CA LEU B 535 -28.80 9.18 9.01
C LEU B 535 -28.10 7.99 9.59
N THR B 536 -28.84 7.04 10.12
CA THR B 536 -28.20 5.84 10.63
C THR B 536 -27.38 5.11 9.56
N TYR B 537 -27.83 5.19 8.31
CA TYR B 537 -27.08 4.61 7.24
C TYR B 537 -25.72 5.26 7.16
N VAL B 538 -25.72 6.56 6.91
CA VAL B 538 -24.44 7.26 6.79
C VAL B 538 -23.54 7.01 7.98
N LEU B 539 -24.15 6.81 9.12
CA LEU B 539 -23.40 6.46 10.28
C LEU B 539 -22.69 5.12 10.13
N LEU B 540 -23.44 4.06 9.83
CA LEU B 540 -22.81 2.74 9.73
C LEU B 540 -21.76 2.76 8.69
N LEU B 541 -22.02 3.45 7.59
CA LEU B 541 -21.03 3.58 6.55
C LEU B 541 -19.75 4.16 7.11
N ASN B 542 -19.88 5.31 7.75
CA ASN B 542 -18.75 5.97 8.41
C ASN B 542 -17.95 4.95 9.21
N MET B 543 -18.62 4.20 10.08
CA MET B 543 -17.93 3.24 10.96
C MET B 543 -17.21 2.22 10.16
N LEU B 544 -17.93 1.63 9.23
CA LEU B 544 -17.42 0.54 8.44
C LEU B 544 -16.08 0.90 7.80
N ILE B 545 -16.09 1.99 7.07
CA ILE B 545 -14.89 2.51 6.46
C ILE B 545 -13.85 2.78 7.54
N ALA B 546 -14.26 3.38 8.64
CA ALA B 546 -13.30 3.82 9.63
C ALA B 546 -12.39 2.67 10.05
N LEU B 547 -13.01 1.66 10.62
CA LEU B 547 -12.24 0.48 11.05
C LEU B 547 -11.56 -0.26 9.90
N MET B 548 -12.20 -0.19 8.73
CA MET B 548 -11.59 -0.72 7.54
C MET B 548 -10.22 -0.08 7.32
N SER B 549 -10.17 1.25 7.34
CA SER B 549 -8.92 2.03 7.23
C SER B 549 -7.91 1.63 8.29
N GLU B 550 -8.40 1.52 9.51
CA GLU B 550 -7.59 1.08 10.65
C GLU B 550 -6.79 -0.17 10.33
N THR B 551 -7.43 -1.19 9.74
CA THR B 551 -6.68 -2.38 9.35
C THR B 551 -6.02 -2.30 7.98
N VAL B 552 -6.43 -1.34 7.15
CA VAL B 552 -5.76 -1.06 5.89
C VAL B 552 -4.30 -0.74 6.19
N ASN B 553 -4.08 0.25 7.07
CA ASN B 553 -2.76 0.42 7.67
C ASN B 553 -2.59 -0.77 8.60
N SER B 554 -1.60 -1.63 8.31
CA SER B 554 -1.50 -2.92 8.99
C SER B 554 -0.05 -3.23 9.27
N VAL B 555 0.26 -3.58 10.52
CA VAL B 555 1.59 -4.05 10.89
C VAL B 555 1.70 -5.56 10.67
N ALA B 556 0.65 -6.19 10.14
CA ALA B 556 0.72 -7.56 9.68
C ALA B 556 1.20 -8.49 10.81
N THR B 557 2.34 -9.16 10.65
CA THR B 557 2.85 -10.10 11.65
C THR B 557 2.90 -9.56 13.09
N ASP B 558 2.75 -8.25 13.28
CA ASP B 558 2.46 -7.69 14.59
C ASP B 558 1.27 -8.36 15.22
N SER B 559 0.26 -8.62 14.39
CA SER B 559 -0.89 -9.43 14.80
C SER B 559 -0.46 -10.82 15.18
N TRP B 560 0.37 -11.42 14.35
CA TRP B 560 0.91 -12.74 14.62
C TRP B 560 1.51 -12.81 16.00
N SER B 561 2.27 -11.78 16.33
CA SER B 561 2.90 -11.67 17.61
C SER B 561 1.88 -11.45 18.72
N ILE B 562 0.87 -10.64 18.41
CA ILE B 562 -0.22 -10.39 19.35
C ILE B 562 -0.80 -11.73 19.78
N TRP B 563 -1.02 -12.60 18.82
CA TRP B 563 -1.43 -13.95 19.11
C TRP B 563 -0.41 -14.69 19.95
N LYS B 564 0.85 -14.55 19.57
CA LYS B 564 1.93 -15.25 20.24
C LYS B 564 1.88 -14.99 21.73
N LEU B 565 1.84 -13.72 22.11
CA LEU B 565 1.85 -13.44 23.54
C LEU B 565 0.56 -13.79 24.16
N GLN B 566 -0.51 -13.60 23.41
CA GLN B 566 -1.83 -13.98 23.89
C GLN B 566 -1.72 -15.39 24.41
N LYS B 567 -0.91 -16.20 23.73
CA LYS B 567 -0.68 -17.58 24.10
C LYS B 567 0.26 -17.67 25.29
N ALA B 568 1.25 -16.80 25.27
CA ALA B 568 2.25 -16.75 26.34
C ALA B 568 1.68 -16.54 27.75
N ILE B 569 0.74 -15.62 27.84
CA ILE B 569 0.13 -15.36 29.13
C ILE B 569 -0.47 -16.63 29.66
N SER B 570 -1.18 -17.34 28.80
CA SER B 570 -1.78 -18.59 29.13
C SER B 570 -0.76 -19.57 29.66
N VAL B 571 0.34 -19.72 28.93
CA VAL B 571 1.32 -20.67 29.38
C VAL B 571 1.88 -20.36 30.74
N LEU B 572 2.14 -19.09 30.99
CA LEU B 572 2.65 -18.67 32.29
C LEU B 572 1.65 -18.86 33.41
N GLU B 573 0.38 -18.87 33.06
CA GLU B 573 -0.62 -19.13 34.03
C GLU B 573 -0.77 -20.59 34.33
N MET B 574 -0.75 -21.42 33.30
CA MET B 574 -0.85 -22.87 33.51
C MET B 574 0.48 -23.41 34.03
N GLU B 575 1.50 -22.54 34.06
CA GLU B 575 2.75 -22.83 34.73
C GLU B 575 2.53 -23.34 36.12
N ASN B 576 1.67 -22.69 36.88
CA ASN B 576 1.41 -23.16 38.24
C ASN B 576 -0.02 -23.58 38.58
N GLY B 577 -0.26 -24.89 38.48
CA GLY B 577 -1.32 -25.63 39.19
C GLY B 577 -2.71 -25.03 39.20
N TYR B 578 -3.41 -25.23 40.30
CA TYR B 578 -4.69 -24.61 40.59
C TYR B 578 -4.68 -24.21 42.06
N TRP B 579 -4.60 -22.97 42.48
CA TRP B 579 -4.86 -22.62 43.88
C TRP B 579 -6.36 -22.60 44.16
N TRP B 580 -7.18 -22.97 43.16
CA TRP B 580 -8.48 -23.56 43.44
C TRP B 580 -8.27 -24.98 44.03
N CYS B 581 -7.01 -25.42 44.00
CA CYS B 581 -6.48 -26.49 44.84
C CYS B 581 -6.97 -27.83 44.38
N ARG B 582 -7.38 -27.96 43.12
CA ARG B 582 -7.54 -29.28 42.52
C ARG B 582 -6.15 -29.92 42.61
N ARG B 583 -5.15 -29.18 42.15
CA ARG B 583 -3.75 -29.39 42.54
C ARG B 583 -3.24 -28.01 42.93
N LYS B 584 -3.04 -27.79 44.23
CA LYS B 584 -2.67 -26.47 44.75
C LYS B 584 -1.23 -26.11 44.41
N LYS B 585 -0.32 -27.05 44.66
CA LYS B 585 1.11 -26.84 44.42
C LYS B 585 1.49 -27.45 43.09
N GLN B 586 1.94 -26.62 42.17
CA GLN B 586 2.62 -27.11 40.99
C GLN B 586 4.10 -27.01 41.30
N ARG B 587 4.86 -27.99 40.82
CA ARG B 587 6.31 -28.02 41.07
C ARG B 587 6.99 -26.84 40.37
N ALA B 588 8.20 -26.53 40.83
CA ALA B 588 9.07 -25.61 40.12
C ALA B 588 9.88 -26.39 39.07
N GLY B 589 9.39 -27.58 38.68
CA GLY B 589 10.16 -28.58 37.96
C GLY B 589 10.77 -28.14 36.65
N VAL B 590 10.26 -27.04 36.09
CA VAL B 590 10.97 -26.38 35.01
C VAL B 590 12.37 -25.93 35.44
N MET B 591 13.27 -25.98 34.48
CA MET B 591 14.68 -25.77 34.73
C MET B 591 15.45 -25.72 33.40
N LEU B 592 16.75 -25.47 33.51
CA LEU B 592 17.66 -25.35 32.41
C LEU B 592 18.86 -26.32 32.54
N THR B 593 19.46 -26.67 31.40
CA THR B 593 20.64 -27.54 31.34
C THR B 593 21.75 -26.90 32.18
N VAL B 594 22.59 -27.71 32.79
CA VAL B 594 23.78 -27.20 33.47
C VAL B 594 24.80 -26.64 32.48
N GLY B 595 25.44 -25.55 32.86
CA GLY B 595 26.37 -24.86 31.98
C GLY B 595 27.72 -25.58 31.89
N THR B 596 28.33 -25.47 30.72
CA THR B 596 29.60 -26.13 30.42
C THR B 596 30.80 -25.20 30.57
N ARG B 597 30.59 -24.00 31.11
CA ARG B 597 31.54 -22.89 30.95
C ARG B 597 32.24 -22.51 32.28
N PRO B 598 33.48 -23.04 32.50
CA PRO B 598 34.40 -22.55 33.53
C PRO B 598 35.44 -21.55 33.02
N ASP B 599 35.03 -20.42 32.45
CA ASP B 599 36.00 -19.48 31.86
C ASP B 599 36.66 -18.62 32.95
N GLY B 600 37.99 -18.75 33.06
CA GLY B 600 38.78 -18.00 34.04
C GLY B 600 38.40 -18.32 35.48
N SER B 601 38.44 -17.30 36.33
CA SER B 601 38.04 -17.44 37.73
C SER B 601 36.55 -17.83 37.90
N PRO B 602 35.60 -17.24 37.10
CA PRO B 602 34.26 -17.84 37.23
C PRO B 602 34.23 -19.27 36.62
N ASP B 603 33.77 -20.25 37.40
CA ASP B 603 33.91 -21.67 37.03
C ASP B 603 32.67 -22.40 36.44
N GLU B 604 31.49 -21.77 36.28
CA GLU B 604 30.28 -22.49 35.77
C GLU B 604 29.04 -21.61 35.55
N ARG B 605 28.09 -22.10 34.74
CA ARG B 605 26.72 -21.55 34.65
C ARG B 605 25.66 -22.67 34.56
N TRP B 606 24.41 -22.29 34.28
CA TRP B 606 23.27 -23.22 34.15
C TRP B 606 22.30 -22.62 33.13
N CYS B 607 22.10 -23.29 32.00
CA CYS B 607 21.54 -22.63 30.81
C CYS B 607 20.73 -23.48 29.82
N PHE B 608 20.45 -22.90 28.65
CA PHE B 608 19.49 -23.44 27.66
C PHE B 608 20.11 -23.56 26.27
N ARG B 609 19.47 -24.34 25.39
CA ARG B 609 19.95 -24.62 24.04
C ARG B 609 19.04 -24.14 22.89
N VAL B 610 19.62 -23.49 21.89
CA VAL B 610 18.95 -23.06 20.65
C VAL B 610 19.61 -23.80 19.48
N GLY B 611 19.24 -23.46 18.24
CA GLY B 611 19.86 -24.14 17.08
C GLY B 611 20.01 -23.40 15.77
N GLU B 612 20.96 -23.89 14.96
CA GLU B 612 21.10 -23.58 13.53
C GLU B 612 21.16 -22.11 13.14
N MET B 613 20.36 -21.71 12.14
CA MET B 613 20.42 -20.39 11.55
C MET B 613 21.83 -19.95 11.13
N ASP C 1 32.37 -31.52 -52.76
CA ASP C 1 33.40 -30.56 -53.29
C ASP C 1 34.31 -30.07 -52.15
N ARG C 2 35.46 -29.48 -52.52
CA ARG C 2 36.37 -28.82 -51.59
C ARG C 2 35.72 -27.65 -50.84
N LEU C 3 35.07 -26.78 -51.60
CA LEU C 3 34.29 -25.65 -51.06
C LEU C 3 33.08 -26.15 -50.30
N PHE C 4 32.52 -27.27 -50.76
CA PHE C 4 31.42 -27.96 -50.08
C PHE C 4 31.85 -28.40 -48.68
N ASN C 5 33.06 -28.93 -48.58
CA ASN C 5 33.66 -29.23 -47.29
C ASN C 5 34.14 -27.96 -46.58
N VAL C 6 34.27 -26.86 -47.32
CA VAL C 6 34.60 -25.55 -46.75
C VAL C 6 33.38 -24.77 -46.31
N VAL C 7 32.18 -25.37 -46.48
CA VAL C 7 30.94 -24.83 -45.90
C VAL C 7 31.14 -24.57 -44.40
N ALA C 8 31.73 -25.56 -43.73
CA ALA C 8 32.35 -25.37 -42.41
C ALA C 8 33.85 -25.67 -42.56
N ARG C 9 34.69 -24.63 -42.56
CA ARG C 9 36.14 -24.78 -42.67
C ARG C 9 36.87 -23.89 -41.66
N GLY C 10 36.80 -22.58 -41.89
CA GLY C 10 37.67 -21.62 -41.22
C GLY C 10 38.85 -21.27 -42.09
N ASN C 11 39.19 -22.13 -43.06
CA ASN C 11 40.17 -21.87 -44.11
C ASN C 11 39.53 -21.87 -45.52
N PRO C 12 39.05 -20.69 -45.98
CA PRO C 12 38.46 -20.55 -47.32
C PRO C 12 39.48 -20.70 -48.47
N GLU C 13 40.79 -20.62 -48.17
CA GLU C 13 41.87 -20.89 -49.14
C GLU C 13 41.66 -22.18 -49.94
N ASP C 14 41.08 -23.18 -49.27
CA ASP C 14 40.64 -24.44 -49.91
C ASP C 14 39.63 -24.17 -51.00
N LEU C 15 38.61 -23.40 -50.62
CA LEU C 15 37.57 -22.98 -51.57
C LEU C 15 38.13 -22.09 -52.70
N ALA C 16 39.29 -21.46 -52.47
CA ALA C 16 40.03 -20.76 -53.51
C ALA C 16 40.74 -21.74 -54.45
N GLY C 17 41.30 -22.78 -53.88
CA GLY C 17 41.86 -23.87 -54.66
C GLY C 17 40.83 -24.51 -55.59
N LEU C 18 39.60 -24.67 -55.11
CA LEU C 18 38.50 -25.16 -55.96
C LEU C 18 37.91 -23.99 -56.76
N LEU C 19 38.20 -22.76 -56.37
CA LEU C 19 37.87 -21.58 -57.18
C LEU C 19 38.72 -21.53 -58.43
N GLU C 20 39.84 -22.24 -58.42
CA GLU C 20 40.56 -22.54 -59.65
C GLU C 20 39.66 -23.34 -60.59
N TYR C 21 38.96 -24.35 -60.05
CA TYR C 21 37.89 -25.08 -60.76
C TYR C 21 36.77 -24.13 -61.17
N LEU C 22 36.48 -23.13 -60.34
CA LEU C 22 35.54 -22.07 -60.71
C LEU C 22 36.03 -21.32 -61.95
N ARG C 23 37.35 -21.13 -62.04
CA ARG C 23 37.99 -20.56 -63.24
C ARG C 23 37.96 -21.54 -64.42
N ARG C 24 37.92 -22.83 -64.11
CA ARG C 24 37.92 -23.90 -65.12
C ARG C 24 36.56 -24.07 -65.78
N THR C 25 35.57 -24.46 -64.98
CA THR C 25 34.19 -24.64 -65.45
C THR C 25 33.61 -23.31 -65.92
N SER C 26 32.64 -23.40 -66.83
CA SER C 26 31.85 -22.26 -67.26
C SER C 26 30.66 -22.05 -66.32
N LYS C 27 30.50 -22.93 -65.31
CA LYS C 27 29.47 -22.79 -64.27
C LYS C 27 29.69 -21.59 -63.35
N TYR C 28 28.71 -20.68 -63.35
CA TYR C 28 28.74 -19.47 -62.53
C TYR C 28 27.70 -19.58 -61.41
N LEU C 29 28.03 -18.98 -60.28
CA LEU C 29 27.21 -19.07 -59.06
C LEU C 29 26.97 -20.54 -58.72
N THR C 30 28.06 -21.25 -58.43
CA THR C 30 28.02 -22.67 -58.07
C THR C 30 27.77 -22.86 -56.56
N ASP C 31 27.64 -21.75 -55.81
CA ASP C 31 27.30 -21.78 -54.38
C ASP C 31 25.99 -22.49 -54.10
N SER C 32 25.05 -22.39 -55.04
CA SER C 32 23.84 -23.21 -55.05
C SER C 32 24.17 -24.61 -55.58
N GLU C 33 24.98 -24.66 -56.65
CA GLU C 33 25.40 -25.92 -57.29
C GLU C 33 26.32 -26.78 -56.44
N TYR C 34 26.82 -26.22 -55.34
CA TYR C 34 27.49 -27.02 -54.32
C TYR C 34 26.44 -27.69 -53.43
N THR C 35 26.92 -28.35 -52.38
CA THR C 35 26.08 -29.02 -51.37
C THR C 35 25.11 -28.09 -50.64
N GLU C 36 25.42 -26.79 -50.66
CA GLU C 36 24.73 -25.81 -49.86
C GLU C 36 23.22 -25.73 -50.11
N GLY C 37 22.44 -25.93 -49.03
CA GLY C 37 21.00 -25.69 -49.00
C GLY C 37 20.72 -24.42 -48.19
N SER C 38 19.51 -24.31 -47.64
CA SER C 38 19.05 -23.11 -46.90
C SER C 38 19.28 -21.84 -47.70
N THR C 39 18.79 -21.83 -48.94
CA THR C 39 19.00 -20.74 -49.93
C THR C 39 20.44 -20.66 -50.47
N GLY C 40 21.38 -21.44 -49.92
CA GLY C 40 22.77 -21.43 -50.34
C GLY C 40 23.66 -20.37 -49.73
N LYS C 41 23.06 -19.35 -49.08
CA LYS C 41 23.78 -18.29 -48.33
C LYS C 41 24.61 -18.83 -47.19
N THR C 42 24.39 -20.10 -46.88
CA THR C 42 24.98 -20.77 -45.74
C THR C 42 26.49 -20.74 -45.71
N CYS C 43 27.15 -20.55 -46.86
CA CYS C 43 28.61 -20.39 -46.86
C CYS C 43 29.01 -19.08 -46.22
N LEU C 44 28.43 -18.00 -46.74
CA LEU C 44 28.66 -16.67 -46.21
C LEU C 44 28.00 -16.54 -44.84
N MET C 45 26.87 -17.23 -44.65
CA MET C 45 26.21 -17.30 -43.35
C MET C 45 27.07 -18.04 -42.33
N LYS C 46 27.91 -18.97 -42.82
CA LYS C 46 28.88 -19.67 -41.99
C LYS C 46 30.02 -18.75 -41.65
N ALA C 47 30.48 -18.00 -42.65
CA ALA C 47 31.48 -16.96 -42.44
C ALA C 47 31.03 -16.06 -41.30
N VAL C 48 29.82 -15.51 -41.44
CA VAL C 48 29.16 -14.70 -40.41
C VAL C 48 29.15 -15.43 -39.07
N LEU C 49 28.71 -16.67 -39.10
CA LEU C 49 28.58 -17.50 -37.89
C LEU C 49 29.91 -17.74 -37.17
N ASN C 50 31.02 -17.62 -37.90
CA ASN C 50 32.36 -17.80 -37.32
C ASN C 50 32.82 -16.67 -36.41
N LEU C 51 32.69 -15.42 -36.87
CA LEU C 51 33.16 -14.25 -36.12
C LEU C 51 34.66 -14.39 -35.76
N GLN C 52 35.49 -14.58 -36.80
CA GLN C 52 36.93 -14.87 -36.66
C GLN C 52 37.72 -13.62 -36.29
N ASP C 53 38.34 -13.62 -35.11
CA ASP C 53 39.08 -12.47 -34.58
C ASP C 53 38.17 -11.26 -34.38
N GLY C 54 36.94 -11.50 -33.90
CA GLY C 54 35.95 -10.44 -33.72
C GLY C 54 35.46 -9.82 -35.01
N VAL C 55 35.87 -10.40 -36.14
CA VAL C 55 35.50 -9.96 -37.48
C VAL C 55 35.37 -11.23 -38.33
N ASN C 56 35.32 -11.10 -39.65
CA ASN C 56 35.59 -12.23 -40.53
C ASN C 56 36.78 -11.95 -41.44
N ALA C 57 37.92 -12.54 -41.09
CA ALA C 57 39.07 -12.66 -41.96
C ALA C 57 38.88 -13.90 -42.83
N CYS C 58 37.87 -14.73 -42.51
CA CYS C 58 37.42 -15.83 -43.36
C CYS C 58 36.63 -15.35 -44.57
N ILE C 59 35.76 -14.35 -44.34
CA ILE C 59 34.81 -13.90 -45.34
C ILE C 59 35.50 -13.14 -46.48
N GLN C 60 36.29 -12.13 -46.13
CA GLN C 60 36.99 -11.28 -47.10
C GLN C 60 37.60 -12.03 -48.30
N PRO C 61 38.41 -13.08 -48.03
CA PRO C 61 38.96 -13.81 -49.19
C PRO C 61 37.91 -14.56 -49.99
N LEU C 62 36.97 -15.20 -49.31
CA LEU C 62 35.92 -15.96 -50.00
C LEU C 62 34.97 -15.01 -50.72
N LEU C 63 34.77 -13.84 -50.13
CA LEU C 63 34.11 -12.74 -50.84
C LEU C 63 34.85 -12.48 -52.14
N GLU C 64 36.17 -12.36 -52.05
CA GLU C 64 37.00 -12.15 -53.25
C GLU C 64 36.88 -13.29 -54.24
N ILE C 65 36.58 -14.48 -53.74
CA ILE C 65 36.36 -15.65 -54.57
C ILE C 65 35.08 -15.54 -55.38
N ASP C 66 33.97 -15.29 -54.70
CA ASP C 66 32.68 -15.11 -55.38
C ASP C 66 32.76 -13.93 -56.35
N ARG C 67 33.49 -12.88 -55.94
CA ARG C 67 33.76 -11.74 -56.81
C ARG C 67 34.44 -12.19 -58.09
N ASP C 68 35.52 -12.98 -57.91
CA ASP C 68 36.30 -13.52 -59.02
C ASP C 68 35.50 -14.44 -59.93
N SER C 69 34.49 -15.10 -59.37
CA SER C 69 33.61 -15.96 -60.14
C SER C 69 32.90 -15.18 -61.25
N GLY C 70 32.65 -13.88 -61.01
CA GLY C 70 31.91 -13.05 -61.96
C GLY C 70 30.49 -13.55 -62.14
N ASN C 71 29.94 -14.18 -61.09
CA ASN C 71 28.64 -14.86 -61.17
C ASN C 71 27.48 -13.86 -61.41
N PRO C 72 26.40 -14.29 -62.12
CA PRO C 72 25.20 -13.47 -62.36
C PRO C 72 24.57 -12.90 -61.09
N GLN C 73 24.36 -13.76 -60.10
CA GLN C 73 23.93 -13.34 -58.78
C GLN C 73 24.95 -13.80 -57.74
N PRO C 74 25.63 -12.85 -57.05
CA PRO C 74 26.49 -13.28 -55.93
C PRO C 74 25.64 -13.86 -54.80
N LEU C 75 26.30 -14.35 -53.76
CA LEU C 75 25.62 -15.08 -52.70
C LEU C 75 24.80 -14.15 -51.75
N VAL C 76 25.01 -12.84 -51.84
CA VAL C 76 24.21 -11.85 -51.11
C VAL C 76 22.80 -11.70 -51.66
N ASN C 77 22.64 -11.96 -52.97
CA ASN C 77 21.32 -11.94 -53.60
C ASN C 77 20.40 -13.07 -53.12
N ALA C 78 20.95 -14.03 -52.37
CA ALA C 78 20.18 -15.10 -51.73
C ALA C 78 19.03 -14.58 -50.85
N GLN C 79 17.90 -15.30 -50.90
CA GLN C 79 16.67 -14.94 -50.21
C GLN C 79 16.33 -16.00 -49.15
N CYS C 80 16.32 -15.59 -47.86
CA CYS C 80 15.94 -16.48 -46.75
C CYS C 80 14.45 -16.87 -46.84
N THR C 81 14.12 -18.10 -46.44
CA THR C 81 12.79 -18.65 -46.70
C THR C 81 11.70 -18.00 -45.82
N ASP C 82 10.46 -18.10 -46.33
CA ASP C 82 9.28 -17.44 -45.75
C ASP C 82 8.88 -17.85 -44.33
N GLU C 83 8.08 -16.99 -43.71
CA GLU C 83 7.43 -17.22 -42.42
C GLU C 83 8.33 -17.04 -41.19
N TYR C 84 9.67 -17.01 -41.34
CA TYR C 84 10.59 -16.77 -40.22
C TYR C 84 11.47 -15.55 -40.47
N TYR C 85 12.22 -15.59 -41.55
CA TYR C 85 12.77 -14.39 -42.16
C TYR C 85 12.69 -14.62 -43.67
N ARG C 86 11.72 -13.99 -44.33
CA ARG C 86 11.46 -14.19 -45.76
C ARG C 86 12.31 -13.26 -46.65
N GLY C 87 13.17 -13.86 -47.49
CA GLY C 87 14.09 -13.11 -48.34
C GLY C 87 15.16 -12.36 -47.58
N HIS C 88 15.42 -12.75 -46.33
CA HIS C 88 16.41 -12.09 -45.47
C HIS C 88 17.81 -12.34 -46.02
N SER C 89 18.53 -11.27 -46.31
CA SER C 89 19.87 -11.37 -46.87
C SER C 89 20.86 -11.87 -45.82
N ALA C 90 21.94 -12.47 -46.30
CA ALA C 90 23.09 -12.74 -45.47
C ALA C 90 23.66 -11.43 -44.93
N LEU C 91 23.45 -10.36 -45.69
CA LEU C 91 23.73 -9.01 -45.25
C LEU C 91 22.97 -8.67 -43.98
N HIS C 92 21.66 -8.89 -44.04
CA HIS C 92 20.79 -8.72 -42.89
C HIS C 92 21.26 -9.56 -41.74
N ILE C 93 21.63 -10.80 -42.05
CA ILE C 93 22.23 -11.69 -41.06
C ILE C 93 23.48 -11.08 -40.42
N ALA C 94 24.28 -10.42 -41.24
CA ALA C 94 25.52 -9.79 -40.78
C ALA C 94 25.23 -8.72 -39.78
N ILE C 95 24.29 -7.86 -40.14
CA ILE C 95 23.83 -6.81 -39.25
C ILE C 95 23.32 -7.40 -37.95
N GLU C 96 22.57 -8.50 -38.09
CA GLU C 96 22.04 -9.23 -36.95
C GLU C 96 23.14 -9.73 -36.04
N LYS C 97 24.27 -10.06 -36.66
CA LYS C 97 25.45 -10.54 -35.96
C LYS C 97 26.29 -9.39 -35.42
N ARG C 98 25.95 -8.17 -35.84
CA ARG C 98 26.59 -6.95 -35.38
C ARG C 98 28.09 -6.94 -35.78
N SER C 99 28.37 -7.35 -37.03
CA SER C 99 29.72 -7.27 -37.61
C SER C 99 29.84 -6.07 -38.54
N LEU C 100 30.56 -5.04 -38.06
CA LEU C 100 30.72 -3.79 -38.77
C LEU C 100 31.57 -3.97 -40.03
N GLN C 101 32.74 -4.57 -39.83
CA GLN C 101 33.76 -4.66 -40.86
C GLN C 101 33.29 -5.41 -42.09
N CYS C 102 32.91 -6.67 -41.88
CA CYS C 102 32.48 -7.55 -42.99
C CYS C 102 31.23 -7.03 -43.68
N VAL C 103 30.39 -6.32 -42.93
CA VAL C 103 29.24 -5.64 -43.50
C VAL C 103 29.73 -4.55 -44.46
N LYS C 104 30.66 -3.75 -43.96
CA LYS C 104 31.30 -2.70 -44.75
C LYS C 104 31.91 -3.28 -46.01
N LEU C 105 32.40 -4.51 -45.88
CA LEU C 105 32.94 -5.24 -47.00
C LEU C 105 31.88 -5.71 -47.97
N LEU C 106 30.76 -6.21 -47.44
CA LEU C 106 29.64 -6.68 -48.26
C LEU C 106 29.15 -5.56 -49.12
N VAL C 107 29.00 -4.41 -48.48
CA VAL C 107 28.72 -3.18 -49.17
C VAL C 107 29.80 -2.94 -50.20
N GLU C 108 31.05 -3.00 -49.76
CA GLU C 108 32.21 -2.87 -50.65
C GLU C 108 32.22 -3.96 -51.72
N ASN C 109 31.63 -5.11 -51.38
CA ASN C 109 31.40 -6.17 -52.33
C ASN C 109 30.28 -5.81 -53.31
N GLY C 110 29.55 -4.73 -53.02
CA GLY C 110 28.50 -4.24 -53.86
C GLY C 110 27.15 -4.78 -53.47
N ALA C 111 26.99 -5.20 -52.22
CA ALA C 111 25.68 -5.64 -51.69
C ALA C 111 24.68 -4.47 -51.68
N ASN C 112 23.38 -4.76 -51.76
CA ASN C 112 22.35 -3.72 -51.93
C ASN C 112 21.43 -3.55 -50.71
N VAL C 113 20.86 -2.34 -50.60
CA VAL C 113 19.96 -1.96 -49.53
C VAL C 113 18.58 -2.61 -49.69
N HIS C 114 17.84 -2.14 -50.70
CA HIS C 114 16.39 -2.44 -50.82
C HIS C 114 16.11 -3.95 -50.78
N ALA C 115 15.28 -4.36 -49.80
CA ALA C 115 14.98 -5.79 -49.56
C ALA C 115 13.70 -6.00 -48.74
N LYS C 116 13.31 -7.27 -48.65
CA LYS C 116 12.26 -7.72 -47.73
C LYS C 116 12.84 -8.82 -46.83
N ALA C 117 12.79 -8.61 -45.52
CA ALA C 117 13.37 -9.53 -44.53
C ALA C 117 12.36 -10.54 -43.96
N CYS C 118 11.09 -10.43 -44.34
CA CYS C 118 10.00 -11.19 -43.72
C CYS C 118 8.71 -11.08 -44.51
N CYS C 129 10.54 -13.25 -37.40
CA CYS C 129 11.18 -11.95 -37.56
C CYS C 129 10.77 -10.94 -36.47
N PHE C 130 9.63 -10.29 -36.65
CA PHE C 130 9.13 -9.26 -35.75
C PHE C 130 10.04 -8.03 -35.60
N TYR C 131 11.02 -7.88 -36.50
CA TYR C 131 11.80 -6.67 -36.65
C TYR C 131 11.91 -6.56 -38.17
N PHE C 132 11.21 -5.60 -38.73
CA PHE C 132 10.83 -5.71 -40.15
C PHE C 132 11.98 -5.33 -41.07
N GLY C 133 12.67 -4.24 -40.74
CA GLY C 133 13.97 -3.94 -41.32
C GLY C 133 14.07 -4.05 -42.82
N GLU C 134 12.96 -3.83 -43.55
CA GLU C 134 12.96 -3.97 -45.01
C GLU C 134 14.01 -3.05 -45.64
N LEU C 135 14.24 -1.88 -45.02
CA LEU C 135 15.46 -1.12 -45.25
C LEU C 135 16.48 -1.54 -44.21
N PRO C 136 17.56 -2.21 -44.66
CA PRO C 136 18.65 -2.63 -43.79
C PRO C 136 19.13 -1.54 -42.83
N LEU C 137 19.06 -0.29 -43.29
CA LEU C 137 19.26 0.88 -42.43
C LEU C 137 18.44 0.77 -41.17
N SER C 138 17.16 0.51 -41.37
CA SER C 138 16.23 0.37 -40.28
C SER C 138 16.62 -0.81 -39.39
N LEU C 139 17.12 -1.87 -40.01
CA LEU C 139 17.61 -3.01 -39.26
C LEU C 139 18.72 -2.58 -38.30
N ALA C 140 19.64 -1.80 -38.84
CA ALA C 140 20.75 -1.24 -38.08
C ALA C 140 20.26 -0.44 -36.90
N ALA C 141 19.25 0.37 -37.18
CA ALA C 141 18.61 1.19 -36.16
C ALA C 141 18.02 0.33 -35.07
N CYS C 142 17.36 -0.75 -35.49
CA CYS C 142 16.83 -1.72 -34.57
C CYS C 142 17.91 -2.34 -33.69
N THR C 143 19.11 -2.48 -34.25
CA THR C 143 20.24 -2.98 -33.51
C THR C 143 20.94 -1.89 -32.70
N LYS C 144 20.58 -0.64 -32.94
CA LYS C 144 21.06 0.50 -32.17
C LYS C 144 22.58 0.69 -32.31
N GLN C 145 23.08 0.75 -33.55
CA GLN C 145 24.49 1.03 -33.82
C GLN C 145 24.62 2.25 -34.74
N TRP C 146 25.25 3.33 -34.25
CA TRP C 146 25.44 4.55 -35.05
C TRP C 146 26.42 4.29 -36.19
N ASP C 147 27.58 3.80 -35.79
CA ASP C 147 28.73 3.58 -36.69
C ASP C 147 28.32 3.01 -38.04
N VAL C 148 27.43 2.04 -37.98
CA VAL C 148 26.94 1.35 -39.16
C VAL C 148 26.01 2.22 -39.99
N VAL C 149 25.22 3.03 -39.32
CA VAL C 149 24.29 3.89 -40.04
C VAL C 149 25.04 4.98 -40.74
N ASN C 150 26.05 5.49 -40.05
CA ASN C 150 26.93 6.47 -40.64
C ASN C 150 27.71 5.80 -41.76
N TYR C 151 27.98 4.51 -41.60
CA TYR C 151 28.64 3.69 -42.62
C TYR C 151 27.81 3.51 -43.85
N LEU C 152 26.50 3.49 -43.68
CA LEU C 152 25.57 3.49 -44.81
C LEU C 152 25.63 4.84 -45.45
N LEU C 153 25.57 5.85 -44.59
CA LEU C 153 25.66 7.24 -45.01
C LEU C 153 26.85 7.42 -45.96
N GLU C 154 27.98 6.89 -45.53
CA GLU C 154 29.23 6.94 -46.28
C GLU C 154 29.32 5.75 -47.23
N ASN C 155 29.33 4.58 -46.63
CA ASN C 155 29.51 3.34 -47.36
C ASN C 155 28.33 2.99 -48.31
N PRO C 156 28.63 2.44 -49.52
CA PRO C 156 30.04 2.34 -49.96
C PRO C 156 30.52 3.77 -50.14
N HIS C 157 29.70 4.49 -50.84
CA HIS C 157 29.83 5.88 -51.16
C HIS C 157 28.41 6.37 -50.97
N PRO C 158 27.37 5.69 -51.60
CA PRO C 158 26.05 6.30 -51.37
C PRO C 158 25.48 5.93 -50.01
N ALA C 159 24.35 6.53 -49.70
CA ALA C 159 23.60 6.20 -48.51
C ALA C 159 22.34 5.49 -48.98
N ALA C 160 21.56 5.04 -48.00
CA ALA C 160 20.21 4.58 -48.23
C ALA C 160 19.27 5.76 -47.95
N SER C 161 18.68 6.33 -49.00
CA SER C 161 17.74 7.45 -48.86
C SER C 161 16.64 7.07 -47.87
N LEU C 162 16.48 7.88 -46.83
CA LEU C 162 15.44 7.61 -45.84
C LEU C 162 14.10 7.76 -46.51
N GLN C 163 14.04 8.65 -47.51
CA GLN C 163 12.85 8.87 -48.35
C GLN C 163 12.28 7.56 -48.92
N ALA C 164 13.12 6.54 -49.06
CA ALA C 164 12.65 5.22 -49.44
C ALA C 164 11.80 4.58 -48.35
N GLN C 165 10.72 3.91 -48.78
CA GLN C 165 9.78 3.21 -47.91
C GLN C 165 9.68 1.72 -48.32
N ASP C 166 9.12 0.91 -47.43
CA ASP C 166 9.02 -0.55 -47.64
C ASP C 166 7.68 -0.94 -48.25
N SER C 167 7.41 -2.24 -48.37
CA SER C 167 6.13 -2.76 -48.88
C SER C 167 4.95 -2.38 -47.99
N LEU C 168 5.18 -2.34 -46.69
CA LEU C 168 4.17 -1.83 -45.74
C LEU C 168 4.03 -0.33 -45.89
N GLY C 169 4.92 0.29 -46.67
CA GLY C 169 4.95 1.72 -46.84
C GLY C 169 5.66 2.36 -45.67
N ASN C 170 5.92 1.59 -44.59
CA ASN C 170 6.41 2.14 -43.35
C ASN C 170 7.87 2.57 -43.52
N THR C 171 8.11 3.87 -43.38
CA THR C 171 9.45 4.43 -43.48
C THR C 171 10.18 4.08 -42.21
N VAL C 172 11.50 4.11 -42.26
CA VAL C 172 12.37 3.84 -41.12
C VAL C 172 11.86 4.40 -39.81
N LEU C 173 11.41 5.64 -39.84
CA LEU C 173 10.88 6.26 -38.65
C LEU C 173 9.68 5.45 -38.17
N HIS C 174 8.72 5.25 -39.08
CA HIS C 174 7.55 4.47 -38.81
C HIS C 174 7.93 3.15 -38.19
N ALA C 175 8.98 2.56 -38.71
CA ALA C 175 9.49 1.32 -38.19
C ALA C 175 9.94 1.43 -36.75
N LEU C 176 10.76 2.45 -36.48
CA LEU C 176 11.23 2.72 -35.13
C LEU C 176 10.06 2.74 -34.17
N VAL C 177 9.05 3.51 -34.55
CA VAL C 177 7.89 3.68 -33.74
C VAL C 177 7.19 2.35 -33.55
N MET C 178 7.12 1.56 -34.60
CA MET C 178 6.50 0.25 -34.51
C MET C 178 7.13 -0.52 -33.38
N ILE C 179 8.45 -0.64 -33.47
CA ILE C 179 9.15 -1.43 -32.50
C ILE C 179 9.30 -0.73 -31.19
N ALA C 180 9.06 0.58 -31.19
CA ALA C 180 9.10 1.33 -29.95
C ALA C 180 8.24 0.65 -28.89
N ASP C 181 8.87 0.33 -27.77
CA ASP C 181 8.25 -0.49 -26.73
C ASP C 181 7.99 0.37 -25.49
N ASN C 182 7.33 -0.20 -24.50
CA ASN C 182 7.21 0.41 -23.18
C ASN C 182 8.55 0.56 -22.47
N SER C 183 9.39 -0.48 -22.56
CA SER C 183 10.65 -0.58 -21.80
C SER C 183 11.48 0.68 -21.97
N PRO C 184 11.53 1.54 -20.93
CA PRO C 184 12.13 2.86 -21.01
C PRO C 184 13.64 2.86 -21.30
N GLU C 185 14.33 1.77 -20.98
CA GLU C 185 15.71 1.59 -21.45
C GLU C 185 15.73 1.59 -22.99
N ASN C 186 15.13 0.55 -23.56
CA ASN C 186 15.00 0.40 -25.01
C ASN C 186 14.35 1.64 -25.63
N SER C 187 13.30 2.11 -24.99
CA SER C 187 12.62 3.31 -25.43
C SER C 187 13.55 4.50 -25.52
N ALA C 188 14.41 4.65 -24.51
CA ALA C 188 15.35 5.76 -24.42
C ALA C 188 16.34 5.73 -25.57
N LEU C 189 16.97 4.57 -25.75
CA LEU C 189 17.95 4.44 -26.84
C LEU C 189 17.29 4.71 -28.18
N VAL C 190 16.06 4.23 -28.32
CA VAL C 190 15.28 4.46 -29.51
C VAL C 190 15.10 5.95 -29.70
N VAL C 191 14.79 6.67 -28.63
CA VAL C 191 14.63 8.13 -28.73
C VAL C 191 15.90 8.75 -29.28
N ARG C 192 17.01 8.39 -28.64
CA ARG C 192 18.33 8.92 -28.96
C ARG C 192 18.61 8.77 -30.46
N MET C 193 18.44 7.53 -30.93
CA MET C 193 18.67 7.20 -32.33
C MET C 193 17.64 7.83 -33.24
N TYR C 194 16.43 8.03 -32.73
CA TYR C 194 15.38 8.63 -33.51
C TYR C 194 15.72 10.06 -33.86
N ASP C 195 15.96 10.84 -32.83
CA ASP C 195 16.30 12.25 -33.01
C ASP C 195 17.62 12.39 -33.77
N GLY C 196 18.54 11.48 -33.46
CA GLY C 196 19.83 11.42 -34.11
C GLY C 196 19.70 11.21 -35.61
N LEU C 197 18.85 10.29 -36.01
CA LEU C 197 18.60 10.02 -37.43
C LEU C 197 17.86 11.17 -38.06
N LEU C 198 16.99 11.80 -37.26
CA LEU C 198 16.26 12.97 -37.69
C LEU C 198 17.22 14.04 -38.15
N GLN C 199 18.11 14.44 -37.24
CA GLN C 199 19.12 15.47 -37.49
C GLN C 199 20.11 15.01 -38.54
N ALA C 200 20.34 13.71 -38.60
CA ALA C 200 21.23 13.13 -39.59
C ALA C 200 20.72 13.42 -40.99
N GLY C 201 19.57 12.85 -41.33
CA GLY C 201 18.95 13.05 -42.63
C GLY C 201 18.70 14.52 -42.89
N ALA C 202 18.36 15.25 -41.83
CA ALA C 202 18.17 16.69 -41.92
C ALA C 202 19.47 17.44 -42.22
N ARG C 203 20.60 16.83 -41.89
CA ARG C 203 21.91 17.38 -42.20
C ARG C 203 22.44 16.87 -43.52
N LEU C 204 21.76 15.89 -44.10
CA LEU C 204 22.25 15.20 -45.27
C LEU C 204 21.33 15.36 -46.49
N CYS C 205 20.03 15.07 -46.36
CA CYS C 205 19.05 15.34 -47.42
C CYS C 205 19.25 16.70 -48.12
N PRO C 206 19.56 17.78 -47.37
CA PRO C 206 19.18 18.01 -45.96
C PRO C 206 17.71 18.43 -45.90
N ASN C 207 17.24 19.06 -46.99
CA ASN C 207 15.89 19.63 -47.10
C ASN C 207 14.92 18.79 -47.95
N VAL C 208 13.97 18.16 -47.26
CA VAL C 208 12.86 17.39 -47.82
C VAL C 208 12.03 17.02 -46.57
N GLN C 209 10.79 16.56 -46.72
CA GLN C 209 9.98 16.13 -45.57
C GLN C 209 10.40 14.74 -45.14
N LEU C 210 11.15 14.67 -44.03
CA LEU C 210 11.59 13.41 -43.45
C LEU C 210 10.41 12.75 -42.71
N GLU C 211 9.54 13.57 -42.13
CA GLU C 211 8.32 13.08 -41.50
C GLU C 211 7.14 13.53 -42.34
N GLY C 212 6.03 12.81 -42.22
CA GLY C 212 4.83 13.12 -42.96
C GLY C 212 4.57 12.20 -44.13
N ILE C 213 5.35 11.14 -44.25
CA ILE C 213 5.11 10.19 -45.30
C ILE C 213 4.08 9.16 -44.82
N PRO C 214 2.95 9.08 -45.52
CA PRO C 214 1.87 8.14 -45.20
C PRO C 214 2.32 6.67 -45.14
N ASN C 215 2.00 5.97 -44.04
CA ASN C 215 2.18 4.54 -43.93
C ASN C 215 1.17 3.77 -44.77
N LEU C 216 1.10 2.47 -44.55
CA LEU C 216 0.11 1.61 -45.22
C LEU C 216 -1.27 2.25 -45.21
N GLU C 217 -1.88 2.29 -44.03
CA GLU C 217 -2.92 3.26 -43.74
C GLU C 217 -2.14 4.55 -43.58
N GLY C 218 -2.50 5.57 -44.36
CA GLY C 218 -1.73 6.79 -44.40
C GLY C 218 -1.55 7.36 -43.01
N LEU C 219 -0.31 7.52 -42.59
CA LEU C 219 0.04 7.94 -41.25
C LEU C 219 1.38 8.68 -41.22
N THR C 220 1.39 9.78 -40.50
CA THR C 220 2.64 10.34 -40.05
C THR C 220 3.15 9.33 -39.04
N PRO C 221 4.48 9.25 -38.89
CA PRO C 221 5.05 8.39 -37.84
C PRO C 221 4.51 8.67 -36.45
N LEU C 222 4.13 9.92 -36.22
CA LEU C 222 3.47 10.30 -35.00
C LEU C 222 2.05 9.72 -34.94
N LYS C 223 1.31 9.91 -36.03
CA LYS C 223 -0.01 9.32 -36.15
C LYS C 223 0.10 7.82 -35.93
N LEU C 224 1.08 7.22 -36.61
CA LEU C 224 1.40 5.82 -36.42
C LEU C 224 1.65 5.48 -34.96
N ALA C 225 2.24 6.41 -34.23
CA ALA C 225 2.48 6.20 -32.81
C ALA C 225 1.18 6.02 -32.08
N ALA C 226 0.26 6.90 -32.43
CA ALA C 226 -1.03 6.90 -31.81
C ALA C 226 -1.71 5.57 -32.02
N LYS C 227 -1.98 5.25 -33.29
CA LYS C 227 -2.74 4.05 -33.65
C LYS C 227 -2.11 2.81 -33.06
N GLU C 228 -0.78 2.75 -33.09
CA GLU C 228 -0.06 1.63 -32.51
C GLU C 228 -0.06 1.66 -30.98
N GLY C 229 -0.55 2.76 -30.40
CA GLY C 229 -0.60 2.90 -28.97
C GLY C 229 0.79 3.08 -28.40
N LYS C 230 1.63 3.84 -29.10
CA LYS C 230 2.99 4.16 -28.63
C LYS C 230 2.89 5.25 -27.56
N ILE C 231 3.86 5.33 -26.65
CA ILE C 231 3.68 6.15 -25.43
C ILE C 231 4.81 7.12 -25.10
N GLU C 232 5.98 6.57 -24.81
CA GLU C 232 7.08 7.34 -24.24
C GLU C 232 7.64 8.21 -25.34
N ILE C 233 7.85 7.58 -26.49
CA ILE C 233 8.35 8.28 -27.64
C ILE C 233 7.33 9.25 -28.18
N PHE C 234 6.06 9.02 -27.88
CA PHE C 234 5.03 9.99 -28.22
C PHE C 234 5.27 11.24 -27.39
N LYS C 235 5.54 11.04 -26.10
CA LYS C 235 5.91 12.16 -25.23
C LYS C 235 7.08 12.92 -25.84
N HIS C 236 8.14 12.17 -26.18
CA HIS C 236 9.37 12.73 -26.75
C HIS C 236 9.07 13.49 -28.03
N ILE C 237 8.56 12.80 -29.04
CA ILE C 237 8.28 13.42 -30.35
C ILE C 237 7.41 14.63 -30.24
N LEU C 238 6.56 14.64 -29.22
CA LEU C 238 5.72 15.76 -29.00
C LEU C 238 6.51 16.97 -28.46
N GLN C 239 7.08 16.80 -27.27
CA GLN C 239 7.90 17.83 -26.64
C GLN C 239 9.36 17.59 -27.01
N ARG C 240 9.93 18.38 -27.94
CA ARG C 240 11.33 18.17 -28.40
C ARG C 240 12.16 19.44 -28.25
N GLU C 241 13.47 19.24 -28.21
CA GLU C 241 14.46 20.32 -28.29
C GLU C 241 15.53 19.93 -29.33
N PHE C 242 15.63 20.74 -30.38
CA PHE C 242 16.64 20.55 -31.40
C PHE C 242 17.42 21.85 -31.55
N SER C 243 16.78 22.90 -32.08
CA SER C 243 17.44 24.20 -32.21
C SER C 243 18.68 24.11 -33.17
N ALA C 244 19.88 24.44 -32.66
CA ALA C 244 21.10 24.47 -33.48
C ALA C 244 21.51 23.08 -34.08
N PRO C 245 22.25 23.02 -35.20
CA PRO C 245 22.58 24.19 -36.06
C PRO C 245 21.36 24.70 -36.87
N CYS C 246 20.83 23.82 -37.71
CA CYS C 246 19.61 24.06 -38.48
C CYS C 246 18.47 23.28 -37.85
N GLN C 247 18.74 22.54 -36.76
CA GLN C 247 17.79 21.61 -36.18
C GLN C 247 16.50 22.32 -35.75
N SER C 248 16.57 23.64 -35.59
CA SER C 248 15.41 24.48 -35.41
C SER C 248 14.58 24.61 -36.70
N LEU C 249 15.07 24.19 -37.86
CA LEU C 249 14.23 24.09 -39.05
C LEU C 249 13.27 22.92 -38.90
N SER C 250 13.74 21.85 -38.21
CA SER C 250 12.86 20.76 -37.80
C SER C 250 11.95 21.27 -36.68
N ARG C 251 12.48 22.20 -35.91
CA ARG C 251 11.70 23.03 -34.97
C ARG C 251 11.48 22.32 -33.67
N LYS C 252 11.71 21.00 -33.63
CA LYS C 252 11.46 20.22 -32.43
C LYS C 252 10.08 20.42 -31.74
N PHE C 253 9.11 20.97 -32.48
CA PHE C 253 7.80 21.35 -31.97
C PHE C 253 7.79 22.32 -30.80
N THR C 254 8.85 23.12 -30.66
CA THR C 254 8.94 24.02 -29.51
C THR C 254 9.55 25.37 -29.86
N GLU C 255 9.25 26.29 -28.98
CA GLU C 255 9.87 27.59 -28.95
C GLU C 255 9.75 28.11 -27.51
N TRP C 256 10.30 29.29 -27.28
CA TRP C 256 10.24 29.95 -25.97
C TRP C 256 10.43 31.45 -26.15
N CYS C 257 9.80 32.26 -25.30
CA CYS C 257 10.05 33.71 -25.26
C CYS C 257 9.35 34.37 -24.09
N TYR C 258 9.75 35.61 -23.81
CA TYR C 258 9.11 36.52 -22.84
C TYR C 258 8.70 35.88 -21.50
N GLY C 259 9.66 35.19 -20.89
CA GLY C 259 9.46 34.61 -19.59
C GLY C 259 10.75 34.48 -18.79
N PRO C 260 10.69 34.72 -17.48
CA PRO C 260 11.79 34.36 -16.57
C PRO C 260 11.98 32.85 -16.54
N VAL C 261 10.88 32.10 -16.52
CA VAL C 261 10.90 30.64 -16.70
C VAL C 261 10.01 30.21 -17.89
N ARG C 262 10.62 30.06 -19.07
CA ARG C 262 10.09 29.32 -20.22
C ARG C 262 8.59 29.53 -20.51
N VAL C 263 8.20 30.72 -21.01
CA VAL C 263 6.83 30.91 -21.55
C VAL C 263 6.85 30.54 -23.03
N SER C 264 6.30 29.36 -23.35
CA SER C 264 6.63 28.63 -24.59
C SER C 264 5.50 28.56 -25.60
N LEU C 265 5.87 28.47 -26.88
CA LEU C 265 4.92 28.29 -27.97
C LEU C 265 5.01 26.85 -28.53
N TYR C 266 3.85 26.25 -28.81
CA TYR C 266 3.77 24.91 -29.41
C TYR C 266 3.22 24.91 -30.81
N ASP C 267 3.75 24.01 -31.62
CA ASP C 267 3.34 23.85 -33.01
C ASP C 267 2.29 22.76 -33.05
N LEU C 268 1.05 23.16 -33.24
CA LEU C 268 -0.06 22.24 -33.44
C LEU C 268 -0.16 22.06 -34.95
N ALA C 269 0.34 20.94 -35.47
CA ALA C 269 0.37 20.72 -36.92
C ALA C 269 -0.56 19.58 -37.30
N SER C 270 -0.14 18.36 -37.01
CA SER C 270 -0.99 17.21 -37.18
C SER C 270 -1.94 17.06 -35.99
N VAL C 271 -1.74 17.85 -34.92
CA VAL C 271 -2.60 17.85 -33.76
C VAL C 271 -3.76 18.85 -33.88
N ASP C 272 -3.87 19.53 -35.03
CA ASP C 272 -4.69 20.77 -35.13
C ASP C 272 -6.19 20.60 -34.88
N SER C 273 -6.64 19.35 -34.71
CA SER C 273 -7.98 19.05 -34.25
C SER C 273 -9.11 19.34 -35.26
N TRP C 274 -8.81 19.96 -36.40
CA TRP C 274 -9.77 20.11 -37.49
C TRP C 274 -9.29 19.48 -38.78
N GLU C 275 -8.10 19.90 -39.24
CA GLU C 275 -7.59 19.52 -40.54
C GLU C 275 -7.53 17.98 -40.63
N GLU C 276 -8.24 17.41 -41.61
CA GLU C 276 -8.24 15.97 -41.85
C GLU C 276 -8.56 15.21 -40.57
N ASN C 277 -7.76 14.18 -40.26
CA ASN C 277 -7.86 13.46 -39.00
C ASN C 277 -6.64 13.73 -38.10
N SER C 278 -6.87 14.56 -37.07
CA SER C 278 -5.82 15.00 -36.17
C SER C 278 -5.32 13.86 -35.30
N VAL C 279 -4.15 14.05 -34.71
CA VAL C 279 -3.65 13.15 -33.68
C VAL C 279 -4.73 12.88 -32.64
N LEU C 280 -5.42 13.95 -32.22
CA LEU C 280 -6.55 13.81 -31.33
C LEU C 280 -7.60 12.93 -31.99
N GLU C 281 -7.99 13.28 -33.20
CA GLU C 281 -9.03 12.52 -33.91
C GLU C 281 -8.67 11.05 -34.08
N ILE C 282 -7.36 10.75 -34.11
CA ILE C 282 -6.88 9.39 -34.21
C ILE C 282 -7.09 8.72 -32.89
N ILE C 283 -6.41 9.23 -31.88
CA ILE C 283 -6.42 8.60 -30.56
C ILE C 283 -7.81 8.38 -30.02
N ALA C 284 -8.68 9.32 -30.35
CA ALA C 284 -10.07 9.29 -29.91
C ALA C 284 -10.79 8.04 -30.31
N PHE C 285 -10.78 7.72 -31.59
CA PHE C 285 -11.61 6.65 -32.10
C PHE C 285 -10.77 5.57 -32.72
N HIS C 286 -10.17 5.87 -33.88
CA HIS C 286 -9.44 4.91 -34.70
C HIS C 286 -8.46 4.05 -33.87
N SER C 287 -7.85 4.68 -32.86
CA SER C 287 -6.82 4.03 -32.08
C SER C 287 -7.32 2.81 -31.34
N ARG C 288 -6.72 1.65 -31.60
CA ARG C 288 -6.82 0.51 -30.69
C ARG C 288 -5.91 0.84 -29.54
N SER C 289 -6.14 0.24 -28.38
CA SER C 289 -5.36 0.63 -27.23
C SER C 289 -5.46 -0.31 -26.05
N PRO C 290 -4.31 -0.71 -25.49
CA PRO C 290 -4.32 -1.31 -24.15
C PRO C 290 -4.81 -0.28 -23.16
N HIS C 291 -4.17 0.88 -23.20
CA HIS C 291 -4.53 2.00 -22.36
C HIS C 291 -4.25 3.30 -23.07
N ARG C 292 -5.32 3.94 -23.51
CA ARG C 292 -5.28 5.26 -24.14
C ARG C 292 -5.42 6.35 -23.07
N HIS C 293 -5.90 5.94 -21.90
CA HIS C 293 -6.20 6.86 -20.80
C HIS C 293 -5.01 7.70 -20.43
N ARG C 294 -3.83 7.21 -20.72
CA ARG C 294 -2.61 7.92 -20.44
C ARG C 294 -2.36 9.08 -21.38
N MET C 295 -2.57 8.83 -22.66
CA MET C 295 -2.03 9.71 -23.69
C MET C 295 -2.62 11.10 -23.68
N VAL C 296 -3.91 11.22 -23.46
CA VAL C 296 -4.50 12.57 -23.39
C VAL C 296 -4.00 13.41 -22.21
N VAL C 297 -3.39 12.76 -21.21
CA VAL C 297 -2.77 13.46 -20.10
C VAL C 297 -1.54 14.28 -20.47
N LEU C 298 -1.01 14.07 -21.68
CA LEU C 298 0.13 14.85 -22.15
C LEU C 298 -0.20 16.33 -22.22
N GLU C 299 0.76 17.13 -21.77
CA GLU C 299 0.55 18.56 -21.57
C GLU C 299 0.07 19.34 -22.81
N PRO C 300 0.84 19.24 -23.93
CA PRO C 300 0.46 20.03 -25.11
C PRO C 300 -0.92 19.69 -25.63
N LEU C 301 -1.46 18.55 -25.18
CA LEU C 301 -2.83 18.19 -25.42
C LEU C 301 -3.78 18.87 -24.45
N ASN C 302 -3.71 18.46 -23.19
CA ASN C 302 -4.73 18.84 -22.22
C ASN C 302 -4.86 20.34 -22.03
N LYS C 303 -3.78 21.07 -22.28
CA LYS C 303 -3.91 22.52 -22.35
C LYS C 303 -4.91 22.86 -23.44
N LEU C 304 -4.66 22.36 -24.64
CA LEU C 304 -5.55 22.59 -25.76
C LEU C 304 -6.96 22.13 -25.44
N LEU C 305 -7.07 20.93 -24.90
CA LEU C 305 -8.35 20.34 -24.59
C LEU C 305 -9.13 21.25 -23.67
N GLN C 306 -8.59 21.47 -22.48
CA GLN C 306 -9.26 22.32 -21.50
C GLN C 306 -9.68 23.65 -22.11
N ALA C 307 -8.80 24.21 -22.91
CA ALA C 307 -9.13 25.43 -23.62
C ALA C 307 -10.38 25.25 -24.44
N LYS C 308 -10.37 24.22 -25.29
CA LYS C 308 -11.50 23.91 -26.16
C LYS C 308 -12.79 23.70 -25.38
N TRP C 309 -12.62 23.18 -24.18
CA TRP C 309 -13.75 22.93 -23.30
C TRP C 309 -14.36 24.23 -22.85
N ASP C 310 -13.53 25.05 -22.20
CA ASP C 310 -13.90 26.39 -21.74
C ASP C 310 -14.64 27.10 -22.86
N ARG C 311 -14.02 27.02 -24.03
CA ARG C 311 -14.61 27.47 -25.27
C ARG C 311 -16.00 26.87 -25.51
N LEU C 312 -16.17 25.57 -25.26
CA LEU C 312 -17.35 24.82 -25.72
C LEU C 312 -18.55 24.71 -24.78
N ILE C 313 -18.44 25.10 -23.51
CA ILE C 313 -19.48 24.74 -22.54
C ILE C 313 -20.90 25.16 -22.86
N PRO C 314 -21.14 26.46 -23.11
CA PRO C 314 -22.54 26.90 -23.13
C PRO C 314 -23.43 26.10 -24.07
N ARG C 315 -22.87 25.70 -25.21
CA ARG C 315 -23.61 24.84 -26.12
C ARG C 315 -23.93 23.50 -25.45
N PHE C 316 -22.96 22.97 -24.72
CA PHE C 316 -23.11 21.71 -24.00
C PHE C 316 -24.24 21.78 -23.01
N CYS C 317 -24.14 22.71 -22.08
CA CYS C 317 -25.16 22.81 -21.05
C CYS C 317 -26.53 23.12 -21.66
N PHE C 318 -26.54 23.90 -22.74
CA PHE C 318 -27.78 24.09 -23.48
C PHE C 318 -28.36 22.74 -23.92
N ASN C 319 -27.54 21.96 -24.62
CA ASN C 319 -28.04 20.71 -25.18
C ASN C 319 -28.63 19.87 -24.07
N PHE C 320 -27.88 19.81 -22.99
CA PHE C 320 -28.34 19.17 -21.77
C PHE C 320 -29.74 19.61 -21.39
N LEU C 321 -29.90 20.91 -21.31
CA LEU C 321 -31.15 21.49 -20.85
C LEU C 321 -32.29 21.07 -21.75
N CYS C 322 -32.04 21.11 -23.06
CA CYS C 322 -33.02 20.67 -24.02
C CYS C 322 -33.46 19.27 -23.68
N TYR C 323 -32.48 18.41 -23.51
CA TYR C 323 -32.76 17.01 -23.24
C TYR C 323 -33.67 16.85 -22.05
N LEU C 324 -33.33 17.61 -21.02
CA LEU C 324 -34.04 17.58 -19.76
C LEU C 324 -35.49 17.94 -19.99
N VAL C 325 -35.68 19.05 -20.67
CA VAL C 325 -37.02 19.49 -21.04
C VAL C 325 -37.79 18.35 -21.70
N TYR C 326 -37.13 17.73 -22.64
CA TYR C 326 -37.75 16.67 -23.38
C TYR C 326 -38.26 15.62 -22.44
N MET C 327 -37.42 15.22 -21.50
CA MET C 327 -37.83 14.24 -20.50
C MET C 327 -39.04 14.64 -19.74
N LEU C 328 -39.04 15.87 -19.26
CA LEU C 328 -40.19 16.40 -18.53
C LEU C 328 -41.47 16.14 -19.31
N ILE C 329 -41.40 16.51 -20.57
CA ILE C 329 -42.52 16.34 -21.47
C ILE C 329 -42.93 14.90 -21.56
N PHE C 330 -41.95 14.05 -21.76
CA PHE C 330 -42.17 12.63 -21.95
C PHE C 330 -42.96 12.11 -20.77
N THR C 331 -42.45 12.46 -19.59
CA THR C 331 -42.99 12.07 -18.31
C THR C 331 -44.45 12.45 -18.19
N ALA C 332 -44.72 13.73 -18.37
CA ALA C 332 -46.09 14.24 -18.27
C ALA C 332 -46.99 13.50 -19.23
N VAL C 333 -46.56 13.42 -20.48
CA VAL C 333 -47.27 12.69 -21.52
C VAL C 333 -47.67 11.31 -21.09
N ALA C 334 -46.80 10.68 -20.31
CA ALA C 334 -47.07 9.37 -19.77
C ALA C 334 -48.07 9.40 -18.63
N TYR C 335 -47.70 10.13 -17.57
CA TYR C 335 -48.49 10.21 -16.34
C TYR C 335 -49.92 10.68 -16.56
N HIS C 336 -50.08 11.87 -17.12
CA HIS C 336 -51.43 12.38 -17.41
C HIS C 336 -52.14 11.62 -18.51
N GLN C 337 -51.45 10.75 -19.23
CA GLN C 337 -52.12 9.88 -20.19
C GLN C 337 -53.13 8.99 -19.48
N PRO C 338 -54.41 9.09 -19.87
CA PRO C 338 -55.44 8.25 -19.27
C PRO C 338 -55.41 6.79 -19.77
N ALA C 339 -56.43 6.03 -19.39
CA ALA C 339 -56.66 4.67 -19.87
C ALA C 339 -57.04 4.56 -21.36
N LEU C 340 -57.23 5.70 -22.04
CA LEU C 340 -57.39 5.72 -23.50
C LEU C 340 -56.08 5.30 -24.21
N ALA C 352 -54.75 22.63 -22.74
CA ALA C 352 -54.60 21.22 -22.36
C ALA C 352 -55.52 20.29 -23.22
N GLY C 353 -56.22 19.36 -22.59
CA GLY C 353 -57.23 18.57 -23.27
C GLY C 353 -56.68 17.63 -24.30
N ASN C 354 -57.58 17.06 -25.10
CA ASN C 354 -57.23 16.14 -26.19
C ASN C 354 -56.26 16.79 -27.19
N SER C 355 -56.40 18.11 -27.34
CA SER C 355 -55.51 18.89 -28.18
C SER C 355 -54.06 18.75 -27.72
N MET C 356 -53.81 19.18 -26.49
CA MET C 356 -52.46 19.13 -25.94
C MET C 356 -52.01 17.69 -25.74
N LEU C 357 -52.96 16.75 -25.70
CA LEU C 357 -52.67 15.33 -25.67
C LEU C 357 -51.99 14.90 -26.95
N LEU C 358 -52.68 15.16 -28.07
CA LEU C 358 -52.12 14.91 -29.39
C LEU C 358 -50.80 15.64 -29.54
N LEU C 359 -50.73 16.87 -29.01
CA LEU C 359 -49.48 17.63 -28.96
C LEU C 359 -48.39 16.86 -28.27
N GLY C 360 -48.75 16.26 -27.14
CA GLY C 360 -47.80 15.49 -26.37
C GLY C 360 -47.21 14.41 -27.24
N HIS C 361 -48.08 13.54 -27.73
CA HIS C 361 -47.66 12.41 -28.53
C HIS C 361 -46.79 12.83 -29.71
N ILE C 362 -47.22 13.88 -30.39
CA ILE C 362 -46.51 14.35 -31.55
C ILE C 362 -45.14 14.84 -31.18
N LEU C 363 -45.08 15.68 -30.14
CA LEU C 363 -43.82 16.18 -29.65
C LEU C 363 -42.85 15.05 -29.34
N ILE C 364 -43.36 14.03 -28.66
CA ILE C 364 -42.58 12.82 -28.43
C ILE C 364 -42.03 12.31 -29.72
N LEU C 365 -42.92 12.13 -30.70
CA LEU C 365 -42.51 11.59 -31.98
C LEU C 365 -41.40 12.40 -32.64
N LEU C 366 -41.49 13.71 -32.51
CA LEU C 366 -40.48 14.62 -33.03
C LEU C 366 -39.12 14.44 -32.34
N GLY C 367 -39.13 14.44 -31.01
CA GLY C 367 -37.91 14.18 -30.26
C GLY C 367 -37.32 12.86 -30.69
N GLY C 368 -38.18 11.84 -30.73
CA GLY C 368 -37.77 10.50 -31.06
C GLY C 368 -37.08 10.40 -32.39
N VAL C 369 -37.72 10.93 -33.43
CA VAL C 369 -37.13 10.92 -34.76
C VAL C 369 -35.81 11.68 -34.78
N TYR C 370 -35.78 12.80 -34.08
CA TYR C 370 -34.59 13.61 -34.02
C TYR C 370 -33.42 12.79 -33.54
N LEU C 371 -33.56 12.25 -32.34
CA LEU C 371 -32.49 11.51 -31.71
C LEU C 371 -32.09 10.35 -32.58
N LEU C 372 -33.08 9.56 -33.00
CA LEU C 372 -32.75 8.33 -33.69
C LEU C 372 -31.98 8.63 -34.95
N LEU C 373 -32.31 9.76 -35.57
CA LEU C 373 -31.54 10.25 -36.70
C LEU C 373 -30.10 10.55 -36.28
N GLY C 374 -29.98 11.39 -35.25
CA GLY C 374 -28.72 11.85 -34.72
C GLY C 374 -27.73 10.74 -34.46
N GLN C 375 -28.14 9.88 -33.54
CA GLN C 375 -27.34 8.73 -33.15
C GLN C 375 -27.10 7.85 -34.35
N LEU C 376 -28.09 7.74 -35.22
CA LEU C 376 -27.93 6.91 -36.40
C LEU C 376 -26.69 7.36 -37.20
N TRP C 377 -26.74 8.58 -37.71
CA TRP C 377 -25.66 9.03 -38.59
C TRP C 377 -24.38 9.14 -37.77
N TYR C 378 -24.51 9.21 -36.44
CA TYR C 378 -23.34 9.05 -35.57
C TYR C 378 -22.63 7.73 -35.87
N PHE C 379 -23.39 6.64 -35.82
CA PHE C 379 -22.81 5.35 -36.18
C PHE C 379 -22.26 5.36 -37.60
N TRP C 380 -23.02 5.97 -38.51
CA TRP C 380 -22.60 6.11 -39.93
C TRP C 380 -21.25 6.73 -40.03
N ARG C 381 -21.08 7.78 -39.25
CA ARG C 381 -19.84 8.53 -39.18
C ARG C 381 -18.75 7.64 -38.64
N ARG C 382 -19.15 6.67 -37.81
CA ARG C 382 -18.23 5.64 -37.39
C ARG C 382 -18.11 4.56 -38.40
N ARG C 383 -18.77 4.69 -39.56
CA ARG C 383 -18.61 3.76 -40.67
C ARG C 383 -19.02 2.38 -40.20
N LEU C 384 -19.84 2.33 -39.15
CA LEU C 384 -20.00 1.09 -38.37
C LEU C 384 -18.64 0.52 -37.92
N PHE C 385 -17.80 1.41 -37.39
CA PHE C 385 -16.53 1.03 -36.80
C PHE C 385 -16.81 0.04 -35.66
N ILE C 386 -16.06 -1.06 -35.64
CA ILE C 386 -16.19 -2.05 -34.57
C ILE C 386 -15.97 -1.37 -33.23
N TRP C 387 -17.01 -1.26 -32.39
CA TRP C 387 -16.90 -0.53 -31.14
C TRP C 387 -16.39 -1.46 -30.04
N ILE C 388 -15.09 -1.36 -29.79
CA ILE C 388 -14.47 -1.82 -28.55
C ILE C 388 -14.54 -0.66 -27.57
N SER C 389 -15.10 0.47 -28.04
CA SER C 389 -15.29 1.65 -27.25
C SER C 389 -16.48 1.52 -26.32
N PHE C 390 -17.16 0.38 -26.34
CA PHE C 390 -18.33 0.13 -25.51
C PHE C 390 -18.17 0.69 -24.12
N MET C 391 -17.01 0.47 -23.54
CA MET C 391 -16.70 1.00 -22.22
C MET C 391 -16.91 2.51 -22.15
N ASP C 392 -16.46 3.22 -23.17
CA ASP C 392 -16.70 4.66 -23.27
C ASP C 392 -18.05 5.00 -23.88
N SER C 393 -18.51 4.16 -24.81
CA SER C 393 -19.60 4.54 -25.72
C SER C 393 -21.01 4.11 -25.32
N TYR C 394 -21.18 3.43 -24.19
CA TYR C 394 -22.46 2.83 -23.88
C TYR C 394 -23.62 3.77 -23.94
N PHE C 395 -23.38 5.00 -23.51
CA PHE C 395 -24.39 6.04 -23.61
C PHE C 395 -24.96 6.21 -25.00
N GLU C 396 -24.08 6.30 -26.01
CA GLU C 396 -24.50 6.35 -27.43
C GLU C 396 -25.58 5.32 -27.73
N ILE C 397 -25.25 4.08 -27.38
CA ILE C 397 -26.17 2.99 -27.59
C ILE C 397 -27.50 3.23 -26.88
N LEU C 398 -27.39 3.53 -25.61
CA LEU C 398 -28.57 3.77 -24.82
C LEU C 398 -29.46 4.81 -25.44
N PHE C 399 -28.87 5.88 -25.96
CA PHE C 399 -29.67 6.86 -26.64
C PHE C 399 -30.41 6.19 -27.76
N LEU C 400 -29.66 5.51 -28.61
CA LEU C 400 -30.22 4.95 -29.82
C LEU C 400 -31.43 4.10 -29.50
N LEU C 401 -31.20 3.18 -28.58
CA LEU C 401 -32.18 2.21 -28.17
C LEU C 401 -33.41 2.89 -27.60
N GLN C 402 -33.18 3.84 -26.72
CA GLN C 402 -34.27 4.67 -26.23
C GLN C 402 -35.11 5.23 -27.35
N ALA C 403 -34.43 5.92 -28.26
CA ALA C 403 -35.07 6.66 -29.30
C ALA C 403 -36.00 5.75 -30.08
N LEU C 404 -35.41 4.66 -30.56
CA LEU C 404 -36.16 3.75 -31.40
C LEU C 404 -37.38 3.21 -30.66
N LEU C 405 -37.23 3.01 -29.36
CA LEU C 405 -38.36 2.56 -28.56
C LEU C 405 -39.43 3.61 -28.48
N THR C 406 -39.01 4.86 -28.41
CA THR C 406 -39.96 5.92 -28.29
C THR C 406 -40.86 5.97 -29.51
N VAL C 407 -40.23 6.13 -30.66
CA VAL C 407 -40.95 6.24 -31.93
C VAL C 407 -41.75 5.00 -32.21
N LEU C 408 -41.21 3.84 -31.84
CA LEU C 408 -41.94 2.62 -31.98
C LEU C 408 -43.22 2.67 -31.15
N SER C 409 -43.08 3.18 -29.92
CA SER C 409 -44.23 3.35 -29.05
C SER C 409 -45.36 4.13 -29.69
N GLN C 410 -45.00 5.26 -30.27
CA GLN C 410 -46.02 6.09 -30.92
C GLN C 410 -46.56 5.46 -32.17
N VAL C 411 -45.73 4.67 -32.84
CA VAL C 411 -46.20 3.91 -33.98
C VAL C 411 -47.36 3.06 -33.56
N LEU C 412 -47.11 2.24 -32.56
CA LEU C 412 -48.15 1.36 -32.07
C LEU C 412 -49.27 2.16 -31.33
N CYS C 413 -49.06 3.44 -31.04
CA CYS C 413 -50.14 4.32 -30.55
C CYS C 413 -51.13 4.65 -31.63
N PHE C 414 -50.62 5.09 -32.78
CA PHE C 414 -51.46 5.45 -33.93
C PHE C 414 -52.10 4.20 -34.48
N LEU C 415 -51.28 3.17 -34.68
CA LEU C 415 -51.76 1.85 -35.10
C LEU C 415 -52.67 1.23 -34.05
N ALA C 416 -52.58 1.74 -32.82
CA ALA C 416 -53.43 1.34 -31.71
C ALA C 416 -53.19 -0.14 -31.37
N ILE C 417 -51.91 -0.54 -31.34
CA ILE C 417 -51.54 -1.90 -30.95
C ILE C 417 -51.76 -2.10 -29.45
N GLU C 418 -51.94 -3.37 -29.08
CA GLU C 418 -52.24 -3.76 -27.69
C GLU C 418 -51.21 -3.21 -26.71
N TRP C 419 -49.98 -3.70 -26.85
CA TRP C 419 -48.89 -3.33 -25.97
C TRP C 419 -48.23 -2.11 -26.54
N TYR C 420 -48.47 -0.94 -25.96
CA TYR C 420 -47.70 0.21 -26.35
C TYR C 420 -47.07 0.86 -25.14
N LEU C 421 -47.91 1.18 -24.15
CA LEU C 421 -47.48 1.86 -22.93
C LEU C 421 -46.38 1.11 -22.23
N PRO C 422 -46.39 -0.25 -22.26
CA PRO C 422 -45.20 -0.90 -21.68
C PRO C 422 -43.91 -0.47 -22.37
N LEU C 423 -43.91 -0.48 -23.70
CA LEU C 423 -42.72 -0.09 -24.46
C LEU C 423 -42.43 1.36 -24.18
N LEU C 424 -43.50 2.16 -24.11
CA LEU C 424 -43.36 3.56 -23.85
C LEU C 424 -42.61 3.80 -22.58
N VAL C 425 -43.19 3.31 -21.48
CA VAL C 425 -42.61 3.58 -20.17
C VAL C 425 -41.26 2.97 -20.03
N SER C 426 -41.00 1.88 -20.75
CA SER C 426 -39.66 1.36 -20.78
C SER C 426 -38.73 2.44 -21.32
N SER C 427 -39.12 3.01 -22.44
CA SER C 427 -38.38 4.11 -22.99
C SER C 427 -38.27 5.28 -22.04
N LEU C 428 -39.29 5.49 -21.23
CA LEU C 428 -39.21 6.51 -20.22
C LEU C 428 -38.11 6.24 -19.20
N VAL C 429 -38.28 5.13 -18.47
CA VAL C 429 -37.42 4.75 -17.36
C VAL C 429 -35.98 4.80 -17.85
N LEU C 430 -35.74 4.08 -18.94
CA LEU C 430 -34.47 4.12 -19.66
C LEU C 430 -34.04 5.55 -19.97
N GLY C 431 -34.97 6.34 -20.44
CA GLY C 431 -34.68 7.69 -20.78
C GLY C 431 -34.04 8.48 -19.69
N TRP C 432 -34.64 8.41 -18.52
CA TRP C 432 -34.06 9.09 -17.38
C TRP C 432 -32.72 8.49 -17.07
N LEU C 433 -32.69 7.17 -16.99
CA LEU C 433 -31.47 6.45 -16.65
C LEU C 433 -30.36 6.86 -17.60
N ASN C 434 -30.73 7.17 -18.85
CA ASN C 434 -29.82 7.70 -19.86
C ASN C 434 -29.27 9.06 -19.48
N LEU C 435 -30.11 9.90 -18.89
CA LEU C 435 -29.72 11.27 -18.53
C LEU C 435 -28.37 11.46 -17.92
N LEU C 436 -28.05 10.62 -16.94
CA LEU C 436 -26.89 10.90 -16.11
C LEU C 436 -25.57 10.93 -16.92
N TYR C 437 -25.63 10.56 -18.20
CA TYR C 437 -24.60 10.96 -19.16
C TYR C 437 -24.05 12.36 -18.99
N TYR C 438 -24.93 13.33 -18.84
CA TYR C 438 -24.49 14.70 -18.75
C TYR C 438 -23.82 15.02 -17.44
N THR C 439 -23.66 14.05 -16.54
CA THR C 439 -22.73 14.24 -15.45
C THR C 439 -21.30 14.35 -15.93
N ARG C 440 -21.04 13.82 -17.14
CA ARG C 440 -19.69 13.69 -17.68
C ARG C 440 -18.92 14.99 -17.48
N GLY C 441 -19.63 16.11 -17.67
CA GLY C 441 -19.03 17.40 -17.63
C GLY C 441 -18.98 18.07 -16.29
N PHE C 442 -20.02 17.90 -15.49
CA PHE C 442 -20.19 18.83 -14.38
C PHE C 442 -19.24 18.56 -13.24
N GLN C 443 -19.11 17.32 -12.81
CA GLN C 443 -18.42 17.06 -11.55
C GLN C 443 -17.28 16.08 -11.67
N HIS C 444 -16.38 16.19 -10.72
CA HIS C 444 -15.06 15.61 -10.83
C HIS C 444 -15.01 14.22 -10.16
N THR C 445 -16.01 13.93 -9.34
CA THR C 445 -16.14 12.60 -8.74
C THR C 445 -16.82 11.65 -9.76
N GLY C 446 -17.39 12.24 -10.83
CA GLY C 446 -17.77 11.51 -12.03
C GLY C 446 -16.71 10.53 -12.48
N ILE C 447 -15.44 10.93 -12.29
CA ILE C 447 -14.26 10.09 -12.50
C ILE C 447 -14.38 8.71 -11.85
N TYR C 448 -14.47 8.73 -10.52
CA TYR C 448 -14.57 7.48 -9.77
C TYR C 448 -15.85 6.74 -10.09
N SER C 449 -16.94 7.50 -10.29
CA SER C 449 -18.21 6.90 -10.72
C SER C 449 -18.04 6.05 -12.00
N VAL C 450 -17.24 6.58 -12.94
CA VAL C 450 -16.97 5.87 -14.18
C VAL C 450 -15.99 4.73 -14.03
N MET C 451 -14.80 4.97 -13.49
CA MET C 451 -13.82 3.87 -13.30
C MET C 451 -14.50 2.67 -12.64
N ILE C 452 -15.23 2.99 -11.58
CA ILE C 452 -16.12 2.06 -10.94
C ILE C 452 -16.98 1.45 -12.02
N GLN C 453 -17.80 2.27 -12.67
CA GLN C 453 -18.77 1.80 -13.68
C GLN C 453 -18.16 0.70 -14.58
N LYS C 454 -16.94 0.93 -15.05
CA LYS C 454 -16.16 -0.02 -15.86
C LYS C 454 -15.92 -1.37 -15.22
N VAL C 455 -15.16 -1.35 -14.14
CA VAL C 455 -14.70 -2.60 -13.56
C VAL C 455 -15.85 -3.33 -12.90
N ILE C 456 -16.66 -2.54 -12.22
CA ILE C 456 -17.79 -3.01 -11.49
C ILE C 456 -18.79 -3.67 -12.40
N LEU C 457 -19.04 -3.11 -13.57
CA LEU C 457 -19.98 -3.77 -14.45
C LEU C 457 -19.45 -5.07 -14.97
N ARG C 458 -18.17 -5.09 -15.30
CA ARG C 458 -17.55 -6.32 -15.78
C ARG C 458 -17.73 -7.45 -14.76
N ASP C 459 -17.20 -7.20 -13.58
CA ASP C 459 -17.26 -8.16 -12.48
C ASP C 459 -18.70 -8.54 -12.12
N LEU C 460 -19.60 -7.57 -12.12
CA LEU C 460 -20.96 -7.87 -11.79
C LEU C 460 -21.60 -8.78 -12.82
N LEU C 461 -21.27 -8.62 -14.08
CA LEU C 461 -21.86 -9.52 -15.07
C LEU C 461 -21.39 -10.95 -14.78
N ARG C 462 -20.07 -11.12 -14.76
CA ARG C 462 -19.48 -12.42 -14.49
C ARG C 462 -20.19 -13.07 -13.31
N PHE C 463 -20.41 -12.28 -12.28
CA PHE C 463 -21.10 -12.75 -11.11
C PHE C 463 -22.53 -13.18 -11.43
N LEU C 464 -23.24 -12.32 -12.13
CA LEU C 464 -24.68 -12.48 -12.22
C LEU C 464 -25.05 -13.75 -12.91
N LEU C 465 -24.21 -14.13 -13.86
CA LEU C 465 -24.46 -15.37 -14.55
C LEU C 465 -24.50 -16.53 -13.58
N VAL C 466 -23.47 -16.65 -12.77
CA VAL C 466 -23.36 -17.82 -11.89
C VAL C 466 -24.47 -17.82 -10.90
N TYR C 467 -24.73 -16.66 -10.33
CA TYR C 467 -25.80 -16.55 -9.37
C TYR C 467 -27.06 -17.12 -9.96
N LEU C 468 -27.38 -16.61 -11.14
CA LEU C 468 -28.54 -16.99 -11.85
C LEU C 468 -28.57 -18.51 -11.97
N VAL C 469 -27.48 -19.08 -12.47
CA VAL C 469 -27.52 -20.49 -12.82
C VAL C 469 -27.81 -21.38 -11.66
N PHE C 470 -27.11 -21.19 -10.57
CA PHE C 470 -27.34 -22.15 -9.52
C PHE C 470 -28.66 -21.88 -8.80
N LEU C 471 -29.11 -20.63 -8.82
CA LEU C 471 -30.40 -20.38 -8.21
C LEU C 471 -31.41 -21.16 -9.01
N PHE C 472 -31.23 -21.17 -10.32
CA PHE C 472 -32.09 -21.94 -11.19
C PHE C 472 -32.09 -23.41 -10.76
N GLY C 473 -30.90 -23.94 -10.52
CA GLY C 473 -30.80 -25.30 -10.00
C GLY C 473 -31.68 -25.56 -8.78
N PHE C 474 -31.52 -24.70 -7.81
CA PHE C 474 -32.32 -24.76 -6.59
C PHE C 474 -33.78 -24.60 -6.86
N ALA C 475 -34.10 -23.85 -7.90
CA ALA C 475 -35.49 -23.64 -8.27
C ALA C 475 -36.14 -24.97 -8.62
N VAL C 476 -35.52 -25.66 -9.56
CA VAL C 476 -36.07 -26.93 -9.96
C VAL C 476 -36.09 -27.93 -8.82
N ALA C 477 -35.13 -27.80 -7.92
CA ALA C 477 -35.13 -28.65 -6.75
C ALA C 477 -36.38 -28.47 -5.95
N LEU C 478 -36.63 -27.24 -5.56
CA LEU C 478 -37.77 -26.95 -4.70
C LEU C 478 -39.08 -27.27 -5.36
N VAL C 479 -39.17 -26.93 -6.64
CA VAL C 479 -40.40 -27.19 -7.34
C VAL C 479 -40.68 -28.67 -7.37
N SER C 480 -39.63 -29.44 -7.61
CA SER C 480 -39.77 -30.87 -7.73
C SER C 480 -40.25 -31.43 -6.43
N LEU C 481 -39.67 -31.01 -5.31
CA LEU C 481 -40.09 -31.57 -4.03
C LEU C 481 -41.46 -31.11 -3.63
N SER C 482 -41.83 -29.94 -4.11
CA SER C 482 -43.16 -29.42 -3.88
C SER C 482 -44.20 -30.07 -4.79
N ARG C 483 -43.76 -30.77 -5.83
CA ARG C 483 -44.66 -31.28 -6.86
C ARG C 483 -45.60 -32.35 -6.33
N GLU C 484 -45.43 -32.80 -5.08
CA GLU C 484 -46.50 -33.53 -4.42
C GLU C 484 -46.64 -33.11 -2.96
N PRO C 491 -50.26 -23.57 0.89
CA PRO C 491 -50.83 -24.13 -0.34
C PRO C 491 -49.83 -24.32 -1.49
N PRO C 492 -50.23 -23.91 -2.72
CA PRO C 492 -49.38 -24.10 -3.89
C PRO C 492 -48.10 -23.26 -3.80
N TYR C 493 -46.95 -23.93 -3.79
CA TYR C 493 -45.63 -23.26 -3.86
C TYR C 493 -45.01 -23.56 -5.26
N ARG C 494 -45.92 -23.85 -6.19
CA ARG C 494 -45.64 -24.72 -7.37
C ARG C 494 -44.93 -24.04 -8.52
N SER C 495 -45.45 -22.92 -8.99
CA SER C 495 -44.98 -22.38 -10.28
C SER C 495 -43.48 -22.14 -10.26
N ILE C 496 -42.76 -22.68 -11.25
CA ILE C 496 -41.30 -22.53 -11.27
C ILE C 496 -40.85 -21.08 -11.09
N LEU C 497 -41.40 -20.19 -11.89
CA LEU C 497 -41.08 -18.78 -11.80
C LEU C 497 -41.31 -18.33 -10.36
N ASP C 498 -42.52 -18.61 -9.88
CA ASP C 498 -42.91 -18.28 -8.51
C ASP C 498 -41.91 -18.80 -7.50
N ALA C 499 -41.56 -20.07 -7.64
CA ALA C 499 -40.60 -20.69 -6.75
C ALA C 499 -39.31 -19.93 -6.78
N SER C 500 -38.85 -19.60 -7.98
CA SER C 500 -37.65 -18.81 -8.12
C SER C 500 -37.75 -17.45 -7.47
N LEU C 501 -38.93 -16.87 -7.43
CA LEU C 501 -39.09 -15.62 -6.72
C LEU C 501 -38.95 -15.80 -5.25
N GLU C 502 -39.75 -16.71 -4.70
CA GLU C 502 -39.70 -17.00 -3.28
C GLU C 502 -38.25 -17.25 -2.86
N LEU C 503 -37.46 -17.77 -3.79
CA LEU C 503 -36.08 -17.97 -3.55
C LEU C 503 -35.24 -16.72 -3.79
N PHE C 504 -35.61 -15.90 -4.73
CA PHE C 504 -34.86 -14.65 -4.97
C PHE C 504 -34.96 -13.61 -3.86
N LYS C 505 -36.14 -13.51 -3.26
CA LYS C 505 -36.38 -12.53 -2.22
C LYS C 505 -35.45 -12.69 -1.00
N PHE C 506 -34.65 -13.77 -0.97
CA PHE C 506 -33.65 -13.96 0.03
C PHE C 506 -32.40 -13.18 -0.20
N THR C 507 -32.22 -12.64 -1.38
CA THR C 507 -31.07 -11.86 -1.62
C THR C 507 -31.30 -10.38 -1.37
N ILE C 508 -32.54 -9.90 -1.50
CA ILE C 508 -32.87 -8.56 -0.99
C ILE C 508 -33.48 -8.62 0.38
N GLY C 509 -33.52 -9.82 0.93
CA GLY C 509 -33.78 -9.99 2.33
C GLY C 509 -35.22 -9.76 2.70
N MET C 510 -36.13 -9.99 1.77
CA MET C 510 -37.50 -10.10 2.17
C MET C 510 -37.89 -11.56 2.29
N GLY C 511 -36.90 -12.46 2.18
CA GLY C 511 -37.23 -13.86 2.03
C GLY C 511 -37.77 -14.56 3.26
N GLU C 512 -38.20 -15.80 3.02
CA GLU C 512 -38.99 -16.58 3.96
C GLU C 512 -38.33 -17.51 4.97
N LEU C 513 -37.89 -18.67 4.50
CA LEU C 513 -37.18 -19.66 5.33
C LEU C 513 -38.08 -20.38 6.33
N ALA C 514 -39.39 -20.08 6.29
CA ALA C 514 -40.36 -20.74 7.14
C ALA C 514 -40.32 -22.26 6.95
N PHE C 515 -40.47 -22.97 8.06
CA PHE C 515 -40.50 -24.43 8.11
C PHE C 515 -41.93 -24.87 8.38
N GLN C 516 -42.40 -25.87 7.65
CA GLN C 516 -43.74 -26.43 7.89
C GLN C 516 -43.68 -27.90 7.61
N GLU C 517 -44.28 -28.72 8.47
CA GLU C 517 -44.26 -30.19 8.26
C GLU C 517 -45.25 -30.60 7.18
N GLN C 518 -46.04 -29.63 6.69
CA GLN C 518 -46.89 -29.82 5.51
C GLN C 518 -46.31 -30.68 4.38
N LEU C 519 -45.09 -30.33 3.95
CA LEU C 519 -44.50 -30.92 2.75
C LEU C 519 -44.09 -32.39 2.91
N ARG C 520 -43.81 -32.78 4.15
CA ARG C 520 -43.53 -34.15 4.52
C ARG C 520 -42.15 -34.60 4.14
N PHE C 521 -41.46 -33.86 3.29
CA PHE C 521 -40.02 -33.91 3.22
C PHE C 521 -39.47 -32.59 3.73
N ARG C 522 -40.30 -31.89 4.49
CA ARG C 522 -39.99 -30.59 5.04
C ARG C 522 -38.53 -30.45 5.43
N GLY C 523 -38.05 -31.49 6.12
CA GLY C 523 -36.69 -31.54 6.59
C GLY C 523 -35.69 -31.13 5.55
N VAL C 524 -35.76 -31.81 4.41
CA VAL C 524 -34.79 -31.59 3.36
C VAL C 524 -35.07 -30.33 2.62
N VAL C 525 -36.34 -29.99 2.46
CA VAL C 525 -36.64 -28.80 1.70
C VAL C 525 -36.01 -27.59 2.35
N LEU C 526 -36.32 -27.41 3.62
CA LEU C 526 -35.81 -26.25 4.31
C LEU C 526 -34.29 -26.34 4.37
N LEU C 527 -33.79 -27.56 4.63
CA LEU C 527 -32.34 -27.77 4.64
C LEU C 527 -31.71 -27.26 3.37
N LEU C 528 -32.38 -27.52 2.29
CA LEU C 528 -31.88 -27.16 1.02
C LEU C 528 -31.82 -25.67 0.86
N LEU C 529 -32.94 -24.98 1.07
CA LEU C 529 -32.92 -23.55 0.81
C LEU C 529 -31.97 -22.86 1.76
N LEU C 530 -31.77 -23.46 2.92
CA LEU C 530 -30.75 -22.97 3.82
C LEU C 530 -29.36 -23.01 3.19
N ALA C 531 -29.06 -24.12 2.56
CA ALA C 531 -27.86 -24.24 1.77
C ALA C 531 -27.79 -23.16 0.76
N TYR C 532 -28.90 -22.90 0.11
CA TYR C 532 -28.98 -21.76 -0.78
C TYR C 532 -28.49 -20.46 -0.19
N VAL C 533 -29.08 -20.10 0.93
CA VAL C 533 -28.75 -18.88 1.63
C VAL C 533 -27.26 -18.77 1.85
N LEU C 534 -26.72 -19.77 2.52
CA LEU C 534 -25.30 -19.82 2.80
C LEU C 534 -24.50 -19.58 1.54
N LEU C 535 -24.91 -20.24 0.49
CA LEU C 535 -24.16 -20.25 -0.72
C LEU C 535 -24.19 -18.91 -1.41
N THR C 536 -25.36 -18.37 -1.64
CA THR C 536 -25.42 -17.04 -2.25
C THR C 536 -24.69 -15.99 -1.42
N TYR C 537 -24.68 -16.17 -0.11
CA TYR C 537 -23.93 -15.28 0.73
C TYR C 537 -22.48 -15.34 0.38
N VAL C 538 -21.89 -16.51 0.53
CA VAL C 538 -20.47 -16.64 0.24
C VAL C 538 -20.13 -16.14 -1.15
N LEU C 539 -21.07 -16.26 -2.06
CA LEU C 539 -20.89 -15.71 -3.35
C LEU C 539 -20.75 -14.20 -3.35
N LEU C 540 -21.73 -13.51 -2.77
CA LEU C 540 -21.67 -12.05 -2.78
C LEU C 540 -20.44 -11.58 -2.09
N LEU C 541 -20.08 -12.25 -1.01
CA LEU C 541 -18.86 -11.92 -0.31
C LEU C 541 -17.69 -11.99 -1.26
N ASN C 542 -17.52 -13.12 -1.90
CA ASN C 542 -16.48 -13.33 -2.90
C ASN C 542 -16.42 -12.14 -3.84
N MET C 543 -17.55 -11.75 -4.42
CA MET C 543 -17.58 -10.67 -5.41
C MET C 543 -17.12 -9.39 -4.79
N LEU C 544 -17.70 -9.08 -3.66
CA LEU C 544 -17.44 -7.83 -2.99
C LEU C 544 -15.96 -7.60 -2.79
N ILE C 545 -15.33 -8.56 -2.15
CA ILE C 545 -13.89 -8.52 -1.96
C ILE C 545 -13.20 -8.43 -3.30
N ALA C 546 -13.64 -9.21 -4.28
CA ALA C 546 -12.91 -9.30 -5.54
C ALA C 546 -12.70 -7.92 -6.13
N LEU C 547 -13.81 -7.27 -6.43
CA LEU C 547 -13.73 -5.91 -7.00
C LEU C 547 -13.08 -4.90 -6.04
N MET C 548 -13.27 -5.13 -4.74
CA MET C 548 -12.60 -4.34 -3.76
C MET C 548 -11.09 -4.36 -3.99
N SER C 549 -10.53 -5.57 -4.10
CA SER C 549 -9.11 -5.80 -4.42
C SER C 549 -8.69 -5.09 -5.69
N GLU C 550 -9.52 -5.26 -6.72
CA GLU C 550 -9.32 -4.61 -8.00
C GLU C 550 -9.00 -3.13 -7.85
N THR C 551 -9.79 -2.41 -7.05
CA THR C 551 -9.49 -1.00 -6.82
C THR C 551 -8.49 -0.73 -5.71
N VAL C 552 -8.23 -1.73 -4.86
CA VAL C 552 -7.17 -1.63 -3.87
C VAL C 552 -5.85 -1.39 -4.61
N ASN C 553 -5.54 -2.24 -5.57
CA ASN C 553 -4.48 -1.93 -6.54
C ASN C 553 -5.08 -0.82 -7.40
N SER C 554 -4.47 0.36 -7.35
CA SER C 554 -5.08 1.54 -7.96
C SER C 554 -4.03 2.38 -8.63
N VAL C 555 -4.26 2.75 -9.89
CA VAL C 555 -3.38 3.67 -10.61
C VAL C 555 -3.80 5.11 -10.35
N ALA C 556 -4.82 5.32 -9.49
CA ALA C 556 -5.17 6.63 -8.98
C ALA C 556 -5.46 7.62 -10.13
N THR C 557 -4.66 8.67 -10.30
CA THR C 557 -4.88 9.68 -11.33
C THR C 557 -5.04 9.12 -12.75
N ASP C 558 -4.71 7.85 -12.97
CA ASP C 558 -5.13 7.14 -14.18
C ASP C 558 -6.62 7.24 -14.38
N SER C 559 -7.36 7.14 -13.28
CA SER C 559 -8.80 7.40 -13.28
C SER C 559 -9.08 8.83 -13.69
N TRP C 560 -8.34 9.76 -13.09
CA TRP C 560 -8.46 11.16 -13.44
C TRP C 560 -8.38 11.37 -14.93
N SER C 561 -7.41 10.71 -15.53
CA SER C 561 -7.19 10.78 -16.94
C SER C 561 -8.32 10.11 -17.71
N ILE C 562 -8.79 8.99 -17.18
CA ILE C 562 -9.92 8.28 -17.76
C ILE C 562 -11.07 9.25 -17.93
N TRP C 563 -11.33 10.02 -16.88
CA TRP C 563 -12.30 11.08 -16.96
C TRP C 563 -11.94 12.11 -18.02
N LYS C 564 -10.68 12.50 -18.03
CA LYS C 564 -10.21 13.53 -18.95
C LYS C 564 -10.59 13.17 -20.37
N LEU C 565 -10.24 11.97 -20.79
CA LEU C 565 -10.54 11.63 -22.18
C LEU C 565 -11.98 11.40 -22.37
N GLN C 566 -12.62 10.86 -21.35
CA GLN C 566 -14.06 10.66 -21.41
C GLN C 566 -14.67 11.97 -21.85
N LYS C 567 -14.08 13.06 -21.38
CA LYS C 567 -14.53 14.40 -21.73
C LYS C 567 -14.09 14.78 -23.11
N ALA C 568 -12.88 14.38 -23.45
CA ALA C 568 -12.31 14.65 -24.76
C ALA C 568 -13.13 14.14 -25.95
N ILE C 569 -13.62 12.93 -25.83
CA ILE C 569 -14.43 12.37 -26.89
C ILE C 569 -15.61 13.27 -27.15
N SER C 570 -16.25 13.69 -26.06
CA SER C 570 -17.37 14.59 -26.14
C SER C 570 -17.01 15.86 -26.88
N VAL C 571 -15.90 16.46 -26.50
CA VAL C 571 -15.54 17.70 -27.15
C VAL C 571 -15.33 17.55 -28.64
N LEU C 572 -14.68 16.47 -29.04
CA LEU C 572 -14.45 16.21 -30.46
C LEU C 572 -15.72 15.92 -31.20
N GLU C 573 -16.73 15.46 -30.50
CA GLU C 573 -17.99 15.24 -31.13
C GLU C 573 -18.78 16.50 -31.27
N MET C 574 -18.79 17.33 -30.25
CA MET C 574 -19.50 18.61 -30.33
C MET C 574 -18.71 19.60 -31.18
N GLU C 575 -17.48 19.20 -31.56
CA GLU C 575 -16.70 19.91 -32.55
C GLU C 575 -17.50 20.21 -33.78
N ASN C 576 -18.23 19.23 -34.30
CA ASN C 576 -19.03 19.48 -35.49
C ASN C 576 -20.54 19.27 -35.36
N GLY C 577 -21.24 20.40 -35.13
CA GLY C 577 -22.66 20.61 -35.44
C GLY C 577 -23.64 19.52 -35.09
N TYR C 578 -24.66 19.36 -35.92
CA TYR C 578 -25.61 18.27 -35.86
C TYR C 578 -25.87 17.83 -37.29
N TRP C 579 -25.43 16.69 -37.79
CA TRP C 579 -25.94 16.18 -39.07
C TRP C 579 -27.32 15.56 -38.89
N TRP C 580 -27.88 15.63 -37.69
CA TRP C 580 -29.33 15.65 -37.53
C TRP C 580 -29.87 16.99 -38.07
N CYS C 581 -28.94 17.90 -38.38
CA CYS C 581 -29.14 19.04 -39.27
C CYS C 581 -29.97 20.11 -38.61
N ARG C 582 -30.00 20.14 -37.28
CA ARG C 582 -30.48 21.32 -36.58
C ARG C 582 -29.55 22.45 -37.05
N ARG C 583 -28.25 22.20 -36.93
CA ARG C 583 -27.23 22.91 -37.70
C ARG C 583 -26.36 21.81 -38.31
N LYS C 584 -26.47 21.62 -39.62
CA LYS C 584 -25.79 20.51 -40.31
C LYS C 584 -24.29 20.77 -40.42
N LYS C 585 -23.94 21.97 -40.87
CA LYS C 585 -22.54 22.35 -41.08
C LYS C 585 -22.06 23.15 -39.88
N GLN C 586 -21.08 22.62 -39.18
CA GLN C 586 -20.33 23.41 -38.23
C GLN C 586 -19.09 23.88 -38.96
N ARG C 587 -18.67 25.11 -38.68
CA ARG C 587 -17.50 25.68 -39.32
C ARG C 587 -16.22 24.91 -38.93
N ALA C 588 -15.18 25.07 -39.74
CA ALA C 588 -13.85 24.60 -39.38
C ALA C 588 -13.15 25.70 -38.56
N GLY C 589 -13.93 26.62 -37.97
CA GLY C 589 -13.44 27.90 -37.45
C GLY C 589 -12.35 27.81 -36.41
N VAL C 590 -12.21 26.64 -35.79
CA VAL C 590 -11.00 26.37 -35.00
C VAL C 590 -9.73 26.48 -35.85
N MET C 591 -8.69 26.95 -35.20
CA MET C 591 -7.45 27.29 -35.86
C MET C 591 -6.37 27.61 -34.84
N LEU C 592 -5.17 27.89 -35.33
CA LEU C 592 -4.00 28.21 -34.54
C LEU C 592 -3.38 29.56 -34.97
N THR C 593 -2.66 30.18 -34.03
CA THR C 593 -1.94 31.44 -34.27
C THR C 593 -0.98 31.23 -35.43
N VAL C 594 -0.74 32.28 -36.21
CA VAL C 594 0.30 32.23 -37.24
C VAL C 594 1.70 32.18 -36.62
N GLY C 595 2.58 31.41 -37.24
CA GLY C 595 3.91 31.20 -36.71
C GLY C 595 4.83 32.39 -36.99
N THR C 596 5.75 32.60 -36.06
CA THR C 596 6.69 33.72 -36.09
C THR C 596 8.06 33.32 -36.64
N ARG C 597 8.19 32.11 -37.19
CA ARG C 597 9.49 31.46 -37.37
C ARG C 597 9.87 31.33 -38.86
N PRO C 598 10.68 32.27 -39.40
CA PRO C 598 11.37 32.12 -40.69
C PRO C 598 12.82 31.65 -40.57
N ASP C 599 13.06 30.48 -39.97
CA ASP C 599 14.45 30.03 -39.75
C ASP C 599 15.05 29.44 -41.04
N GLY C 600 16.12 30.06 -41.52
CA GLY C 600 16.82 29.63 -42.73
C GLY C 600 15.94 29.69 -43.97
N SER C 601 16.13 28.72 -44.85
CA SER C 601 15.32 28.60 -46.06
C SER C 601 13.81 28.35 -45.77
N PRO C 602 13.45 27.50 -44.78
CA PRO C 602 12.00 27.52 -44.46
C PRO C 602 11.60 28.85 -43.79
N ASP C 603 10.59 29.53 -44.34
CA ASP C 603 10.25 30.92 -43.94
C ASP C 603 9.07 31.13 -42.96
N GLU C 604 8.33 30.10 -42.51
CA GLU C 604 7.14 30.32 -41.62
C GLU C 604 6.47 29.04 -41.11
N ARG C 605 5.68 29.16 -40.03
CA ARG C 605 4.73 28.13 -39.57
C ARG C 605 3.39 28.75 -39.10
N TRP C 606 2.53 27.93 -38.49
CA TRP C 606 1.21 28.34 -37.97
C TRP C 606 0.90 27.47 -36.76
N CYS C 607 0.80 28.08 -35.57
CA CYS C 607 0.91 27.33 -34.32
C CYS C 607 0.17 27.86 -33.09
N PHE C 608 0.49 27.28 -31.93
CA PHE C 608 -0.27 27.45 -30.67
C PHE C 608 0.64 27.89 -29.51
N ARG C 609 0.02 28.41 -28.44
CA ARG C 609 0.73 28.94 -27.28
C ARG C 609 0.45 28.22 -25.95
N VAL C 610 1.51 27.90 -25.20
CA VAL C 610 1.45 27.34 -23.84
C VAL C 610 2.09 28.33 -22.88
N GLY C 611 2.26 27.96 -21.60
CA GLY C 611 2.88 28.90 -20.65
C GLY C 611 3.68 28.36 -19.47
N GLU C 612 4.55 29.23 -18.95
CA GLU C 612 5.21 29.09 -17.65
C GLU C 612 5.96 27.79 -17.38
N MET C 613 5.71 27.17 -16.21
CA MET C 613 6.45 26.01 -15.75
C MET C 613 7.97 26.18 -15.79
N ASP D 1 47.30 -39.48 32.06
CA ASP D 1 48.49 -39.59 31.15
C ASP D 1 48.97 -38.19 30.73
N ARG D 2 50.19 -38.12 30.21
CA ARG D 2 50.76 -36.89 29.62
C ARG D 2 49.93 -36.38 28.44
N LEU D 3 49.62 -37.28 27.51
CA LEU D 3 48.78 -36.99 26.36
C LEU D 3 47.35 -36.72 26.81
N PHE D 4 46.92 -37.39 27.87
CA PHE D 4 45.63 -37.16 28.51
C PHE D 4 45.52 -35.73 29.01
N ASN D 5 46.60 -35.23 29.61
CA ASN D 5 46.71 -33.83 29.98
C ASN D 5 46.95 -32.95 28.75
N VAL D 6 47.40 -33.55 27.64
CA VAL D 6 47.55 -32.85 26.37
C VAL D 6 46.29 -32.83 25.54
N VAL D 7 45.20 -33.42 26.05
CA VAL D 7 43.86 -33.29 25.48
C VAL D 7 43.54 -31.80 25.26
N ALA D 8 43.81 -31.00 26.29
CA ALA D 8 43.94 -29.56 26.16
C ALA D 8 45.38 -29.18 26.54
N ARG D 9 46.21 -28.85 25.55
CA ARG D 9 47.60 -28.45 25.79
C ARG D 9 47.98 -27.23 24.96
N GLY D 10 48.05 -27.40 23.64
CA GLY D 10 48.67 -26.43 22.74
C GLY D 10 50.10 -26.83 22.44
N ASN D 11 50.72 -27.66 23.30
CA ASN D 11 52.02 -28.28 23.08
C ASN D 11 51.90 -29.82 23.00
N PRO D 12 51.68 -30.38 21.78
CA PRO D 12 51.60 -31.83 21.58
C PRO D 12 52.95 -32.56 21.76
N GLU D 13 54.06 -31.82 21.76
CA GLU D 13 55.39 -32.36 22.06
C GLU D 13 55.42 -33.24 23.33
N ASP D 14 54.60 -32.86 24.32
CA ASP D 14 54.35 -33.65 25.53
C ASP D 14 53.80 -35.02 25.18
N LEU D 15 52.75 -34.99 24.36
CA LEU D 15 52.13 -36.22 23.85
C LEU D 15 53.09 -37.05 22.98
N ALA D 16 54.11 -36.41 22.42
CA ALA D 16 55.22 -37.10 21.74
C ALA D 16 56.16 -37.78 22.72
N GLY D 17 56.44 -37.09 23.81
CA GLY D 17 57.18 -37.68 24.92
C GLY D 17 56.52 -38.92 25.47
N LEU D 18 55.19 -38.91 25.58
CA LEU D 18 54.43 -40.10 25.98
C LEU D 18 54.20 -41.00 24.77
N LEU D 19 54.40 -40.49 23.56
CA LEU D 19 54.43 -41.32 22.35
C LEU D 19 55.66 -42.20 22.32
N GLU D 20 56.68 -41.81 23.09
CA GLU D 20 57.77 -42.74 23.40
C GLU D 20 57.22 -43.97 24.14
N TYR D 21 56.33 -43.73 25.11
CA TYR D 21 55.54 -44.80 25.76
C TYR D 21 54.67 -45.54 24.75
N LEU D 22 54.16 -44.83 23.75
CA LEU D 22 53.46 -45.46 22.62
C LEU D 22 54.38 -46.42 21.87
N ARG D 23 55.65 -46.04 21.76
CA ARG D 23 56.70 -46.92 21.20
C ARG D 23 57.04 -48.07 22.15
N ARG D 24 56.84 -47.85 23.44
CA ARG D 24 57.14 -48.84 24.49
C ARG D 24 56.09 -49.94 24.56
N THR D 25 54.87 -49.55 24.92
CA THR D 25 53.74 -50.47 25.02
C THR D 25 53.42 -51.06 23.63
N SER D 26 52.82 -52.26 23.66
CA SER D 26 52.28 -52.88 22.45
C SER D 26 50.84 -52.41 22.20
N LYS D 27 50.30 -51.56 23.09
CA LYS D 27 48.98 -50.93 22.92
C LYS D 27 48.91 -49.94 21.76
N TYR D 28 48.05 -50.23 20.79
CA TYR D 28 47.84 -49.41 19.62
C TYR D 28 46.47 -48.74 19.69
N LEU D 29 46.41 -47.54 19.13
CA LEU D 29 45.22 -46.68 19.20
C LEU D 29 44.81 -46.50 20.66
N THR D 30 45.69 -45.88 21.45
CA THR D 30 45.46 -45.61 22.86
C THR D 30 44.70 -44.30 23.08
N ASP D 31 44.38 -43.59 21.98
CA ASP D 31 43.55 -42.37 22.02
C ASP D 31 42.19 -42.59 22.67
N SER D 32 41.64 -43.80 22.49
CA SER D 32 40.48 -44.26 23.24
C SER D 32 40.91 -44.70 24.65
N GLU D 33 42.04 -45.43 24.71
CA GLU D 33 42.60 -45.93 25.97
C GLU D 33 43.13 -44.85 26.90
N TYR D 34 43.23 -43.62 26.41
CA TYR D 34 43.48 -42.47 27.25
C TYR D 34 42.15 -42.02 27.90
N THR D 35 42.20 -40.90 28.61
CA THR D 35 41.04 -40.28 29.25
C THR D 35 39.92 -39.89 28.29
N GLU D 36 40.26 -39.74 27.01
CA GLU D 36 39.39 -39.19 26.01
C GLU D 36 38.06 -39.94 25.84
N GLY D 37 36.95 -39.21 26.02
CA GLY D 37 35.61 -39.67 25.69
C GLY D 37 35.11 -38.97 24.43
N SER D 38 33.79 -38.86 24.28
CA SER D 38 33.16 -38.28 23.06
C SER D 38 33.71 -38.90 21.77
N THR D 39 33.69 -40.23 21.72
CA THR D 39 34.27 -41.04 20.63
C THR D 39 35.82 -41.04 20.61
N GLY D 40 36.47 -40.22 21.45
CA GLY D 40 37.91 -40.15 21.52
C GLY D 40 38.58 -39.22 20.52
N LYS D 41 37.84 -38.78 19.49
CA LYS D 41 38.29 -37.78 18.49
C LYS D 41 38.66 -36.44 19.09
N THR D 42 38.29 -36.28 20.36
CA THR D 42 38.41 -35.04 21.09
C THR D 42 39.81 -34.49 21.15
N CYS D 43 40.83 -35.33 20.96
CA CYS D 43 42.22 -34.82 20.89
C CYS D 43 42.43 -34.02 19.60
N LEU D 44 42.12 -34.67 18.49
CA LEU D 44 42.20 -34.04 17.18
C LEU D 44 41.11 -32.98 17.05
N MET D 45 39.96 -33.22 17.68
CA MET D 45 38.89 -32.23 17.74
C MET D 45 39.31 -31.01 18.56
N LYS D 46 40.21 -31.21 19.52
CA LYS D 46 40.81 -30.12 20.30
C LYS D 46 41.79 -29.37 19.45
N ALA D 47 42.60 -30.12 18.70
CA ALA D 47 43.51 -29.54 17.72
C ALA D 47 42.73 -28.58 16.82
N VAL D 48 41.68 -29.11 16.20
CA VAL D 48 40.73 -28.34 15.38
C VAL D 48 40.22 -27.12 16.13
N LEU D 49 39.76 -27.35 17.35
CA LEU D 49 39.19 -26.30 18.20
C LEU D 49 40.18 -25.17 18.52
N ASN D 50 41.48 -25.46 18.45
CA ASN D 50 42.52 -24.48 18.73
C ASN D 50 42.68 -23.42 17.64
N LEU D 51 42.77 -23.84 16.38
CA LEU D 51 43.00 -22.92 15.25
C LEU D 51 44.27 -22.06 15.49
N GLN D 52 45.41 -22.76 15.71
CA GLN D 52 46.69 -22.15 16.06
C GLN D 52 47.36 -21.47 14.87
N ASP D 53 47.53 -20.14 14.94
CA ASP D 53 48.09 -19.34 13.84
C ASP D 53 47.22 -19.42 12.58
N GLY D 54 45.89 -19.41 12.77
CA GLY D 54 44.95 -19.54 11.65
C GLY D 54 44.96 -20.91 10.98
N VAL D 55 45.71 -21.85 11.56
CA VAL D 55 45.87 -23.21 11.07
C VAL D 55 45.97 -24.10 12.31
N ASN D 56 46.39 -25.35 12.15
CA ASN D 56 46.91 -26.12 13.28
C ASN D 56 48.35 -26.55 13.04
N ALA D 57 49.26 -25.85 13.70
CA ALA D 57 50.64 -26.28 13.86
C ALA D 57 50.72 -27.20 15.08
N CYS D 58 49.62 -27.29 15.84
CA CYS D 58 49.44 -28.28 16.90
C CYS D 58 49.14 -29.67 16.35
N ILE D 59 48.31 -29.72 15.32
CA ILE D 59 47.78 -30.98 14.78
C ILE D 59 48.86 -31.78 14.04
N GLN D 60 49.52 -31.13 13.09
CA GLN D 60 50.56 -31.75 12.25
C GLN D 60 51.51 -32.70 13.01
N PRO D 61 52.12 -32.21 14.11
CA PRO D 61 53.01 -33.13 14.84
C PRO D 61 52.28 -34.28 15.52
N LEU D 62 51.12 -33.99 16.12
CA LEU D 62 50.35 -35.03 16.79
C LEU D 62 49.75 -36.00 15.78
N LEU D 63 49.41 -35.48 14.61
CA LEU D 63 49.09 -36.32 13.47
C LEU D 63 50.24 -37.28 13.21
N GLU D 64 51.46 -36.74 13.17
CA GLU D 64 52.67 -37.54 12.97
C GLU D 64 52.84 -38.57 14.08
N ILE D 65 52.34 -38.25 15.28
CA ILE D 65 52.37 -39.15 16.42
C ILE D 65 51.46 -40.35 16.21
N ASP D 66 50.20 -40.09 15.91
CA ASP D 66 49.23 -41.16 15.64
C ASP D 66 49.70 -42.01 14.45
N ARG D 67 50.28 -41.33 13.45
CA ARG D 67 50.89 -42.00 12.30
C ARG D 67 51.96 -42.98 12.76
N ASP D 68 52.86 -42.47 13.61
CA ASP D 68 53.96 -43.26 14.18
C ASP D 68 53.49 -44.42 15.04
N SER D 69 52.31 -44.27 15.65
CA SER D 69 51.72 -45.35 16.44
C SER D 69 51.48 -46.59 15.59
N GLY D 70 51.22 -46.41 14.29
CA GLY D 70 50.90 -47.51 13.39
C GLY D 70 49.60 -48.20 13.82
N ASN D 71 48.70 -47.43 14.42
CA ASN D 71 47.47 -47.98 15.03
C ASN D 71 46.52 -48.57 13.97
N PRO D 72 45.75 -49.64 14.32
CA PRO D 72 44.73 -50.25 13.43
C PRO D 72 43.73 -49.24 12.85
N GLN D 73 43.16 -48.43 13.72
CA GLN D 73 42.30 -47.32 13.30
C GLN D 73 42.88 -46.02 13.84
N PRO D 74 43.32 -45.08 12.95
CA PRO D 74 43.71 -43.76 13.46
C PRO D 74 42.51 -43.02 14.02
N LEU D 75 42.73 -41.83 14.56
CA LEU D 75 41.68 -41.11 15.28
C LEU D 75 40.64 -40.46 14.33
N VAL D 76 40.92 -40.42 13.02
CA VAL D 76 39.95 -39.97 12.01
C VAL D 76 38.83 -40.97 11.77
N ASN D 77 39.13 -42.26 11.99
CA ASN D 77 38.11 -43.31 11.88
C ASN D 77 37.03 -43.22 12.97
N ALA D 78 37.26 -42.38 13.98
CA ALA D 78 36.25 -42.09 15.01
C ALA D 78 34.90 -41.64 14.46
N GLN D 79 33.82 -42.11 15.10
CA GLN D 79 32.44 -41.88 14.69
C GLN D 79 31.71 -41.03 15.75
N CYS D 80 31.27 -39.82 15.38
CA CYS D 80 30.48 -38.95 16.28
C CYS D 80 29.11 -39.56 16.58
N THR D 81 28.61 -39.35 17.79
CA THR D 81 27.43 -40.07 18.26
C THR D 81 26.12 -39.62 17.57
N ASP D 82 25.15 -40.52 17.59
CA ASP D 82 23.87 -40.37 16.87
C ASP D 82 22.97 -39.18 17.30
N GLU D 83 22.05 -38.85 16.40
CA GLU D 83 20.98 -37.87 16.63
C GLU D 83 21.40 -36.39 16.53
N TYR D 84 22.70 -36.07 16.57
CA TYR D 84 23.18 -34.69 16.40
C TYR D 84 24.16 -34.56 15.24
N TYR D 85 25.23 -35.33 15.29
CA TYR D 85 26.02 -35.66 14.12
C TYR D 85 26.46 -37.11 14.31
N ARG D 86 25.80 -38.03 13.60
CA ARG D 86 26.05 -39.48 13.75
C ARG D 86 27.21 -39.98 12.86
N GLY D 87 28.27 -40.49 13.48
CA GLY D 87 29.46 -40.93 12.77
C GLY D 87 30.24 -39.82 12.10
N HIS D 88 30.02 -38.58 12.54
CA HIS D 88 30.67 -37.41 11.94
C HIS D 88 32.17 -37.44 12.27
N SER D 89 32.99 -37.43 11.22
CA SER D 89 34.44 -37.48 11.39
C SER D 89 34.98 -36.18 11.96
N ALA D 90 36.12 -36.29 12.61
CA ALA D 90 36.90 -35.11 12.97
C ALA D 90 37.31 -34.36 11.71
N LEU D 91 37.42 -35.10 10.61
CA LEU D 91 37.60 -34.53 9.28
C LEU D 91 36.46 -33.59 8.93
N HIS D 92 35.25 -34.11 9.07
CA HIS D 92 34.02 -33.33 8.88
C HIS D 92 34.02 -32.12 9.78
N ILE D 93 34.42 -32.34 11.03
CA ILE D 93 34.60 -31.23 11.97
C ILE D 93 35.57 -30.18 11.44
N ALA D 94 36.65 -30.64 10.82
CA ALA D 94 37.68 -29.75 10.28
C ALA D 94 37.10 -28.87 9.21
N ILE D 95 36.38 -29.50 8.29
CA ILE D 95 35.69 -28.78 7.23
C ILE D 95 34.73 -27.77 7.82
N GLU D 96 34.03 -28.20 8.87
CA GLU D 96 33.10 -27.34 9.60
C GLU D 96 33.80 -26.14 10.18
N LYS D 97 35.06 -26.34 10.57
CA LYS D 97 35.90 -25.29 11.12
C LYS D 97 36.54 -24.45 10.03
N ARG D 98 36.42 -24.91 8.79
CA ARG D 98 36.93 -24.20 7.62
C ARG D 98 38.46 -24.07 7.69
N SER D 99 39.14 -25.15 8.07
CA SER D 99 40.61 -25.22 8.05
C SER D 99 41.10 -26.01 6.84
N LEU D 100 41.66 -25.27 5.87
CA LEU D 100 42.11 -25.83 4.61
C LEU D 100 43.34 -26.71 4.82
N GLN D 101 44.33 -26.14 5.49
CA GLN D 101 45.66 -26.76 5.61
C GLN D 101 45.60 -28.10 6.31
N CYS D 102 45.11 -28.09 7.55
CA CYS D 102 45.06 -29.30 8.37
C CYS D 102 44.15 -30.37 7.76
N VAL D 103 43.13 -29.94 7.02
CA VAL D 103 42.29 -30.84 6.27
C VAL D 103 43.11 -31.52 5.19
N LYS D 104 43.86 -30.70 4.45
CA LYS D 104 44.78 -31.18 3.42
C LYS D 104 45.77 -32.18 4.01
N LEU D 105 46.14 -31.93 5.26
CA LEU D 105 47.01 -32.83 6.00
C LEU D 105 46.32 -34.12 6.37
N LEU D 106 45.07 -34.03 6.84
CA LEU D 106 44.27 -35.20 7.23
C LEU D 106 44.17 -36.14 6.05
N VAL D 107 43.85 -35.54 4.91
CA VAL D 107 43.89 -36.24 3.65
C VAL D 107 45.27 -36.82 3.45
N GLU D 108 46.29 -35.97 3.60
CA GLU D 108 47.69 -36.39 3.51
C GLU D 108 48.02 -37.44 4.58
N ASN D 109 47.30 -37.38 5.70
CA ASN D 109 47.37 -38.40 6.72
C ASN D 109 46.67 -39.67 6.28
N GLY D 110 45.94 -39.61 5.17
CA GLY D 110 45.27 -40.76 4.59
C GLY D 110 43.84 -40.88 5.06
N ALA D 111 43.24 -39.77 5.52
CA ALA D 111 41.81 -39.76 5.88
C ALA D 111 40.93 -40.04 4.65
N ASN D 112 39.72 -40.58 4.87
CA ASN D 112 38.86 -41.05 3.77
C ASN D 112 37.58 -40.22 3.59
N VAL D 113 37.07 -40.27 2.35
CA VAL D 113 35.87 -39.56 1.95
C VAL D 113 34.61 -40.22 2.50
N HIS D 114 34.28 -41.40 1.98
CA HIS D 114 32.97 -42.02 2.19
C HIS D 114 32.60 -42.14 3.67
N ALA D 115 31.48 -41.54 4.07
CA ALA D 115 31.04 -41.48 5.47
C ALA D 115 29.55 -41.16 5.64
N LYS D 116 29.10 -41.26 6.89
CA LYS D 116 27.77 -40.78 7.31
C LYS D 116 27.96 -39.79 8.44
N ALA D 117 27.46 -38.56 8.27
CA ALA D 117 27.62 -37.48 9.25
C ALA D 117 26.43 -37.33 10.21
N CYS D 118 25.38 -38.13 10.02
CA CYS D 118 24.11 -37.95 10.72
C CYS D 118 23.17 -39.14 10.52
N CYS D 129 22.32 -31.94 12.96
CA CYS D 129 23.03 -31.80 11.70
C CYS D 129 22.31 -30.88 10.69
N PHE D 130 21.32 -31.42 9.98
CA PHE D 130 20.59 -30.70 8.93
C PHE D 130 21.45 -30.20 7.76
N TYR D 131 22.69 -30.70 7.65
CA TYR D 131 23.53 -30.52 6.48
C TYR D 131 24.17 -31.90 6.34
N PHE D 132 23.75 -32.64 5.33
CA PHE D 132 23.88 -34.09 5.39
C PHE D 132 25.30 -34.55 5.05
N GLY D 133 25.88 -33.94 4.01
CA GLY D 133 27.30 -34.03 3.77
C GLY D 133 27.93 -35.41 3.85
N GLU D 134 27.15 -36.46 3.56
CA GLU D 134 27.65 -37.83 3.67
C GLU D 134 28.89 -38.02 2.78
N LEU D 135 28.94 -37.32 1.65
CA LEU D 135 30.20 -37.07 0.95
C LEU D 135 30.79 -35.77 1.45
N PRO D 136 31.91 -35.84 2.16
CA PRO D 136 32.61 -34.67 2.66
C PRO D 136 32.78 -33.56 1.63
N LEU D 137 32.93 -33.96 0.36
CA LEU D 137 32.88 -33.04 -0.77
C LEU D 137 31.65 -32.15 -0.69
N SER D 138 30.51 -32.80 -0.50
CA SER D 138 29.26 -32.09 -0.37
C SER D 138 29.27 -31.18 0.83
N LEU D 139 29.88 -31.64 1.92
CA LEU D 139 30.04 -30.80 3.11
C LEU D 139 30.77 -29.50 2.76
N ALA D 140 31.85 -29.65 2.02
CA ALA D 140 32.65 -28.53 1.53
C ALA D 140 31.81 -27.56 0.72
N ALA D 141 31.00 -28.14 -0.15
CA ALA D 141 30.08 -27.37 -0.98
C ALA D 141 29.10 -26.58 -0.13
N CYS D 142 28.59 -27.24 0.88
CA CYS D 142 27.73 -26.60 1.87
C CYS D 142 28.41 -25.44 2.56
N THR D 143 29.71 -25.55 2.76
CA THR D 143 30.50 -24.50 3.34
C THR D 143 30.92 -23.44 2.32
N LYS D 144 30.72 -23.75 1.04
CA LYS D 144 30.95 -22.81 -0.05
C LYS D 144 32.43 -22.41 -0.17
N GLN D 145 33.33 -23.39 -0.22
CA GLN D 145 34.77 -23.14 -0.43
C GLN D 145 35.26 -23.91 -1.66
N TRP D 146 35.73 -23.20 -2.69
CA TRP D 146 36.23 -23.82 -3.92
C TRP D 146 37.54 -24.56 -3.64
N ASP D 147 38.47 -23.81 -3.07
CA ASP D 147 39.85 -24.26 -2.80
C ASP D 147 39.91 -25.69 -2.28
N VAL D 148 39.01 -25.98 -1.36
CA VAL D 148 38.94 -27.29 -0.73
C VAL D 148 38.39 -28.35 -1.67
N VAL D 149 37.45 -27.96 -2.52
CA VAL D 149 36.87 -28.93 -3.43
C VAL D 149 37.86 -29.27 -4.51
N ASN D 150 38.59 -28.26 -4.95
CA ASN D 150 39.67 -28.47 -5.88
C ASN D 150 40.76 -29.27 -5.19
N TYR D 151 40.90 -29.08 -3.88
CA TYR D 151 41.84 -29.84 -3.05
C TYR D 151 41.49 -31.30 -2.98
N LEU D 152 40.20 -31.60 -2.98
CA LEU D 152 39.72 -32.97 -3.07
C LEU D 152 40.05 -33.49 -4.43
N LEU D 153 39.74 -32.67 -5.43
CA LEU D 153 40.04 -32.98 -6.82
C LEU D 153 41.49 -33.45 -6.96
N GLU D 154 42.38 -32.66 -6.35
CA GLU D 154 43.81 -32.93 -6.34
C GLU D 154 44.18 -33.84 -5.17
N ASN D 155 43.93 -33.32 -3.98
CA ASN D 155 44.29 -34.00 -2.75
C ASN D 155 43.50 -35.31 -2.50
N PRO D 156 44.18 -36.36 -1.96
CA PRO D 156 45.65 -36.29 -1.79
C PRO D 156 46.22 -36.23 -3.21
N HIS D 157 45.74 -37.14 -3.98
CA HIS D 157 46.03 -37.34 -5.37
C HIS D 157 44.65 -37.63 -5.94
N PRO D 158 43.86 -38.62 -5.32
CA PRO D 158 42.58 -38.83 -6.01
C PRO D 158 41.55 -37.77 -5.64
N ALA D 159 40.41 -37.85 -6.29
CA ALA D 159 39.28 -37.02 -5.97
C ALA D 159 38.23 -37.91 -5.35
N ALA D 160 37.15 -37.29 -4.91
CA ALA D 160 35.94 -38.00 -4.55
C ALA D 160 35.02 -38.00 -5.77
N SER D 161 34.85 -39.17 -6.39
CA SER D 161 33.98 -39.31 -7.57
C SER D 161 32.59 -38.78 -7.22
N LEU D 162 32.11 -37.84 -8.01
CA LEU D 162 30.78 -37.28 -7.78
C LEU D 162 29.76 -38.36 -8.02
N GLN D 163 30.10 -39.29 -8.94
CA GLN D 163 29.29 -40.48 -9.23
C GLN D 163 28.89 -41.26 -7.99
N ALA D 164 29.68 -41.15 -6.91
CA ALA D 164 29.31 -41.72 -5.63
C ALA D 164 28.11 -41.02 -5.01
N GLN D 165 27.22 -41.83 -4.42
CA GLN D 165 26.00 -41.37 -3.75
C GLN D 165 25.99 -41.83 -2.29
N ASP D 166 25.12 -41.23 -1.49
CA ASP D 166 25.03 -41.52 -0.04
C ASP D 166 23.97 -42.58 0.26
N SER D 167 23.71 -42.84 1.55
CA SER D 167 22.66 -43.78 1.98
C SER D 167 21.26 -43.35 1.56
N LEU D 168 21.02 -42.04 1.55
CA LEU D 168 19.77 -41.49 1.02
C LEU D 168 19.76 -41.61 -0.49
N GLY D 169 20.89 -42.01 -1.08
CA GLY D 169 21.05 -42.10 -2.51
C GLY D 169 21.34 -40.73 -3.08
N ASN D 170 21.16 -39.66 -2.27
CA ASN D 170 21.21 -38.30 -2.77
C ASN D 170 22.65 -37.94 -3.11
N THR D 171 22.89 -37.67 -4.40
CA THR D 171 24.20 -37.28 -4.88
C THR D 171 24.42 -35.85 -4.46
N VAL D 172 25.69 -35.45 -4.43
CA VAL D 172 26.10 -34.08 -4.09
C VAL D 172 25.18 -33.01 -4.63
N LEU D 173 24.82 -33.14 -5.90
CA LEU D 173 23.94 -32.18 -6.52
C LEU D 173 22.61 -32.18 -5.78
N HIS D 174 22.04 -33.37 -5.65
CA HIS D 174 20.79 -33.56 -4.92
C HIS D 174 20.88 -32.90 -3.57
N ALA D 175 22.02 -33.05 -2.93
CA ALA D 175 22.26 -32.44 -1.65
C ALA D 175 22.18 -30.92 -1.71
N LEU D 176 22.89 -30.35 -2.67
CA LEU D 176 22.88 -28.91 -2.88
C LEU D 176 21.45 -28.41 -2.95
N VAL D 177 20.68 -29.10 -3.79
CA VAL D 177 19.31 -28.72 -4.01
C VAL D 177 18.53 -28.84 -2.72
N MET D 178 18.79 -29.89 -1.94
CA MET D 178 18.11 -30.07 -0.67
C MET D 178 18.29 -28.83 0.15
N ILE D 179 19.55 -28.46 0.35
CA ILE D 179 19.84 -27.34 1.20
C ILE D 179 19.53 -26.03 0.54
N ALA D 180 19.38 -26.05 -0.78
CA ALA D 180 19.02 -24.85 -1.50
C ALA D 180 17.82 -24.18 -0.84
N ASP D 181 17.99 -22.93 -0.46
CA ASP D 181 17.02 -22.20 0.34
C ASP D 181 16.39 -21.09 -0.50
N ASN D 182 15.39 -20.42 0.06
CA ASN D 182 14.85 -19.20 -0.53
C ASN D 182 15.86 -18.06 -0.59
N SER D 183 16.64 -17.90 0.49
CA SER D 183 17.54 -16.75 0.67
C SER D 183 18.44 -16.57 -0.54
N PRO D 184 18.16 -15.55 -1.37
CA PRO D 184 18.81 -15.36 -2.67
C PRO D 184 20.32 -15.10 -2.59
N GLU D 185 20.81 -14.61 -1.44
CA GLU D 185 22.25 -14.58 -1.20
C GLU D 185 22.82 -16.01 -1.23
N ASN D 186 22.40 -16.80 -0.24
CA ASN D 186 22.78 -18.21 -0.13
C ASN D 186 22.44 -18.96 -1.41
N SER D 187 21.25 -18.71 -1.93
CA SER D 187 20.82 -19.32 -3.19
C SER D 187 21.78 -19.02 -4.33
N ALA D 188 22.24 -17.77 -4.40
CA ALA D 188 23.14 -17.32 -5.44
C ALA D 188 24.46 -18.05 -5.38
N LEU D 189 25.07 -18.05 -4.20
CA LEU D 189 26.35 -18.73 -4.03
C LEU D 189 26.22 -20.21 -4.37
N VAL D 190 25.09 -20.78 -3.97
CA VAL D 190 24.79 -22.16 -4.27
C VAL D 190 24.75 -22.34 -5.77
N VAL D 191 24.13 -21.42 -6.50
CA VAL D 191 24.07 -21.50 -7.96
C VAL D 191 25.48 -21.56 -8.52
N ARG D 192 26.28 -20.58 -8.09
CA ARG D 192 27.66 -20.42 -8.54
C ARG D 192 28.43 -21.72 -8.41
N MET D 193 28.38 -22.27 -7.19
CA MET D 193 29.07 -23.52 -6.88
C MET D 193 28.46 -24.70 -7.59
N TYR D 194 27.15 -24.64 -7.84
CA TYR D 194 26.45 -25.70 -8.52
C TYR D 194 26.97 -25.86 -9.93
N ASP D 195 26.87 -24.77 -10.68
CA ASP D 195 27.31 -24.76 -12.08
C ASP D 195 28.82 -25.02 -12.16
N GLY D 196 29.54 -24.44 -11.18
CA GLY D 196 30.97 -24.62 -11.07
C GLY D 196 31.35 -26.07 -10.91
N LEU D 197 30.66 -26.78 -10.03
CA LEU D 197 30.91 -28.20 -9.81
C LEU D 197 30.48 -29.01 -11.03
N LEU D 198 29.42 -28.53 -11.68
CA LEU D 198 28.94 -29.15 -12.89
C LEU D 198 30.05 -29.20 -13.94
N GLN D 199 30.58 -28.02 -14.25
CA GLN D 199 31.66 -27.85 -15.23
C GLN D 199 32.93 -28.52 -14.74
N ALA D 200 33.11 -28.54 -13.42
CA ALA D 200 34.27 -29.19 -12.82
C ALA D 200 34.29 -30.66 -13.18
N GLY D 201 33.30 -31.40 -12.68
CA GLY D 201 33.18 -32.83 -12.94
C GLY D 201 33.10 -33.10 -14.43
N ALA D 202 32.44 -32.20 -15.14
CA ALA D 202 32.37 -32.29 -16.60
C ALA D 202 33.72 -32.08 -17.28
N ARG D 203 34.64 -31.40 -16.61
CA ARG D 203 36.00 -31.22 -17.09
C ARG D 203 36.93 -32.30 -16.58
N LEU D 204 36.45 -33.12 -15.65
CA LEU D 204 37.29 -34.07 -14.97
C LEU D 204 36.86 -35.52 -15.21
N CYS D 205 35.59 -35.86 -14.99
CA CYS D 205 35.05 -37.19 -15.34
C CYS D 205 35.54 -37.72 -16.70
N PRO D 206 35.62 -36.87 -17.74
CA PRO D 206 34.77 -35.67 -17.96
C PRO D 206 33.40 -36.10 -18.46
N ASN D 207 33.37 -37.26 -19.14
CA ASN D 207 32.17 -37.80 -19.78
C ASN D 207 31.53 -38.98 -19.01
N VAL D 208 30.37 -38.68 -18.43
CA VAL D 208 29.49 -39.63 -17.73
C VAL D 208 28.26 -38.77 -17.38
N GLN D 209 27.13 -39.35 -16.99
CA GLN D 209 25.95 -38.57 -16.59
C GLN D 209 26.13 -38.08 -15.16
N LEU D 210 26.44 -36.79 -15.02
CA LEU D 210 26.59 -36.13 -13.73
C LEU D 210 25.21 -35.88 -13.12
N GLU D 211 24.22 -35.61 -13.97
CA GLU D 211 22.84 -35.46 -13.53
C GLU D 211 22.05 -36.64 -14.07
N GLY D 212 20.94 -36.94 -13.42
CA GLY D 212 20.08 -38.05 -13.82
C GLY D 212 20.21 -39.26 -12.93
N ILE D 213 20.93 -39.14 -11.83
CA ILE D 213 21.03 -40.25 -10.92
C ILE D 213 19.86 -40.20 -9.95
N PRO D 214 19.02 -41.25 -9.94
CA PRO D 214 17.87 -41.36 -9.06
C PRO D 214 18.21 -41.21 -7.56
N ASN D 215 17.49 -40.32 -6.86
CA ASN D 215 17.56 -40.21 -5.42
C ASN D 215 16.87 -41.38 -4.73
N LEU D 216 16.68 -41.26 -3.42
CA LEU D 216 15.95 -42.27 -2.63
C LEU D 216 14.67 -42.71 -3.35
N GLU D 217 13.69 -41.81 -3.39
CA GLU D 217 12.66 -41.86 -4.42
C GLU D 217 13.39 -41.38 -5.67
N GLY D 218 13.37 -42.21 -6.71
CA GLY D 218 14.16 -41.92 -7.90
C GLY D 218 13.87 -40.53 -8.42
N LEU D 219 14.89 -39.70 -8.49
CA LEU D 219 14.77 -38.30 -8.87
C LEU D 219 16.05 -37.79 -9.52
N THR D 220 15.86 -37.05 -10.62
CA THR D 220 16.89 -36.18 -11.09
C THR D 220 16.98 -35.10 -10.03
N PRO D 221 18.16 -34.50 -9.87
CA PRO D 221 18.29 -33.37 -8.96
C PRO D 221 17.32 -32.24 -9.24
N LEU D 222 16.94 -32.09 -10.50
CA LEU D 222 15.91 -31.16 -10.89
C LEU D 222 14.53 -31.62 -10.40
N LYS D 223 14.23 -32.89 -10.65
CA LYS D 223 13.01 -33.50 -10.13
C LYS D 223 12.97 -33.31 -8.62
N LEU D 224 14.09 -33.63 -7.98
CA LEU D 224 14.27 -33.40 -6.56
C LEU D 224 13.98 -31.96 -6.18
N ALA D 225 14.32 -31.03 -7.06
CA ALA D 225 14.03 -29.62 -6.80
C ALA D 225 12.56 -29.40 -6.68
N ALA D 226 11.86 -30.01 -7.62
CA ALA D 226 10.43 -29.88 -7.67
C ALA D 226 9.81 -30.37 -6.39
N LYS D 227 9.99 -31.66 -6.11
CA LYS D 227 9.35 -32.31 -4.97
C LYS D 227 9.67 -31.60 -3.68
N GLU D 228 10.93 -31.17 -3.55
CA GLU D 228 11.36 -30.42 -2.37
C GLU D 228 10.82 -28.98 -2.37
N GLY D 229 10.21 -28.56 -3.48
CA GLY D 229 9.66 -27.23 -3.59
C GLY D 229 10.78 -26.21 -3.68
N LYS D 230 11.84 -26.54 -4.40
CA LYS D 230 12.96 -25.61 -4.64
C LYS D 230 12.55 -24.61 -5.71
N ILE D 231 13.14 -23.41 -5.71
CA ILE D 231 12.59 -22.30 -6.52
C ILE D 231 13.57 -21.56 -7.41
N GLU D 232 14.55 -20.90 -6.79
CA GLU D 232 15.41 -19.96 -7.48
C GLU D 232 16.35 -20.76 -8.35
N ILE D 233 16.92 -21.78 -7.73
CA ILE D 233 17.82 -22.66 -8.43
C ILE D 233 17.10 -23.48 -9.46
N PHE D 234 15.79 -23.67 -9.30
CA PHE D 234 14.99 -24.28 -10.34
C PHE D 234 14.98 -23.37 -11.55
N LYS D 235 14.78 -22.07 -11.31
CA LYS D 235 14.87 -21.09 -12.39
C LYS D 235 16.21 -21.23 -13.11
N HIS D 236 17.28 -21.20 -12.30
CA HIS D 236 18.67 -21.29 -12.80
C HIS D 236 18.87 -22.56 -13.60
N ILE D 237 18.71 -23.71 -12.96
CA ILE D 237 18.93 -25.01 -13.63
C ILE D 237 18.13 -25.16 -14.89
N LEU D 238 16.99 -24.50 -14.91
CA LEU D 238 16.17 -24.53 -16.08
C LEU D 238 16.77 -23.71 -17.22
N GLN D 239 16.88 -22.41 -17.00
CA GLN D 239 17.47 -21.48 -17.95
C GLN D 239 18.97 -21.34 -17.65
N ARG D 240 19.85 -21.98 -18.43
CA ARG D 240 21.31 -21.92 -18.15
C ARG D 240 22.10 -21.45 -19.37
N GLU D 241 23.30 -20.97 -19.09
CA GLU D 241 24.31 -20.65 -20.13
C GLU D 241 25.65 -21.26 -19.70
N PHE D 242 26.15 -22.19 -20.51
CA PHE D 242 27.43 -22.83 -20.29
C PHE D 242 28.26 -22.64 -21.54
N SER D 243 27.91 -23.30 -22.65
CA SER D 243 28.64 -23.14 -23.91
C SER D 243 30.12 -23.59 -23.76
N ALA D 244 31.09 -22.69 -24.03
CA ALA D 244 32.52 -23.04 -24.01
C ALA D 244 33.04 -23.52 -22.61
N PRO D 245 34.13 -24.31 -22.54
CA PRO D 245 34.79 -24.97 -23.70
C PRO D 245 33.96 -26.12 -24.29
N CYS D 246 33.71 -27.13 -23.47
CA CYS D 246 32.85 -28.26 -23.80
C CYS D 246 31.52 -28.09 -23.07
N GLN D 247 31.35 -27.01 -22.30
CA GLN D 247 30.22 -26.84 -21.40
C GLN D 247 28.89 -26.86 -22.17
N SER D 248 28.97 -26.63 -23.48
CA SER D 248 27.87 -26.82 -24.38
C SER D 248 27.54 -28.32 -24.58
N LEU D 249 28.38 -29.25 -24.17
CA LEU D 249 28.02 -30.66 -24.14
C LEU D 249 27.01 -30.89 -23.01
N SER D 250 27.16 -30.13 -21.92
CA SER D 250 26.14 -30.08 -20.86
C SER D 250 24.92 -29.35 -21.39
N ARG D 251 25.19 -28.39 -22.29
CA ARG D 251 24.18 -27.76 -23.12
C ARG D 251 23.48 -26.65 -22.40
N LYS D 252 23.63 -26.57 -21.07
CA LYS D 252 22.94 -25.59 -20.26
C LYS D 252 21.41 -25.41 -20.53
N PHE D 253 20.78 -26.42 -21.15
CA PHE D 253 19.39 -26.37 -21.60
C PHE D 253 19.04 -25.24 -22.56
N THR D 254 20.00 -24.70 -23.29
CA THR D 254 19.73 -23.57 -24.15
C THR D 254 20.48 -23.61 -25.48
N GLU D 255 19.93 -22.85 -26.39
CA GLU D 255 20.57 -22.57 -27.64
C GLU D 255 19.98 -21.23 -28.15
N TRP D 256 20.47 -20.79 -29.28
CA TRP D 256 19.97 -19.55 -29.92
C TRP D 256 20.29 -19.59 -31.40
N CYS D 257 19.43 -18.98 -32.23
CA CYS D 257 19.72 -18.80 -33.67
C CYS D 257 18.68 -17.90 -34.34
N TYR D 258 19.02 -17.46 -35.55
CA TYR D 258 18.13 -16.74 -36.46
C TYR D 258 17.24 -15.65 -35.82
N GLY D 259 17.89 -14.78 -35.06
CA GLY D 259 17.23 -13.64 -34.47
C GLY D 259 18.14 -12.46 -34.24
N PRO D 260 17.65 -11.24 -34.47
CA PRO D 260 18.34 -10.03 -34.01
C PRO D 260 18.45 -9.99 -32.50
N VAL D 261 17.37 -10.39 -31.81
CA VAL D 261 17.39 -10.61 -30.36
C VAL D 261 16.94 -12.05 -30.00
N ARG D 262 17.93 -12.95 -29.84
CA ARG D 262 17.79 -14.24 -29.17
C ARG D 262 16.51 -15.02 -29.47
N VAL D 263 16.37 -15.57 -30.68
CA VAL D 263 15.29 -16.55 -30.97
C VAL D 263 15.81 -17.95 -30.63
N SER D 264 15.35 -18.49 -29.50
CA SER D 264 16.05 -19.56 -28.76
C SER D 264 15.34 -20.91 -28.79
N LEU D 265 16.12 -21.98 -28.71
CA LEU D 265 15.61 -23.34 -28.61
C LEU D 265 15.82 -23.89 -27.17
N TYR D 266 14.81 -24.58 -26.64
CA TYR D 266 14.88 -25.23 -25.32
C TYR D 266 14.86 -26.74 -25.38
N ASP D 267 15.61 -27.34 -24.48
CA ASP D 267 15.70 -28.79 -24.37
C ASP D 267 14.69 -29.24 -23.34
N LEU D 268 13.60 -29.83 -23.83
CA LEU D 268 12.60 -30.44 -22.97
C LEU D 268 13.01 -31.89 -22.82
N ALA D 269 13.62 -32.26 -21.70
CA ALA D 269 14.14 -33.61 -21.51
C ALA D 269 13.35 -34.33 -20.43
N SER D 270 13.59 -33.97 -19.18
CA SER D 270 12.79 -34.48 -18.08
C SER D 270 11.49 -33.69 -17.96
N VAL D 271 11.35 -32.59 -18.71
CA VAL D 271 10.13 -31.80 -18.74
C VAL D 271 9.14 -32.28 -19.80
N ASP D 272 9.45 -33.36 -20.52
CA ASP D 272 8.77 -33.70 -21.79
C ASP D 272 7.28 -33.98 -21.70
N SER D 273 6.75 -34.03 -20.49
CA SER D 273 5.32 -34.07 -20.24
C SER D 273 4.63 -35.41 -20.62
N TRP D 274 5.34 -36.35 -21.24
CA TRP D 274 4.82 -37.70 -21.48
C TRP D 274 5.70 -38.76 -20.86
N GLU D 275 6.99 -38.76 -21.22
CA GLU D 275 7.90 -39.82 -20.83
C GLU D 275 7.91 -39.94 -19.31
N GLU D 276 7.57 -41.13 -18.79
CA GLU D 276 7.59 -41.42 -17.35
C GLU D 276 6.81 -40.36 -16.59
N ASN D 277 7.40 -39.84 -15.52
CA ASN D 277 6.83 -38.71 -14.77
C ASN D 277 7.67 -37.44 -14.96
N SER D 278 7.13 -36.52 -15.76
CA SER D 278 7.83 -35.29 -16.13
C SER D 278 7.94 -34.35 -14.94
N VAL D 279 8.84 -33.39 -15.05
CA VAL D 279 8.91 -32.28 -14.10
C VAL D 279 7.51 -31.70 -13.87
N LEU D 280 6.78 -31.49 -14.96
CA LEU D 280 5.39 -31.06 -14.87
C LEU D 280 4.61 -32.08 -14.06
N GLU D 281 4.68 -33.33 -14.46
CA GLU D 281 3.93 -34.38 -13.77
C GLU D 281 4.26 -34.48 -12.30
N ILE D 282 5.48 -34.08 -11.93
CA ILE D 282 5.90 -34.05 -10.54
C ILE D 282 5.21 -32.92 -9.85
N ILE D 283 5.52 -31.71 -10.30
CA ILE D 283 5.03 -30.50 -9.64
C ILE D 283 3.53 -30.49 -9.49
N ALA D 284 2.87 -31.06 -10.48
CA ALA D 284 1.42 -31.13 -10.52
C ALA D 284 0.83 -31.81 -9.32
N PHE D 285 1.27 -33.02 -9.03
CA PHE D 285 0.62 -33.83 -8.02
C PHE D 285 1.57 -34.17 -6.91
N HIS D 286 2.55 -35.03 -7.20
CA HIS D 286 3.48 -35.59 -6.22
C HIS D 286 4.07 -34.50 -5.29
N SER D 287 4.32 -33.32 -5.87
CA SER D 287 4.97 -32.26 -5.13
C SER D 287 4.19 -31.79 -3.93
N ARG D 288 4.79 -31.88 -2.74
CA ARG D 288 4.33 -31.10 -1.59
C ARG D 288 4.81 -29.69 -1.84
N SER D 289 4.16 -28.71 -1.23
CA SER D 289 4.50 -27.35 -1.55
C SER D 289 3.96 -26.33 -0.58
N PRO D 290 4.82 -25.41 -0.11
CA PRO D 290 4.31 -24.19 0.51
C PRO D 290 3.56 -23.38 -0.52
N HIS D 291 4.23 -23.14 -1.64
CA HIS D 291 3.64 -22.44 -2.76
C HIS D 291 4.21 -22.95 -4.06
N ARG D 292 3.39 -23.71 -4.77
CA ARG D 292 3.70 -24.23 -6.10
C ARG D 292 3.26 -23.24 -7.17
N HIS D 293 2.37 -22.32 -6.76
CA HIS D 293 1.75 -21.36 -7.67
C HIS D 293 2.77 -20.57 -8.43
N ARG D 294 3.97 -20.45 -7.89
CA ARG D 294 5.04 -19.73 -8.52
C ARG D 294 5.65 -20.48 -9.68
N MET D 295 5.88 -21.76 -9.47
CA MET D 295 6.79 -22.49 -10.35
C MET D 295 6.30 -22.64 -11.77
N VAL D 296 5.01 -22.88 -11.95
CA VAL D 296 4.50 -22.96 -13.33
C VAL D 296 4.60 -21.65 -14.12
N VAL D 297 4.79 -20.53 -13.41
CA VAL D 297 5.01 -19.24 -14.05
C VAL D 297 6.33 -19.13 -14.81
N LEU D 298 7.24 -20.08 -14.60
CA LEU D 298 8.51 -20.10 -15.32
C LEU D 298 8.29 -20.21 -16.82
N GLU D 299 9.06 -19.43 -17.55
CA GLU D 299 8.87 -19.26 -18.99
C GLU D 299 8.88 -20.55 -19.82
N PRO D 300 9.98 -21.35 -19.70
CA PRO D 300 10.08 -22.55 -20.54
C PRO D 300 8.96 -23.52 -20.29
N LEU D 301 8.23 -23.34 -19.17
CA LEU D 301 7.01 -24.06 -18.89
C LEU D 301 5.83 -23.44 -19.60
N ASN D 302 5.44 -22.25 -19.16
CA ASN D 302 4.15 -21.68 -19.57
C ASN D 302 4.03 -21.48 -21.07
N LYS D 303 5.17 -21.32 -21.75
CA LYS D 303 5.13 -21.37 -23.20
C LYS D 303 4.60 -22.72 -23.63
N LEU D 304 5.23 -23.78 -23.14
CA LEU D 304 4.79 -25.14 -23.45
C LEU D 304 3.33 -25.34 -23.07
N LEU D 305 3.00 -24.93 -21.85
CA LEU D 305 1.66 -25.10 -21.33
C LEU D 305 0.65 -24.48 -22.25
N GLN D 306 0.75 -23.17 -22.43
CA GLN D 306 -0.17 -22.44 -23.28
C GLN D 306 -0.30 -23.10 -24.65
N ALA D 307 0.82 -23.53 -25.18
CA ALA D 307 0.82 -24.25 -26.44
C ALA D 307 -0.08 -25.47 -26.34
N LYS D 308 0.19 -26.30 -25.35
CA LYS D 308 -0.59 -27.53 -25.11
C LYS D 308 -2.07 -27.24 -24.95
N TRP D 309 -2.36 -26.08 -24.39
CA TRP D 309 -3.73 -25.66 -24.19
C TRP D 309 -4.41 -25.40 -25.51
N ASP D 310 -3.81 -24.47 -26.26
CA ASP D 310 -4.25 -24.11 -27.62
C ASP D 310 -4.53 -25.38 -28.39
N ARG D 311 -3.56 -26.27 -28.31
CA ARG D 311 -3.64 -27.62 -28.81
C ARG D 311 -4.90 -28.36 -28.30
N LEU D 312 -5.19 -28.23 -27.01
CA LEU D 312 -6.17 -29.10 -26.34
C LEU D 312 -7.63 -28.64 -26.26
N ILE D 313 -7.95 -27.39 -26.63
CA ILE D 313 -9.29 -26.86 -26.29
C ILE D 313 -10.49 -27.64 -26.80
N PRO D 314 -10.56 -27.90 -28.12
CA PRO D 314 -11.84 -28.39 -28.65
C PRO D 314 -12.38 -29.61 -27.91
N ARG D 315 -11.48 -30.50 -27.51
CA ARG D 315 -11.89 -31.65 -26.71
C ARG D 315 -12.48 -31.19 -25.38
N PHE D 316 -11.85 -30.18 -24.78
CA PHE D 316 -12.31 -29.62 -23.51
C PHE D 316 -13.70 -29.08 -23.62
N CYS D 317 -13.89 -28.14 -24.52
CA CYS D 317 -15.20 -27.52 -24.66
C CYS D 317 -16.25 -28.56 -25.05
N PHE D 318 -15.86 -29.55 -25.86
CA PHE D 318 -16.76 -30.66 -26.13
C PHE D 318 -17.20 -31.33 -24.85
N ASN D 319 -16.23 -31.72 -24.03
CA ASN D 319 -16.55 -32.47 -22.81
C ASN D 319 -17.52 -31.67 -21.99
N PHE D 320 -17.21 -30.39 -21.85
CA PHE D 320 -18.09 -29.45 -21.22
C PHE D 320 -19.52 -29.55 -21.72
N LEU D 321 -19.64 -29.47 -23.03
CA LEU D 321 -20.93 -29.46 -23.68
C LEU D 321 -21.70 -30.71 -23.33
N CYS D 322 -21.01 -31.84 -23.39
CA CYS D 322 -21.62 -33.11 -23.03
C CYS D 322 -22.21 -33.01 -21.64
N TYR D 323 -21.39 -32.54 -20.72
CA TYR D 323 -21.80 -32.44 -19.33
C TYR D 323 -23.09 -31.65 -19.21
N LEU D 324 -23.09 -30.54 -19.93
CA LEU D 324 -24.19 -29.61 -19.91
C LEU D 324 -25.46 -30.31 -20.34
N VAL D 325 -25.36 -30.97 -21.48
CA VAL D 325 -26.45 -31.76 -22.00
C VAL D 325 -27.00 -32.69 -20.93
N TYR D 326 -26.09 -33.38 -20.29
CA TYR D 326 -26.46 -34.33 -19.29
C TYR D 326 -27.30 -33.67 -18.25
N MET D 327 -26.86 -32.50 -17.79
CA MET D 327 -27.63 -31.75 -16.80
C MET D 327 -29.01 -31.45 -17.25
N LEU D 328 -29.13 -30.93 -18.47
CA LEU D 328 -30.43 -30.64 -19.04
C LEU D 328 -31.37 -31.81 -18.87
N ILE D 329 -30.85 -32.97 -19.26
CA ILE D 329 -31.59 -34.20 -19.18
C ILE D 329 -32.01 -34.49 -17.77
N PHE D 330 -31.06 -34.37 -16.87
CA PHE D 330 -31.27 -34.68 -15.47
C PHE D 330 -32.44 -33.86 -14.96
N THR D 331 -32.35 -32.57 -15.27
CA THR D 331 -33.33 -31.58 -14.88
C THR D 331 -34.71 -31.96 -15.33
N ALA D 332 -34.85 -32.17 -16.63
CA ALA D 332 -36.14 -32.52 -17.21
C ALA D 332 -36.70 -33.77 -16.55
N VAL D 333 -35.85 -34.79 -16.46
CA VAL D 333 -36.18 -36.05 -15.80
C VAL D 333 -36.77 -35.83 -14.44
N ALA D 334 -36.26 -34.84 -13.74
CA ALA D 334 -36.75 -34.48 -12.43
C ALA D 334 -38.10 -33.74 -12.50
N TYR D 335 -38.08 -32.61 -13.18
CA TYR D 335 -39.24 -31.72 -13.27
C TYR D 335 -40.49 -32.40 -13.83
N HIS D 336 -40.40 -32.93 -15.04
CA HIS D 336 -41.53 -33.65 -15.64
C HIS D 336 -41.85 -34.96 -14.95
N GLN D 337 -40.98 -35.43 -14.04
CA GLN D 337 -41.31 -36.59 -13.23
C GLN D 337 -42.54 -36.31 -12.38
N PRO D 338 -43.60 -37.11 -12.58
CA PRO D 338 -44.82 -36.95 -11.79
C PRO D 338 -44.68 -37.47 -10.34
N ALA D 339 -45.81 -37.50 -9.62
CA ALA D 339 -45.91 -38.09 -8.28
C ALA D 339 -45.76 -39.62 -8.24
N LEU D 340 -45.64 -40.27 -9.40
CA LEU D 340 -45.28 -41.70 -9.47
C LEU D 340 -43.82 -41.92 -8.98
N ALA D 352 -42.32 -39.38 -26.17
CA ALA D 352 -42.38 -39.02 -24.76
C ALA D 352 -42.97 -40.18 -23.90
N GLY D 353 -43.90 -39.88 -22.99
CA GLY D 353 -44.64 -40.90 -22.28
C GLY D 353 -43.80 -41.71 -21.33
N ASN D 354 -44.41 -42.80 -20.83
CA ASN D 354 -43.74 -43.72 -19.91
C ASN D 354 -42.45 -44.31 -20.54
N SER D 355 -42.47 -44.45 -21.86
CA SER D 355 -41.30 -44.90 -22.62
C SER D 355 -40.12 -43.97 -22.39
N MET D 356 -40.29 -42.70 -22.77
CA MET D 356 -39.23 -41.72 -22.62
C MET D 356 -38.94 -41.44 -21.15
N LEU D 357 -39.88 -41.77 -20.27
CA LEU D 357 -39.68 -41.69 -18.83
C LEU D 357 -38.61 -42.68 -18.39
N LEU D 358 -38.86 -43.94 -18.73
CA LEU D 358 -37.89 -45.02 -18.47
C LEU D 358 -36.56 -44.66 -19.13
N LEU D 359 -36.63 -44.10 -20.34
CA LEU D 359 -35.44 -43.59 -21.03
C LEU D 359 -34.69 -42.59 -20.19
N GLY D 360 -35.44 -41.67 -19.57
CA GLY D 360 -34.85 -40.65 -18.74
C GLY D 360 -34.05 -41.31 -17.65
N HIS D 361 -34.74 -42.11 -16.86
CA HIS D 361 -34.12 -42.76 -15.71
C HIS D 361 -32.88 -43.55 -16.11
N ILE D 362 -33.00 -44.30 -17.19
CA ILE D 362 -31.90 -45.12 -17.65
C ILE D 362 -30.73 -44.26 -18.05
N LEU D 363 -31.00 -43.25 -18.86
CA LEU D 363 -29.96 -42.32 -19.28
C LEU D 363 -29.21 -41.73 -18.09
N ILE D 364 -29.96 -41.32 -17.08
CA ILE D 364 -29.38 -40.88 -15.83
C ILE D 364 -28.43 -41.92 -15.31
N LEU D 365 -28.92 -43.15 -15.21
CA LEU D 365 -28.13 -44.23 -14.67
C LEU D 365 -26.83 -44.43 -15.43
N LEU D 366 -26.91 -44.30 -16.74
CA LEU D 366 -25.73 -44.40 -17.61
C LEU D 366 -24.71 -43.30 -17.35
N GLY D 367 -25.18 -42.05 -17.31
CA GLY D 367 -24.31 -40.93 -16.96
C GLY D 367 -23.66 -41.18 -15.63
N GLY D 368 -24.50 -41.56 -14.66
CA GLY D 368 -24.07 -41.78 -13.29
C GLY D 368 -22.96 -42.79 -13.20
N VAL D 369 -23.17 -43.95 -13.80
CA VAL D 369 -22.15 -44.99 -13.78
C VAL D 369 -20.88 -44.53 -14.45
N TYR D 370 -21.04 -43.81 -15.55
CA TYR D 370 -19.91 -43.33 -16.31
C TYR D 370 -19.02 -42.51 -15.41
N LEU D 371 -19.60 -41.47 -14.84
CA LEU D 371 -18.85 -40.53 -14.03
C LEU D 371 -18.23 -41.24 -12.87
N LEU D 372 -19.04 -42.02 -12.16
CA LEU D 372 -18.54 -42.59 -10.92
C LEU D 372 -17.37 -43.48 -11.22
N LEU D 373 -17.41 -44.14 -12.37
CA LEU D 373 -16.27 -44.91 -12.85
C LEU D 373 -15.06 -44.01 -13.06
N GLY D 374 -15.27 -42.97 -13.86
CA GLY D 374 -14.25 -42.01 -14.23
C GLY D 374 -13.47 -41.47 -13.06
N GLN D 375 -14.22 -40.78 -12.20
CA GLN D 375 -13.65 -40.19 -11.00
C GLN D 375 -13.05 -41.27 -10.14
N LEU D 376 -13.68 -42.44 -10.10
CA LEU D 376 -13.14 -43.52 -9.29
C LEU D 376 -11.69 -43.82 -9.68
N TRP D 377 -11.52 -44.26 -10.93
CA TRP D 377 -10.17 -44.67 -11.34
C TRP D 377 -9.26 -43.47 -11.36
N TYR D 378 -9.83 -42.26 -11.41
CA TYR D 378 -9.04 -41.05 -11.17
C TYR D 378 -8.34 -41.13 -9.81
N PHE D 379 -9.11 -41.41 -8.77
CA PHE D 379 -8.50 -41.60 -7.45
C PHE D 379 -7.49 -42.74 -7.45
N TRP D 380 -7.85 -43.83 -8.12
CA TRP D 380 -6.97 -45.00 -8.27
C TRP D 380 -5.64 -44.62 -8.82
N ARG D 381 -5.69 -43.78 -9.85
CA ARG D 381 -4.53 -43.25 -10.53
C ARG D 381 -3.75 -42.39 -9.56
N ARG D 382 -4.44 -41.80 -8.60
CA ARG D 382 -3.79 -41.13 -7.51
C ARG D 382 -3.37 -42.08 -6.44
N ARG D 383 -3.57 -43.39 -6.64
CA ARG D 383 -3.08 -44.41 -5.72
C ARG D 383 -3.69 -44.17 -4.36
N LEU D 384 -4.82 -43.48 -4.32
CA LEU D 384 -5.29 -42.85 -3.09
C LEU D 384 -4.21 -41.97 -2.43
N PHE D 385 -3.57 -41.14 -3.27
CA PHE D 385 -2.60 -40.17 -2.80
C PHE D 385 -3.30 -39.25 -1.80
N ILE D 386 -2.65 -39.01 -0.66
CA ILE D 386 -3.20 -38.09 0.35
C ILE D 386 -3.43 -36.73 -0.29
N TRP D 387 -4.69 -36.30 -0.43
CA TRP D 387 -4.99 -35.06 -1.13
C TRP D 387 -4.93 -33.89 -0.14
N ILE D 388 -3.80 -33.20 -0.16
CA ILE D 388 -3.67 -31.85 0.35
C ILE D 388 -4.03 -30.90 -0.78
N SER D 389 -4.35 -31.50 -1.94
CA SER D 389 -4.74 -30.77 -3.12
C SER D 389 -6.18 -30.32 -3.04
N PHE D 390 -6.87 -30.62 -1.94
CA PHE D 390 -8.26 -30.26 -1.73
C PHE D 390 -8.57 -28.88 -2.26
N MET D 391 -7.70 -27.94 -1.96
CA MET D 391 -7.84 -26.58 -2.44
C MET D 391 -8.00 -26.52 -3.96
N ASP D 392 -7.18 -27.28 -4.66
CA ASP D 392 -7.31 -27.40 -6.12
C ASP D 392 -8.36 -28.43 -6.54
N SER D 393 -8.49 -29.50 -5.76
CA SER D 393 -9.18 -30.71 -6.22
C SER D 393 -10.66 -30.85 -5.86
N TYR D 394 -11.24 -29.87 -5.16
CA TYR D 394 -12.57 -30.05 -4.62
C TYR D 394 -13.60 -30.47 -5.63
N PHE D 395 -13.47 -29.93 -6.84
CA PHE D 395 -14.33 -30.34 -7.94
C PHE D 395 -14.37 -31.83 -8.17
N GLU D 396 -13.20 -32.47 -8.23
CA GLU D 396 -13.10 -33.94 -8.34
C GLU D 396 -14.04 -34.63 -7.38
N ILE D 397 -13.91 -34.25 -6.11
CA ILE D 397 -14.75 -34.81 -5.07
C ILE D 397 -16.23 -34.60 -5.38
N LEU D 398 -16.56 -33.35 -5.64
CA LEU D 398 -17.92 -33.01 -5.93
C LEU D 398 -18.51 -33.87 -7.03
N PHE D 399 -17.72 -34.10 -8.07
CA PHE D 399 -18.18 -34.98 -9.12
C PHE D 399 -18.52 -36.30 -8.51
N LEU D 400 -17.55 -36.87 -7.82
CA LEU D 400 -17.67 -38.22 -7.31
C LEU D 400 -18.95 -38.38 -6.53
N LEU D 401 -19.11 -37.47 -5.58
CA LEU D 401 -20.21 -37.47 -4.65
C LEU D 401 -21.53 -37.34 -5.39
N GLN D 402 -21.57 -36.40 -6.30
CA GLN D 402 -22.73 -36.28 -7.18
C GLN D 402 -23.10 -37.59 -7.82
N ALA D 403 -22.11 -38.18 -8.49
CA ALA D 403 -22.32 -39.35 -9.29
C ALA D 403 -22.95 -40.44 -8.44
N LEU D 404 -22.29 -40.72 -7.33
CA LEU D 404 -22.73 -41.81 -6.48
C LEU D 404 -24.16 -41.56 -6.00
N LEU D 405 -24.49 -40.30 -5.76
CA LEU D 405 -25.84 -39.97 -5.36
C LEU D 405 -26.83 -40.21 -6.46
N THR D 406 -26.40 -39.95 -7.68
CA THR D 406 -27.28 -40.12 -8.80
C THR D 406 -27.70 -41.59 -8.93
N VAL D 407 -26.70 -42.43 -9.07
CA VAL D 407 -26.92 -43.86 -9.25
C VAL D 407 -27.63 -44.45 -8.07
N LEU D 408 -27.31 -43.97 -6.88
CA LEU D 408 -28.00 -44.41 -5.70
C LEU D 408 -29.48 -44.07 -5.80
N SER D 409 -29.77 -42.86 -6.26
CA SER D 409 -31.14 -42.43 -6.49
C SER D 409 -31.93 -43.39 -7.34
N GLN D 410 -31.34 -43.75 -8.46
CA GLN D 410 -32.02 -44.67 -9.36
C GLN D 410 -32.13 -46.07 -8.80
N VAL D 411 -31.16 -46.45 -7.98
CA VAL D 411 -31.22 -47.72 -7.28
C VAL D 411 -32.50 -47.76 -6.48
N LEU D 412 -32.67 -46.76 -5.63
CA LEU D 412 -33.84 -46.70 -4.79
C LEU D 412 -35.12 -46.36 -5.63
N CYS D 413 -34.96 -45.95 -6.90
CA CYS D 413 -36.10 -45.83 -7.82
C CYS D 413 -36.63 -47.19 -8.22
N PHE D 414 -35.73 -48.06 -8.66
CA PHE D 414 -36.09 -49.42 -9.10
C PHE D 414 -36.57 -50.21 -7.90
N LEU D 415 -35.77 -50.16 -6.83
CA LEU D 415 -36.13 -50.77 -5.55
C LEU D 415 -37.38 -50.13 -4.95
N ALA D 416 -37.71 -48.92 -5.43
CA ALA D 416 -38.90 -48.19 -5.06
C ALA D 416 -38.86 -47.85 -3.56
N ILE D 417 -37.69 -47.40 -3.08
CA ILE D 417 -37.54 -46.96 -1.70
C ILE D 417 -38.29 -45.64 -1.48
N GLU D 418 -38.64 -45.40 -0.22
CA GLU D 418 -39.42 -44.22 0.21
C GLU D 418 -38.78 -42.93 -0.28
N TRP D 419 -37.59 -42.66 0.27
CA TRP D 419 -36.86 -41.44 0.00
C TRP D 419 -35.99 -41.68 -1.21
N TYR D 420 -36.37 -41.18 -2.36
CA TYR D 420 -35.46 -41.23 -3.49
C TYR D 420 -35.27 -39.85 -4.07
N LEU D 421 -36.38 -39.20 -4.42
CA LEU D 421 -36.37 -37.90 -5.04
C LEU D 421 -35.63 -36.88 -4.20
N PRO D 422 -35.67 -36.96 -2.85
CA PRO D 422 -34.80 -36.04 -2.14
C PRO D 422 -33.33 -36.22 -2.50
N LEU D 423 -32.87 -37.47 -2.52
CA LEU D 423 -31.47 -37.74 -2.86
C LEU D 423 -31.23 -37.32 -4.29
N LEU D 424 -32.21 -37.59 -5.15
CA LEU D 424 -32.12 -37.25 -6.53
C LEU D 424 -31.86 -35.79 -6.69
N VAL D 425 -32.79 -34.99 -6.21
CA VAL D 425 -32.71 -33.54 -6.41
C VAL D 425 -31.52 -32.96 -5.72
N SER D 426 -31.07 -33.59 -4.64
CA SER D 426 -29.82 -33.17 -4.05
C SER D 426 -28.72 -33.31 -5.09
N SER D 427 -28.66 -34.47 -5.70
CA SER D 427 -27.73 -34.69 -6.78
C SER D 427 -27.91 -33.71 -7.91
N LEU D 428 -29.14 -33.30 -8.17
CA LEU D 428 -29.37 -32.29 -9.16
C LEU D 428 -28.71 -30.96 -8.80
N VAL D 429 -29.17 -30.38 -7.69
CA VAL D 429 -28.77 -29.06 -7.23
C VAL D 429 -27.24 -29.01 -7.21
N LEU D 430 -26.67 -29.98 -6.50
CA LEU D 430 -25.23 -30.21 -6.49
C LEU D 430 -24.66 -30.30 -7.89
N GLY D 431 -25.32 -31.04 -8.76
CA GLY D 431 -24.88 -31.19 -10.10
C GLY D 431 -24.63 -29.90 -10.82
N TRP D 432 -25.61 -29.03 -10.76
CA TRP D 432 -25.43 -27.74 -11.37
C TRP D 432 -24.31 -26.99 -10.70
N LEU D 433 -24.37 -26.96 -9.37
CA LEU D 433 -23.37 -26.26 -8.58
C LEU D 433 -21.98 -26.74 -8.95
N ASN D 434 -21.87 -28.03 -9.31
CA ASN D 434 -20.64 -28.64 -9.80
C ASN D 434 -20.20 -28.03 -11.12
N LEU D 435 -21.15 -27.75 -12.00
CA LEU D 435 -20.85 -27.22 -13.33
C LEU D 435 -19.80 -26.17 -13.43
N LEU D 436 -19.88 -25.17 -12.56
CA LEU D 436 -19.07 -23.99 -12.74
C LEU D 436 -17.56 -24.29 -12.73
N TYR D 437 -17.18 -25.51 -12.39
CA TYR D 437 -15.87 -26.04 -12.76
C TYR D 437 -15.34 -25.63 -14.11
N TYR D 438 -16.18 -25.76 -15.13
CA TYR D 438 -15.73 -25.48 -16.48
C TYR D 438 -15.55 -23.99 -16.72
N THR D 439 -15.77 -23.13 -15.73
CA THR D 439 -15.26 -21.78 -15.84
C THR D 439 -13.75 -21.73 -15.88
N ARG D 440 -13.11 -22.79 -15.36
CA ARG D 440 -11.66 -22.83 -15.17
C ARG D 440 -10.95 -22.33 -16.42
N GLY D 441 -11.49 -22.71 -17.58
CA GLY D 441 -10.90 -22.41 -18.84
C GLY D 441 -11.29 -21.11 -19.48
N PHE D 442 -12.54 -20.73 -19.35
CA PHE D 442 -13.06 -19.71 -20.26
C PHE D 442 -12.57 -18.31 -19.91
N GLN D 443 -12.66 -17.92 -18.65
CA GLN D 443 -12.46 -16.50 -18.32
C GLN D 443 -11.40 -16.27 -17.29
N HIS D 444 -10.88 -15.06 -17.32
CA HIS D 444 -9.63 -14.74 -16.68
C HIS D 444 -9.87 -14.15 -15.27
N THR D 445 -11.12 -13.74 -15.01
CA THR D 445 -11.51 -13.28 -13.68
C THR D 445 -11.83 -14.50 -12.79
N GLY D 446 -11.96 -15.67 -13.44
CA GLY D 446 -11.93 -16.95 -12.76
C GLY D 446 -10.82 -17.05 -11.73
N ILE D 447 -9.68 -16.43 -12.05
CA ILE D 447 -8.54 -16.25 -11.14
C ILE D 447 -8.94 -15.74 -9.77
N TYR D 448 -9.50 -14.53 -9.75
CA TYR D 448 -9.91 -13.90 -8.50
C TYR D 448 -11.02 -14.68 -7.85
N SER D 449 -11.95 -15.21 -8.66
CA SER D 449 -13.00 -16.08 -8.14
C SER D 449 -12.44 -17.26 -7.33
N VAL D 450 -11.35 -17.84 -7.82
CA VAL D 450 -10.69 -18.93 -7.14
C VAL D 450 -9.88 -18.50 -5.93
N MET D 451 -8.94 -17.57 -6.09
CA MET D 451 -8.13 -17.10 -4.94
C MET D 451 -9.06 -16.77 -3.76
N ILE D 452 -10.10 -16.01 -4.11
CA ILE D 452 -11.19 -15.75 -3.21
C ILE D 452 -11.64 -17.09 -2.68
N GLN D 453 -12.15 -17.95 -3.56
CA GLN D 453 -12.72 -19.25 -3.15
C GLN D 453 -11.89 -19.93 -2.05
N LYS D 454 -10.57 -19.94 -2.22
CA LYS D 454 -9.61 -20.47 -1.24
C LYS D 454 -9.66 -19.83 0.13
N VAL D 455 -9.33 -18.56 0.18
CA VAL D 455 -9.15 -17.91 1.46
C VAL D 455 -10.49 -17.73 2.14
N ILE D 456 -11.45 -17.33 1.32
CA ILE D 456 -12.79 -17.06 1.74
C ILE D 456 -13.42 -18.28 2.33
N LEU D 457 -13.22 -19.44 1.73
CA LEU D 457 -13.83 -20.62 2.31
C LEU D 457 -13.21 -20.98 3.63
N ARG D 458 -11.90 -20.85 3.72
CA ARG D 458 -11.21 -21.13 4.97
C ARG D 458 -11.78 -20.29 6.11
N ASP D 459 -11.70 -18.98 5.92
CA ASP D 459 -12.18 -18.01 6.89
C ASP D 459 -13.65 -18.20 7.19
N LEU D 460 -14.45 -18.48 6.17
CA LEU D 460 -15.86 -18.64 6.41
C LEU D 460 -16.15 -19.86 7.26
N LEU D 461 -15.39 -20.93 7.10
CA LEU D 461 -15.62 -22.09 7.93
C LEU D 461 -15.36 -21.73 9.39
N ARG D 462 -14.14 -21.25 9.64
CA ARG D 462 -13.74 -20.85 10.98
C ARG D 462 -14.83 -20.01 11.61
N PHE D 463 -15.38 -19.09 10.84
CA PHE D 463 -16.45 -18.25 11.29
C PHE D 463 -17.69 -19.06 11.64
N LEU D 464 -18.08 -19.93 10.73
CA LEU D 464 -19.40 -20.52 10.79
C LEU D 464 -19.56 -21.35 12.02
N LEU D 465 -18.46 -21.97 12.44
CA LEU D 465 -18.52 -22.76 13.64
C LEU D 465 -18.94 -21.92 14.82
N VAL D 466 -18.26 -20.79 15.02
CA VAL D 466 -18.51 -19.98 16.20
C VAL D 466 -19.90 -19.43 16.17
N TYR D 467 -20.28 -18.95 15.01
CA TYR D 467 -21.63 -18.42 14.85
C TYR D 467 -22.62 -19.42 15.36
N LEU D 468 -22.49 -20.62 14.79
CA LEU D 468 -23.35 -21.71 15.10
C LEU D 468 -23.41 -21.88 16.60
N VAL D 469 -22.24 -22.02 17.23
CA VAL D 469 -22.21 -22.40 18.62
C VAL D 469 -22.92 -21.45 19.52
N PHE D 470 -22.64 -20.18 19.39
CA PHE D 470 -23.27 -19.31 20.36
C PHE D 470 -24.73 -19.08 20.03
N LEU D 471 -25.10 -19.20 18.76
CA LEU D 471 -26.50 -19.09 18.45
C LEU D 471 -27.20 -20.20 19.16
N PHE D 472 -26.58 -21.38 19.14
CA PHE D 472 -27.12 -22.52 19.86
C PHE D 472 -27.33 -22.18 21.33
N GLY D 473 -26.33 -21.56 21.94
CA GLY D 473 -26.47 -21.09 23.31
C GLY D 473 -27.74 -20.27 23.54
N PHE D 474 -27.89 -19.26 22.70
CA PHE D 474 -29.06 -18.41 22.76
C PHE D 474 -30.33 -19.16 22.50
N ALA D 475 -30.24 -20.21 21.71
CA ALA D 475 -31.40 -21.03 21.42
C ALA D 475 -31.94 -21.64 22.70
N VAL D 476 -31.07 -22.32 23.41
CA VAL D 476 -31.50 -22.95 24.63
C VAL D 476 -31.96 -21.93 25.65
N ALA D 477 -31.37 -20.75 25.60
CA ALA D 477 -31.81 -19.70 26.49
C ALA D 477 -33.25 -19.36 26.26
N LEU D 478 -33.57 -19.05 25.02
CA LEU D 478 -34.91 -18.61 24.68
C LEU D 478 -35.93 -19.70 24.91
N VAL D 479 -35.55 -20.91 24.53
CA VAL D 479 -36.48 -22.01 24.72
C VAL D 479 -36.79 -22.20 26.18
N SER D 480 -35.76 -22.08 26.99
CA SER D 480 -35.92 -22.30 28.40
C SER D 480 -36.85 -21.28 28.98
N LEU D 481 -36.67 -20.03 28.61
CA LEU D 481 -37.53 -18.99 29.17
C LEU D 481 -38.93 -19.06 28.65
N SER D 482 -39.07 -19.60 27.45
CA SER D 482 -40.37 -19.82 26.87
C SER D 482 -41.05 -21.06 27.43
N ARG D 483 -40.31 -21.92 28.13
CA ARG D 483 -40.81 -23.20 28.57
C ARG D 483 -41.92 -23.08 29.60
N GLU D 484 -42.21 -21.87 30.07
CA GLU D 484 -43.48 -21.64 30.76
C GLU D 484 -44.11 -20.31 30.36
N PRO D 491 -48.41 -17.59 20.74
CA PRO D 491 -48.53 -18.95 21.25
C PRO D 491 -47.21 -19.68 21.46
N PRO D 492 -47.14 -20.96 21.00
CA PRO D 492 -45.95 -21.76 21.20
C PRO D 492 -44.74 -21.21 20.45
N TYR D 493 -43.69 -20.83 21.16
CA TYR D 493 -42.41 -20.41 20.58
C TYR D 493 -41.36 -21.51 20.89
N ARG D 494 -41.89 -22.72 21.10
CA ARG D 494 -41.26 -23.75 21.96
C ARG D 494 -40.16 -24.55 21.28
N SER D 495 -40.44 -25.13 20.13
CA SER D 495 -39.54 -26.16 19.58
C SER D 495 -38.11 -25.61 19.44
N ILE D 496 -37.12 -26.31 20.00
CA ILE D 496 -35.75 -25.82 19.93
C ILE D 496 -35.32 -25.43 18.51
N LEU D 497 -35.51 -26.34 17.57
CA LEU D 497 -35.19 -26.07 16.18
C LEU D 497 -35.89 -24.79 15.75
N ASP D 498 -37.20 -24.77 15.97
CA ASP D 498 -38.03 -23.61 15.65
C ASP D 498 -37.46 -22.35 16.26
N ALA D 499 -37.14 -22.40 17.53
CA ALA D 499 -36.58 -21.26 18.24
C ALA D 499 -35.32 -20.80 17.53
N SER D 500 -34.46 -21.75 17.21
CA SER D 500 -33.25 -21.43 16.49
C SER D 500 -33.51 -20.81 15.14
N LEU D 501 -34.61 -21.16 14.49
CA LEU D 501 -34.94 -20.50 13.25
C LEU D 501 -35.34 -19.09 13.46
N GLU D 502 -36.30 -18.89 14.34
CA GLU D 502 -36.78 -17.55 14.68
C GLU D 502 -35.58 -16.66 15.01
N LEU D 503 -34.54 -17.28 15.55
CA LEU D 503 -33.33 -16.57 15.84
C LEU D 503 -32.42 -16.46 14.63
N PHE D 504 -32.40 -17.44 13.77
CA PHE D 504 -31.55 -17.35 12.56
C PHE D 504 -31.99 -16.31 11.55
N LYS D 505 -33.30 -16.15 11.39
CA LYS D 505 -33.84 -15.22 10.43
C LYS D 505 -33.40 -13.76 10.67
N PHE D 506 -32.72 -13.50 11.78
CA PHE D 506 -32.13 -12.22 12.06
C PHE D 506 -30.86 -11.98 11.34
N THR D 507 -30.25 -13.00 10.79
CA THR D 507 -29.05 -12.79 10.07
C THR D 507 -29.28 -12.58 8.59
N ILE D 508 -30.38 -13.10 8.04
CA ILE D 508 -30.81 -12.68 6.69
C ILE D 508 -31.86 -11.62 6.74
N GLY D 509 -32.14 -11.16 7.94
CA GLY D 509 -32.89 -9.95 8.14
C GLY D 509 -34.35 -10.09 7.83
N MET D 510 -34.89 -11.28 7.99
CA MET D 510 -36.31 -11.39 8.04
C MET D 510 -36.79 -11.48 9.47
N GLY D 511 -35.86 -11.28 10.43
CA GLY D 511 -36.18 -11.59 11.80
C GLY D 511 -37.15 -10.65 12.50
N GLU D 512 -37.53 -11.07 13.71
CA GLU D 512 -38.62 -10.50 14.45
C GLU D 512 -38.39 -9.37 15.45
N LEU D 513 -37.87 -9.70 16.61
CA LEU D 513 -37.54 -8.71 17.67
C LEU D 513 -38.77 -8.12 18.36
N ALA D 514 -39.97 -8.60 17.98
CA ALA D 514 -41.20 -8.17 18.61
C ALA D 514 -41.16 -8.39 20.12
N PHE D 515 -41.72 -7.44 20.85
CA PHE D 515 -41.83 -7.45 22.31
C PHE D 515 -43.29 -7.71 22.66
N GLN D 516 -43.52 -8.60 23.63
CA GLN D 516 -44.87 -8.88 24.11
C GLN D 516 -44.78 -9.17 25.58
N GLU D 517 -45.69 -8.61 26.39
CA GLU D 517 -45.65 -8.86 27.84
C GLU D 517 -46.23 -10.23 28.18
N GLN D 518 -46.76 -10.93 27.15
CA GLN D 518 -47.15 -12.33 27.27
C GLN D 518 -46.24 -13.22 28.13
N LEU D 519 -44.95 -13.19 27.84
CA LEU D 519 -43.99 -14.14 28.43
C LEU D 519 -43.74 -13.90 29.93
N ARG D 520 -43.91 -12.66 30.37
CA ARG D 520 -43.86 -12.27 31.76
C ARG D 520 -42.44 -12.15 32.28
N PHE D 521 -41.46 -12.69 31.56
CA PHE D 521 -40.09 -12.25 31.68
C PHE D 521 -39.70 -11.55 30.40
N ARG D 522 -40.72 -11.08 29.68
CA ARG D 522 -40.56 -10.41 28.41
C ARG D 522 -39.33 -9.54 28.35
N GLY D 523 -39.15 -8.77 29.43
CA GLY D 523 -38.05 -7.85 29.58
C GLY D 523 -36.73 -8.46 29.20
N VAL D 524 -36.44 -9.58 29.85
CA VAL D 524 -35.14 -10.22 29.67
C VAL D 524 -35.10 -10.96 28.38
N VAL D 525 -36.21 -11.54 27.96
CA VAL D 525 -36.18 -12.30 26.74
C VAL D 525 -35.76 -11.43 25.59
N LEU D 526 -36.49 -10.34 25.41
CA LEU D 526 -36.19 -9.47 24.31
C LEU D 526 -34.80 -8.88 24.47
N LEU D 527 -34.46 -8.51 25.72
CA LEU D 527 -33.13 -8.01 26.02
C LEU D 527 -32.06 -8.96 25.51
N LEU D 528 -32.33 -10.22 25.70
CA LEU D 528 -31.40 -11.23 25.36
C LEU D 528 -31.23 -11.30 23.86
N LEU D 529 -32.33 -11.45 23.14
CA LEU D 529 -32.15 -11.62 21.69
C LEU D 529 -31.58 -10.38 21.08
N LEU D 530 -31.81 -9.24 21.72
CA LEU D 530 -31.15 -8.02 21.29
C LEU D 530 -29.63 -8.13 21.40
N ALA D 531 -29.18 -8.67 22.51
CA ALA D 531 -27.78 -9.00 22.67
C ALA D 531 -27.30 -9.87 21.58
N TYR D 532 -28.11 -10.86 21.25
CA TYR D 532 -27.83 -11.68 20.08
C TYR D 532 -27.52 -10.91 18.83
N VAL D 533 -28.45 -10.05 18.47
CA VAL D 533 -28.33 -9.23 17.28
C VAL D 533 -27.01 -8.49 17.25
N LEU D 534 -26.77 -7.73 18.30
CA LEU D 534 -25.55 -6.96 18.43
C LEU D 534 -24.34 -7.86 18.21
N LEU D 535 -24.39 -9.01 18.83
CA LEU D 535 -23.27 -9.89 18.85
C LEU D 535 -22.99 -10.49 17.50
N THR D 536 -23.99 -11.09 16.89
CA THR D 536 -23.78 -11.62 15.54
C THR D 536 -23.33 -10.55 14.55
N TYR D 537 -23.79 -9.33 14.75
CA TYR D 537 -23.34 -8.25 13.92
C TYR D 537 -21.86 -8.07 14.06
N VAL D 538 -21.41 -7.78 15.27
CA VAL D 538 -19.99 -7.57 15.46
C VAL D 538 -19.16 -8.73 14.96
N LEU D 539 -19.73 -9.91 15.01
CA LEU D 539 -19.08 -11.04 14.44
C LEU D 539 -18.89 -10.91 12.93
N LEU D 540 -19.97 -10.69 12.21
CA LEU D 540 -19.86 -10.61 10.76
C LEU D 540 -18.93 -9.53 10.37
N LEU D 541 -19.00 -8.42 11.08
CA LEU D 541 -18.08 -7.32 10.85
C LEU D 541 -16.65 -7.81 10.94
N ASN D 542 -16.32 -8.39 12.07
CA ASN D 542 -15.01 -8.98 12.31
C ASN D 542 -14.56 -9.79 11.10
N MET D 543 -15.41 -10.71 10.64
CA MET D 543 -15.05 -11.61 9.54
C MET D 543 -14.77 -10.82 8.31
N LEU D 544 -15.71 -9.95 7.99
CA LEU D 544 -15.64 -9.17 6.77
C LEU D 544 -14.31 -8.47 6.63
N ILE D 545 -13.98 -7.69 7.64
CA ILE D 545 -12.71 -7.00 7.69
C ILE D 545 -11.57 -8.01 7.61
N ALA D 546 -11.68 -9.12 8.33
CA ALA D 546 -10.57 -10.05 8.43
C ALA D 546 -10.10 -10.47 7.05
N LEU D 547 -11.01 -11.11 6.33
CA LEU D 547 -10.68 -11.56 4.97
C LEU D 547 -10.37 -10.40 4.02
N MET D 548 -11.00 -9.26 4.27
CA MET D 548 -10.68 -8.07 3.53
C MET D 548 -9.18 -7.76 3.64
N SER D 549 -8.68 -7.73 4.88
CA SER D 549 -7.25 -7.54 5.19
C SER D 549 -6.38 -8.55 4.48
N GLU D 550 -6.80 -9.81 4.56
CA GLU D 550 -6.14 -10.91 3.90
C GLU D 550 -5.83 -10.60 2.43
N THR D 551 -6.82 -10.10 1.70
CA THR D 551 -6.56 -9.73 0.32
C THR D 551 -5.99 -8.33 0.13
N VAL D 552 -6.09 -7.48 1.15
CA VAL D 552 -5.42 -6.18 1.13
C VAL D 552 -3.94 -6.40 0.95
N ASN D 553 -3.34 -7.23 1.81
CA ASN D 553 -2.00 -7.76 1.53
C ASN D 553 -2.21 -8.72 0.36
N SER D 554 -1.60 -8.42 -0.77
CA SER D 554 -1.91 -9.16 -2.01
C SER D 554 -0.65 -9.39 -2.80
N VAL D 555 -0.41 -10.63 -3.21
CA VAL D 555 0.69 -10.96 -4.10
C VAL D 555 0.27 -10.81 -5.55
N ALA D 556 -0.96 -10.34 -5.80
CA ALA D 556 -1.41 -9.93 -7.11
C ALA D 556 -1.24 -11.07 -8.14
N THR D 557 -0.39 -10.91 -9.15
CA THR D 557 -0.18 -11.91 -10.19
C THR D 557 0.13 -13.32 -9.67
N ASP D 558 0.46 -13.46 -8.39
CA ASP D 558 0.46 -14.76 -7.73
C ASP D 558 -0.86 -15.48 -7.93
N SER D 559 -1.95 -14.70 -7.84
CA SER D 559 -3.28 -15.19 -8.18
C SER D 559 -3.34 -15.62 -9.63
N TRP D 560 -2.82 -14.76 -10.50
CA TRP D 560 -2.75 -15.07 -11.92
C TRP D 560 -2.13 -16.44 -12.17
N SER D 561 -1.05 -16.68 -11.46
CA SER D 561 -0.34 -17.93 -11.55
C SER D 561 -1.15 -19.07 -10.96
N ILE D 562 -1.84 -18.77 -9.85
CA ILE D 562 -2.72 -19.75 -9.22
C ILE D 562 -3.70 -20.26 -10.26
N TRP D 563 -4.27 -19.33 -11.02
CA TRP D 563 -5.11 -19.71 -12.13
C TRP D 563 -4.37 -20.53 -13.17
N LYS D 564 -3.16 -20.08 -13.50
CA LYS D 564 -2.35 -20.74 -14.51
C LYS D 564 -2.23 -22.22 -14.20
N LEU D 565 -1.80 -22.54 -13.00
CA LEU D 565 -1.61 -23.96 -12.70
C LEU D 565 -2.90 -24.65 -12.56
N GLN D 566 -3.90 -23.94 -12.03
CA GLN D 566 -5.22 -24.51 -11.92
C GLN D 566 -5.59 -25.07 -13.26
N LYS D 567 -5.14 -24.39 -14.31
CA LYS D 567 -5.38 -24.82 -15.69
C LYS D 567 -4.47 -25.95 -16.07
N ALA D 568 -3.24 -25.85 -15.60
CA ALA D 568 -2.23 -26.87 -15.88
C ALA D 568 -2.61 -28.29 -15.44
N ILE D 569 -3.16 -28.39 -14.26
CA ILE D 569 -3.58 -29.69 -13.77
C ILE D 569 -4.55 -30.31 -14.74
N SER D 570 -5.51 -29.50 -15.17
CA SER D 570 -6.49 -29.92 -16.13
C SER D 570 -5.85 -30.43 -17.40
N VAL D 571 -4.91 -29.67 -17.93
CA VAL D 571 -4.29 -30.10 -19.16
C VAL D 571 -3.58 -31.43 -19.03
N LEU D 572 -2.89 -31.63 -17.91
CA LEU D 572 -2.19 -32.88 -17.68
C LEU D 572 -3.13 -34.04 -17.48
N GLU D 573 -4.34 -33.75 -17.06
CA GLU D 573 -5.31 -34.78 -16.93
C GLU D 573 -5.94 -35.15 -18.24
N MET D 574 -6.27 -34.15 -19.05
CA MET D 574 -6.85 -34.42 -20.36
C MET D 574 -5.77 -34.90 -21.33
N GLU D 575 -4.51 -34.85 -20.87
CA GLU D 575 -3.40 -35.48 -21.55
C GLU D 575 -3.72 -36.90 -21.93
N ASN D 576 -4.25 -37.66 -20.99
CA ASN D 576 -4.58 -39.06 -21.32
C ASN D 576 -6.04 -39.47 -21.19
N GLY D 577 -6.73 -39.44 -22.35
CA GLY D 577 -7.94 -40.21 -22.65
C GLY D 577 -9.04 -40.27 -21.61
N TYR D 578 -9.70 -41.42 -21.53
CA TYR D 578 -10.67 -41.73 -20.48
C TYR D 578 -10.43 -43.18 -20.10
N TRP D 579 -9.89 -43.55 -18.95
CA TRP D 579 -9.94 -44.94 -18.50
C TRP D 579 -11.32 -45.28 -17.95
N TRP D 580 -12.27 -44.35 -18.02
CA TRP D 580 -13.68 -44.70 -18.13
C TRP D 580 -13.94 -45.33 -19.50
N CYS D 581 -12.93 -45.27 -20.37
CA CYS D 581 -12.74 -46.12 -21.53
C CYS D 581 -13.70 -45.75 -22.64
N ARG D 582 -14.19 -44.51 -22.64
CA ARG D 582 -14.83 -43.98 -23.82
C ARG D 582 -13.76 -44.03 -24.91
N ARG D 583 -12.58 -43.50 -24.58
CA ARG D 583 -11.33 -43.83 -25.26
C ARG D 583 -10.35 -44.14 -24.13
N LYS D 584 -10.00 -45.42 -23.97
CA LYS D 584 -9.17 -45.88 -22.85
C LYS D 584 -7.72 -45.45 -23.02
N LYS D 585 -7.18 -45.70 -24.20
CA LYS D 585 -5.78 -45.40 -24.52
C LYS D 585 -5.72 -44.08 -25.26
N GLN D 586 -5.07 -43.10 -24.65
CA GLN D 586 -4.65 -41.91 -25.38
C GLN D 586 -3.23 -42.15 -25.79
N ARG D 587 -2.88 -41.68 -26.99
CA ARG D 587 -1.53 -41.85 -27.51
C ARG D 587 -0.51 -41.08 -26.66
N ALA D 588 0.76 -41.47 -26.79
CA ALA D 588 1.86 -40.69 -26.23
C ALA D 588 2.29 -39.64 -27.27
N GLY D 589 1.39 -39.32 -28.23
CA GLY D 589 1.72 -38.61 -29.46
C GLY D 589 2.37 -37.25 -29.28
N VAL D 590 2.24 -36.68 -28.09
CA VAL D 590 3.08 -35.53 -27.74
C VAL D 590 4.57 -35.88 -27.79
N MET D 591 5.33 -34.88 -28.18
CA MET D 591 6.74 -35.07 -28.47
C MET D 591 7.41 -33.72 -28.73
N LEU D 592 8.72 -33.74 -28.94
CA LEU D 592 9.56 -32.60 -29.17
C LEU D 592 10.34 -32.73 -30.49
N THR D 593 10.71 -31.56 -31.06
CA THR D 593 11.52 -31.49 -32.28
C THR D 593 12.83 -32.25 -32.05
N VAL D 594 13.37 -32.86 -33.09
CA VAL D 594 14.70 -33.46 -33.01
C VAL D 594 15.79 -32.39 -32.87
N GLY D 595 16.80 -32.71 -32.06
CA GLY D 595 17.85 -31.75 -31.76
C GLY D 595 18.85 -31.65 -32.91
N THR D 596 19.41 -30.44 -33.04
CA THR D 596 20.34 -30.11 -34.11
C THR D 596 21.81 -30.17 -33.64
N ARG D 597 22.06 -30.68 -32.45
CA ARG D 597 23.32 -30.42 -31.73
C ARG D 597 24.18 -31.70 -31.60
N PRO D 598 25.16 -31.89 -32.52
CA PRO D 598 26.26 -32.86 -32.36
C PRO D 598 27.56 -32.26 -31.79
N ASP D 599 27.52 -31.66 -30.61
CA ASP D 599 28.72 -31.00 -30.08
C ASP D 599 29.71 -32.02 -29.48
N GLY D 600 30.91 -32.08 -30.06
CA GLY D 600 31.97 -32.98 -29.61
C GLY D 600 31.58 -34.45 -29.75
N SER D 601 32.01 -35.25 -28.79
CA SER D 601 31.67 -36.67 -28.74
C SER D 601 30.15 -36.93 -28.58
N PRO D 602 29.43 -36.15 -27.72
CA PRO D 602 27.96 -36.36 -27.81
C PRO D 602 27.41 -35.82 -29.15
N ASP D 603 26.69 -36.66 -29.89
CA ASP D 603 26.30 -36.35 -31.29
C ASP D 603 24.85 -35.83 -31.55
N GLU D 604 23.96 -35.70 -30.55
CA GLU D 604 22.55 -35.28 -30.82
C GLU D 604 21.68 -35.08 -29.57
N ARG D 605 20.57 -34.32 -29.71
CA ARG D 605 19.48 -34.27 -28.71
C ARG D 605 18.09 -34.28 -29.40
N TRP D 606 17.04 -34.04 -28.61
CA TRP D 606 15.64 -34.00 -29.09
C TRP D 606 14.89 -33.00 -28.21
N CYS D 607 14.40 -31.90 -28.79
CA CYS D 607 14.04 -30.72 -28.01
C CYS D 607 12.94 -29.80 -28.55
N PHE D 608 12.80 -28.63 -27.93
CA PHE D 608 11.66 -27.70 -28.12
C PHE D 608 12.13 -26.29 -28.49
N ARG D 609 11.19 -25.48 -29.01
CA ARG D 609 11.48 -24.12 -29.47
C ARG D 609 10.72 -22.99 -28.73
N VAL D 610 11.44 -21.94 -28.34
CA VAL D 610 10.88 -20.71 -27.74
C VAL D 610 11.18 -19.55 -28.69
N GLY D 611 10.90 -18.31 -28.28
CA GLY D 611 11.17 -17.16 -29.16
C GLY D 611 11.50 -15.80 -28.55
N GLU D 612 12.17 -14.98 -29.36
CA GLU D 612 12.33 -13.54 -29.16
C GLU D 612 12.87 -13.07 -27.80
N MET D 613 12.20 -12.09 -27.18
CA MET D 613 12.69 -11.45 -25.96
C MET D 613 14.14 -10.95 -26.05
#